data_6XQ0
#
_entry.id   6XQ0
#
_cell.length_a   160.200
_cell.length_b   55.260
_cell.length_c   168.000
_cell.angle_alpha   90.000
_cell.angle_beta   95.020
_cell.angle_gamma   90.000
#
_symmetry.space_group_name_H-M   'C 1 2 1'
#
loop_
_entity.id
_entity.type
_entity.pdbx_description
1 polymer Hemagglutinin
2 polymer 'antibody S8V2-18 light chain'
3 polymer 'antibody S8V2-18 heavy chain'
4 branched beta-D-mannopyranose-(1-4)-2-acetamido-2-deoxy-beta-D-glucopyranose-(1-4)-[alpha-L-fucopyranose-(1-3)][alpha-L-fucopyranose-(1-6)]2-acetamido-2-deoxy-beta-D-glucopyranose
5 non-polymer GLYCEROL
6 water water
#
loop_
_entity_poly.entity_id
_entity_poly.type
_entity_poly.pdbx_seq_one_letter_code
_entity_poly.pdbx_strand_id
1 'polypeptide(L)'
;ASAPLHLGKCNIAGWILGNPECESLSTASSWSYIVETPSSDNGTCYPGDFIDYEELREQLSSVSSFERFEIFPKTSSWPN
HDSDKGVTAACPHAGAKSFYKNLIWLVKKGNSYPKLSKSYINDKGKEVLVLWGIHHPSTSADQQSLYQNADAYVFVGSSR
YSKTFKPEIAIRPKVRDREGRMNYYWTLVEPGDKITFEATGNLVVPRYAFAMERNAGSGLEVLFQ
;
D,A
2 'polypeptide(L)'
;EIVLTQSPGTLSLSPGERATLSCRASQIIDNKYLAWYQQKPGQAPRLLIYGASNRATGIPDRFSGSGSGTEFTLIISRLE
PEDLAVYYCQQFGSSVYTFGQGTRLEIKRTVAAPSVFIFPPSDEQLKSGTASVVCLLNNFYPREAKVQWKVDNALQSGNS
QESVTEQDSKDSTYSLSSTLTLSKADYEKHKVYACEVTHQGLSSPVTKSFNRGEC
;
C,F
3 'polypeptide(L)'
;EVQLVESGGGLVRPGGSLTLTCAGSGFMFRSYDMHWVRQAAGKGLEWVAGMGKGGETFYAGSVKGRFTISRENARNSLYL
QMHSLRAGDTAVYYCARALTEWLFQRGTRNHYYYGMDVWGQGTTITVSGASTKGPSVFPLAPSSKSTSGGTAALGCLVKD
YFPEPVTVSWNSGALTSGVHTFPAVLQSSGLYSLSSVVTVPSSSLGTQTYICNVNHKPSNTKVDKRVEPKSCDKHHHHHH
;
B,E
#
# COMPACT_ATOMS: atom_id res chain seq x y z
N SER A 2 8.93 36.43 -51.80
CA SER A 2 7.99 35.90 -50.82
C SER A 2 7.60 34.46 -51.16
N ALA A 3 8.53 33.74 -51.76
CA ALA A 3 8.42 32.30 -51.87
C ALA A 3 8.76 31.69 -50.51
N PRO A 4 8.43 30.43 -50.28
CA PRO A 4 8.78 29.81 -48.99
C PRO A 4 10.28 29.62 -48.86
N LEU A 5 10.73 29.51 -47.61
CA LEU A 5 12.10 29.18 -47.27
C LEU A 5 12.17 27.68 -47.03
N HIS A 6 12.80 26.95 -47.95
CA HIS A 6 12.81 25.48 -47.88
C HIS A 6 14.14 25.05 -47.25
N LEU A 7 14.06 24.45 -46.08
CA LEU A 7 15.24 24.03 -45.33
C LEU A 7 15.67 22.61 -45.65
N GLY A 8 14.93 21.91 -46.51
CA GLY A 8 15.33 20.56 -46.88
C GLY A 8 15.15 19.60 -45.72
N LYS A 9 16.18 18.80 -45.47
CA LYS A 9 16.14 17.79 -44.41
C LYS A 9 16.34 18.39 -43.03
N CYS A 10 16.56 19.69 -42.93
CA CYS A 10 16.90 20.34 -41.67
C CYS A 10 15.67 20.99 -41.05
N ASN A 11 15.82 21.39 -39.79
CA ASN A 11 14.85 22.23 -39.12
C ASN A 11 15.47 23.59 -38.81
N ILE A 12 14.64 24.50 -38.31
CA ILE A 12 15.04 25.89 -38.13
C ILE A 12 16.32 25.99 -37.30
N ALA A 13 16.43 25.17 -36.25
CA ALA A 13 17.63 25.21 -35.42
C ALA A 13 18.87 24.85 -36.22
N GLY A 14 18.78 23.84 -37.08
CA GLY A 14 19.93 23.47 -37.88
C GLY A 14 20.35 24.57 -38.84
N TRP A 15 19.38 25.14 -39.55
CA TRP A 15 19.66 26.25 -40.47
C TRP A 15 20.21 27.46 -39.72
N ILE A 16 19.51 27.92 -38.68
CA ILE A 16 19.84 29.21 -38.10
C ILE A 16 21.18 29.15 -37.35
N LEU A 17 21.54 28.00 -36.81
CA LEU A 17 22.85 27.85 -36.18
C LEU A 17 23.96 27.59 -37.21
N GLY A 18 23.61 27.10 -38.39
CA GLY A 18 24.60 26.73 -39.36
C GLY A 18 25.15 25.34 -39.18
N ASN A 19 24.32 24.39 -38.79
CA ASN A 19 24.71 22.98 -38.78
C ASN A 19 25.30 22.61 -40.14
N PRO A 20 26.52 22.05 -40.18
CA PRO A 20 27.17 21.82 -41.49
C PRO A 20 26.38 20.91 -42.41
N GLU A 21 25.41 20.15 -41.88
CA GLU A 21 24.52 19.37 -42.74
C GLU A 21 23.53 20.23 -43.51
N CYS A 22 23.41 21.52 -43.19
CA CYS A 22 22.31 22.34 -43.68
C CYS A 22 22.82 23.41 -44.64
N GLU A 23 22.03 23.69 -45.67
CA GLU A 23 22.29 24.82 -46.56
C GLU A 23 22.19 26.12 -45.79
N SER A 24 23.09 27.06 -46.12
CA SER A 24 23.02 28.38 -45.51
C SER A 24 21.79 29.15 -45.97
N LEU A 25 21.36 28.93 -47.23
CA LEU A 25 20.30 29.72 -47.85
C LEU A 25 20.61 31.22 -47.70
N SER A 26 21.89 31.57 -47.86
CA SER A 26 22.37 32.85 -47.43
C SER A 26 21.83 33.99 -48.27
N THR A 27 21.36 33.72 -49.49
CA THR A 27 20.81 34.78 -50.34
C THR A 27 19.32 35.02 -50.10
N ALA A 28 18.68 34.20 -49.27
CA ALA A 28 17.26 34.36 -48.97
C ALA A 28 17.07 35.60 -48.11
N SER A 29 16.42 36.62 -48.68
CA SER A 29 16.25 37.91 -48.01
C SER A 29 14.81 38.17 -47.57
N SER A 30 13.90 37.22 -47.79
CA SER A 30 12.52 37.30 -47.33
C SER A 30 11.86 35.97 -47.64
N TRP A 31 10.76 35.69 -46.93
CA TRP A 31 9.99 34.48 -47.19
C TRP A 31 8.61 34.61 -46.56
N SER A 32 7.65 33.90 -47.16
CA SER A 32 6.28 33.91 -46.66
C SER A 32 6.10 32.94 -45.49
N TYR A 33 6.74 31.78 -45.56
CA TYR A 33 6.73 30.80 -44.47
C TYR A 33 7.91 29.87 -44.70
N ILE A 34 8.15 29.01 -43.70
CA ILE A 34 9.30 28.12 -43.69
C ILE A 34 8.82 26.69 -43.87
N VAL A 35 9.40 25.99 -44.85
CA VAL A 35 9.14 24.58 -45.09
C VAL A 35 10.25 23.79 -44.43
N GLU A 36 9.88 22.91 -43.49
CA GLU A 36 10.80 22.44 -42.47
C GLU A 36 10.65 20.94 -42.29
N THR A 37 11.70 20.30 -41.77
CA THR A 37 11.63 18.96 -41.21
C THR A 37 11.78 19.10 -39.71
N PRO A 38 10.69 19.30 -38.96
CA PRO A 38 10.83 19.60 -37.52
C PRO A 38 11.57 18.52 -36.77
N SER A 39 11.36 17.25 -37.12
CA SER A 39 11.97 16.13 -36.42
C SER A 39 13.38 15.83 -36.91
N SER A 40 14.04 16.76 -37.58
CA SER A 40 15.38 16.49 -38.08
C SER A 40 16.37 16.33 -36.94
N ASP A 41 17.37 15.49 -37.15
CA ASP A 41 18.52 15.47 -36.27
C ASP A 41 19.52 16.55 -36.59
N ASN A 42 19.34 17.27 -37.69
CA ASN A 42 20.20 18.40 -38.01
C ASN A 42 19.52 19.69 -37.57
N GLY A 43 19.29 19.72 -36.26
CA GLY A 43 19.21 20.92 -35.46
C GLY A 43 20.53 21.14 -34.75
N THR A 44 20.69 20.57 -33.55
CA THR A 44 21.90 20.74 -32.76
C THR A 44 22.68 19.44 -32.74
N CYS A 45 23.93 19.50 -33.18
CA CYS A 45 24.77 18.31 -33.23
C CYS A 45 25.58 18.11 -31.94
N TYR A 46 25.90 19.18 -31.23
CA TYR A 46 26.54 19.01 -29.93
C TYR A 46 25.47 19.13 -28.86
N PRO A 47 25.26 18.11 -28.02
CA PRO A 47 24.01 18.00 -27.27
C PRO A 47 23.85 19.08 -26.21
N GLY A 48 22.61 19.53 -26.06
CA GLY A 48 22.29 20.52 -25.06
C GLY A 48 20.89 21.06 -25.27
N ASP A 49 20.54 22.05 -24.45
CA ASP A 49 19.25 22.71 -24.51
C ASP A 49 19.32 23.86 -25.52
N PHE A 50 18.19 24.16 -26.14
CA PHE A 50 18.06 25.31 -27.02
C PHE A 50 16.98 26.21 -26.40
N ILE A 51 17.41 27.24 -25.68
CA ILE A 51 16.50 28.01 -24.85
C ILE A 51 15.55 28.82 -25.72
N ASP A 52 14.25 28.71 -25.43
CA ASP A 52 13.20 29.49 -26.09
C ASP A 52 13.12 29.18 -27.59
N TYR A 53 13.32 27.91 -27.95
CA TYR A 53 13.32 27.55 -29.37
C TYR A 53 11.99 27.86 -30.03
N GLU A 54 10.88 27.52 -29.36
CA GLU A 54 9.57 27.72 -29.98
C GLU A 54 9.30 29.20 -30.24
N GLU A 55 9.74 30.07 -29.32
CA GLU A 55 9.65 31.50 -29.56
C GLU A 55 10.42 31.91 -30.81
N LEU A 56 11.62 31.36 -31.01
CA LEU A 56 12.41 31.72 -32.18
C LEU A 56 11.74 31.27 -33.47
N ARG A 57 11.07 30.12 -33.45
CA ARG A 57 10.34 29.68 -34.63
C ARG A 57 9.25 30.67 -35.02
N GLU A 58 8.55 31.22 -34.03
CA GLU A 58 7.51 32.20 -34.32
C GLU A 58 8.10 33.52 -34.79
N GLN A 59 9.25 33.92 -34.21
CA GLN A 59 9.94 35.13 -34.65
C GLN A 59 10.31 35.05 -36.12
N LEU A 60 10.73 33.88 -36.59
CA LEU A 60 11.26 33.71 -37.94
C LEU A 60 10.21 33.22 -38.93
N SER A 61 8.94 33.12 -38.51
CA SER A 61 7.93 32.45 -39.32
C SER A 61 7.71 33.14 -40.65
N SER A 62 7.85 34.46 -40.71
CA SER A 62 7.56 35.22 -41.92
C SER A 62 8.30 36.53 -41.83
N VAL A 63 9.26 36.75 -42.73
CA VAL A 63 10.09 37.95 -42.70
C VAL A 63 9.97 38.67 -44.03
N SER A 64 10.03 39.99 -43.98
CA SER A 64 10.01 40.83 -45.16
C SER A 64 11.39 41.36 -45.54
N SER A 65 12.39 41.19 -44.67
CA SER A 65 13.77 41.57 -44.95
C SER A 65 14.66 40.74 -44.05
N PHE A 66 15.75 40.22 -44.60
CA PHE A 66 16.59 39.30 -43.86
C PHE A 66 18.00 39.33 -44.45
N GLU A 67 18.99 39.59 -43.59
CA GLU A 67 20.38 39.77 -44.02
C GLU A 67 21.31 39.12 -42.99
N ARG A 68 21.95 38.03 -43.38
CA ARG A 68 23.06 37.48 -42.62
C ARG A 68 24.29 38.37 -42.80
N PHE A 69 24.97 38.65 -41.70
CA PHE A 69 26.22 39.41 -41.78
C PHE A 69 27.17 38.87 -40.72
N GLU A 70 28.45 39.14 -40.90
CA GLU A 70 29.46 38.56 -40.02
C GLU A 70 29.69 39.55 -38.89
N ILE A 71 28.93 39.36 -37.80
CA ILE A 71 28.97 40.30 -36.69
C ILE A 71 30.37 40.39 -36.08
N PHE A 72 31.02 39.24 -35.89
CA PHE A 72 32.35 39.16 -35.29
C PHE A 72 33.22 38.37 -36.25
N PRO A 73 33.92 39.05 -37.17
CA PRO A 73 34.68 38.33 -38.21
C PRO A 73 35.67 37.31 -37.63
N LYS A 74 35.63 36.10 -38.19
CA LYS A 74 36.35 34.96 -37.64
C LYS A 74 37.85 35.24 -37.52
N THR A 75 38.47 35.71 -38.59
CA THR A 75 39.93 35.73 -38.64
C THR A 75 40.56 36.89 -37.86
N SER A 76 39.76 37.85 -37.36
CA SER A 76 40.34 39.03 -36.73
C SER A 76 39.72 39.44 -35.41
N SER A 77 38.54 38.92 -35.04
CA SER A 77 37.89 39.38 -33.82
C SER A 77 38.54 38.84 -32.55
N TRP A 78 39.35 37.78 -32.64
CA TRP A 78 39.80 37.05 -31.46
C TRP A 78 41.32 36.92 -31.44
N PRO A 79 42.04 38.04 -31.34
CA PRO A 79 43.50 38.00 -31.45
C PRO A 79 44.20 37.37 -30.25
N ASN A 80 43.50 37.16 -29.15
CA ASN A 80 44.10 36.65 -27.91
C ASN A 80 43.52 35.29 -27.53
N HIS A 81 42.83 34.63 -28.46
CA HIS A 81 42.17 33.36 -28.21
C HIS A 81 42.28 32.53 -29.48
N ASP A 82 42.22 31.21 -29.31
CA ASP A 82 42.34 30.30 -30.45
C ASP A 82 40.96 30.06 -31.05
N SER A 83 40.79 30.47 -32.30
CA SER A 83 39.52 30.34 -33.02
C SER A 83 39.59 29.28 -34.11
N ASP A 84 40.57 28.38 -34.05
CA ASP A 84 40.86 27.45 -35.13
C ASP A 84 40.86 25.99 -34.68
N LYS A 85 40.52 25.71 -33.42
CA LYS A 85 40.47 24.35 -32.93
C LYS A 85 39.05 23.87 -32.62
N GLY A 86 38.07 24.78 -32.61
CA GLY A 86 36.73 24.44 -32.18
C GLY A 86 35.93 23.56 -33.13
N VAL A 87 36.40 22.34 -33.36
CA VAL A 87 35.66 21.34 -34.12
C VAL A 87 35.55 20.09 -33.24
N THR A 88 34.62 19.22 -33.61
CA THR A 88 34.26 18.13 -32.71
C THR A 88 33.74 16.93 -33.49
N ALA A 89 33.92 15.75 -32.90
CA ALA A 89 33.35 14.53 -33.46
C ALA A 89 31.83 14.51 -33.36
N ALA A 90 31.25 15.29 -32.44
CA ALA A 90 29.80 15.37 -32.35
C ALA A 90 29.19 16.00 -33.59
N CYS A 91 29.95 16.82 -34.31
CA CYS A 91 29.47 17.55 -35.49
C CYS A 91 30.36 17.17 -36.68
N PRO A 92 30.18 15.98 -37.24
CA PRO A 92 31.02 15.56 -38.37
C PRO A 92 30.43 15.99 -39.70
N HIS A 93 31.32 16.42 -40.60
CA HIS A 93 30.89 16.83 -41.93
C HIS A 93 32.02 16.55 -42.92
N ALA A 94 31.64 16.05 -44.10
CA ALA A 94 32.55 15.78 -45.20
C ALA A 94 33.68 14.84 -44.78
N GLY A 95 33.41 13.95 -43.83
CA GLY A 95 34.39 12.99 -43.34
C GLY A 95 35.32 13.52 -42.27
N ALA A 96 35.11 14.73 -41.78
CA ALA A 96 36.03 15.37 -40.84
C ALA A 96 35.26 15.98 -39.68
N LYS A 97 35.99 16.23 -38.59
CA LYS A 97 35.40 16.93 -37.46
C LYS A 97 35.07 18.37 -37.86
N SER A 98 33.93 18.86 -37.38
CA SER A 98 33.47 20.17 -37.79
C SER A 98 32.65 20.78 -36.65
N PHE A 99 31.91 21.83 -36.97
CA PHE A 99 31.14 22.59 -35.98
C PHE A 99 30.15 23.45 -36.76
N TYR A 100 29.40 24.29 -36.05
CA TYR A 100 28.40 25.12 -36.69
C TYR A 100 29.04 26.21 -37.53
N LYS A 101 28.35 26.63 -38.59
CA LYS A 101 28.86 27.69 -39.46
C LYS A 101 28.81 29.04 -38.77
N ASN A 102 27.77 29.28 -37.97
CA ASN A 102 27.46 30.61 -37.48
C ASN A 102 27.96 30.85 -36.05
N LEU A 103 28.71 29.90 -35.50
CA LEU A 103 29.28 30.04 -34.16
C LEU A 103 30.73 29.58 -34.20
N ILE A 104 31.55 30.12 -33.29
CA ILE A 104 32.93 29.71 -33.15
C ILE A 104 33.17 29.28 -31.72
N TRP A 105 33.64 28.06 -31.54
CA TRP A 105 33.95 27.53 -30.22
C TRP A 105 35.40 27.88 -29.90
N LEU A 106 35.55 28.95 -29.12
CA LEU A 106 36.87 29.48 -28.76
C LEU A 106 37.46 28.68 -27.62
N VAL A 107 38.75 28.36 -27.75
CA VAL A 107 39.53 27.75 -26.68
C VAL A 107 40.76 28.62 -26.46
N LYS A 108 41.55 28.23 -25.45
CA LYS A 108 42.68 29.04 -25.05
C LYS A 108 43.75 29.08 -26.14
N LYS A 109 44.54 30.15 -26.10
CA LYS A 109 45.66 30.39 -27.01
C LYS A 109 46.92 30.11 -26.21
N GLY A 110 47.62 29.04 -26.56
CA GLY A 110 48.73 28.59 -25.72
C GLY A 110 48.23 27.97 -24.43
N ASN A 111 48.58 28.58 -23.29
CA ASN A 111 48.14 28.09 -21.99
C ASN A 111 47.54 29.22 -21.15
N SER A 112 46.93 30.21 -21.80
CA SER A 112 46.31 31.32 -21.11
C SER A 112 45.06 31.73 -21.87
N TYR A 113 43.94 31.80 -21.15
CA TYR A 113 42.66 32.26 -21.69
C TYR A 113 42.38 33.61 -21.05
N PRO A 114 42.88 34.71 -21.61
CA PRO A 114 42.64 36.02 -21.00
C PRO A 114 41.17 36.41 -21.07
N LYS A 115 40.83 37.41 -20.27
CA LYS A 115 39.46 37.91 -20.21
C LYS A 115 39.01 38.44 -21.57
N LEU A 116 38.07 37.74 -22.19
CA LEU A 116 37.44 38.19 -23.41
C LEU A 116 36.43 39.28 -23.10
N SER A 117 36.36 40.29 -23.97
CA SER A 117 35.31 41.30 -23.90
C SER A 117 35.12 41.88 -25.28
N LYS A 118 33.94 41.66 -25.85
CA LYS A 118 33.66 42.02 -27.24
C LYS A 118 32.26 42.63 -27.33
N SER A 119 32.14 43.74 -28.06
CA SER A 119 30.90 44.48 -28.16
C SER A 119 30.49 44.67 -29.61
N TYR A 120 29.19 44.63 -29.85
CA TYR A 120 28.59 44.99 -31.13
C TYR A 120 27.50 46.03 -30.92
N ILE A 121 27.60 47.15 -31.64
CA ILE A 121 26.56 48.17 -31.66
C ILE A 121 25.77 48.02 -32.95
N ASN A 122 24.44 47.91 -32.80
CA ASN A 122 23.52 47.68 -33.91
C ASN A 122 23.37 48.95 -34.72
N ASP A 123 24.04 49.02 -35.86
CA ASP A 123 23.87 50.12 -36.81
C ASP A 123 23.03 49.71 -38.02
N LYS A 124 22.36 48.56 -37.97
CA LYS A 124 21.58 48.05 -39.09
C LYS A 124 20.21 48.69 -39.24
N GLY A 125 19.77 49.49 -38.26
CA GLY A 125 18.44 50.05 -38.33
C GLY A 125 17.34 49.02 -38.30
N LYS A 126 17.68 47.81 -37.85
CA LYS A 126 16.75 46.70 -37.79
C LYS A 126 17.13 45.82 -36.61
N GLU A 127 16.12 45.14 -36.06
CA GLU A 127 16.34 44.12 -35.04
C GLU A 127 17.38 43.11 -35.53
N VAL A 128 18.39 42.84 -34.71
CA VAL A 128 19.47 41.93 -35.07
C VAL A 128 19.35 40.68 -34.22
N LEU A 129 19.22 39.54 -34.90
CA LEU A 129 19.19 38.24 -34.24
C LEU A 129 20.61 37.78 -33.94
N VAL A 130 20.88 37.43 -32.69
CA VAL A 130 22.20 36.98 -32.26
C VAL A 130 22.05 35.66 -31.52
N LEU A 131 22.83 34.66 -31.92
CA LEU A 131 22.84 33.37 -31.25
C LEU A 131 24.24 33.10 -30.71
N TRP A 132 24.31 32.46 -29.55
CA TRP A 132 25.60 32.05 -28.99
C TRP A 132 25.39 30.76 -28.23
N GLY A 133 26.49 30.15 -27.81
CA GLY A 133 26.45 28.93 -27.05
C GLY A 133 27.29 29.01 -25.79
N ILE A 134 26.88 28.24 -24.79
CA ILE A 134 27.63 28.08 -23.54
C ILE A 134 28.02 26.62 -23.42
N HIS A 135 29.30 26.35 -23.23
CA HIS A 135 29.80 24.98 -23.18
C HIS A 135 30.10 24.54 -21.75
N HIS A 136 29.69 23.31 -21.45
CA HIS A 136 29.81 22.74 -20.11
C HIS A 136 30.62 21.45 -20.20
N PRO A 137 31.91 21.48 -19.87
CA PRO A 137 32.72 20.26 -19.94
C PRO A 137 32.18 19.18 -19.01
N SER A 138 32.67 17.96 -19.23
CA SER A 138 32.28 16.82 -18.41
C SER A 138 33.16 16.66 -17.18
N THR A 139 34.39 17.17 -17.21
CA THR A 139 35.35 16.98 -16.15
C THR A 139 36.10 18.28 -15.91
N SER A 140 36.72 18.38 -14.72
CA SER A 140 37.59 19.52 -14.45
C SER A 140 38.83 19.49 -15.33
N ALA A 141 39.26 18.30 -15.76
CA ALA A 141 40.41 18.19 -16.65
C ALA A 141 40.14 18.89 -17.98
N ASP A 142 38.97 18.62 -18.58
CA ASP A 142 38.65 19.26 -19.85
C ASP A 142 38.47 20.76 -19.71
N GLN A 143 37.89 21.20 -18.59
CA GLN A 143 37.73 22.64 -18.33
C GLN A 143 39.07 23.37 -18.42
N GLN A 144 40.13 22.77 -17.89
CA GLN A 144 41.43 23.43 -17.94
C GLN A 144 42.10 23.25 -19.31
N SER A 145 41.94 22.07 -19.93
CA SER A 145 42.48 21.86 -21.26
C SER A 145 41.87 22.83 -22.26
N LEU A 146 40.58 23.09 -22.15
CA LEU A 146 39.91 23.96 -23.10
C LEU A 146 40.08 25.44 -22.75
N TYR A 147 39.99 25.79 -21.47
CA TYR A 147 39.83 27.19 -21.09
C TYR A 147 40.80 27.66 -20.02
N GLN A 148 41.67 26.78 -19.52
CA GLN A 148 42.67 27.10 -18.50
C GLN A 148 42.02 27.49 -17.18
N ASN A 149 41.20 28.54 -17.21
CA ASN A 149 40.62 29.10 -15.98
C ASN A 149 39.61 28.13 -15.39
N ALA A 150 39.81 27.74 -14.12
CA ALA A 150 38.90 26.81 -13.47
C ALA A 150 37.56 27.46 -13.17
N ASP A 151 37.58 28.66 -12.59
CA ASP A 151 36.36 29.40 -12.28
C ASP A 151 36.04 30.40 -13.39
N ALA A 152 35.78 29.87 -14.58
CA ALA A 152 35.38 30.71 -15.68
C ALA A 152 33.94 31.18 -15.50
N TYR A 153 33.61 32.27 -16.19
CA TYR A 153 32.24 32.76 -16.26
C TYR A 153 32.02 33.33 -17.64
N VAL A 154 30.75 33.47 -18.00
CA VAL A 154 30.34 34.15 -19.22
C VAL A 154 29.28 35.18 -18.85
N PHE A 155 29.38 36.38 -19.42
CA PHE A 155 28.37 37.40 -19.26
C PHE A 155 27.89 37.89 -20.61
N VAL A 156 26.58 37.99 -20.79
CA VAL A 156 25.97 38.53 -21.99
C VAL A 156 24.96 39.60 -21.57
N GLY A 157 25.12 40.80 -22.11
CA GLY A 157 24.25 41.90 -21.73
C GLY A 157 23.84 42.79 -22.89
N SER A 158 22.59 43.24 -22.88
CA SER A 158 22.10 44.22 -23.84
C SER A 158 21.02 45.05 -23.15
N SER A 159 20.22 45.75 -23.95
CA SER A 159 19.12 46.53 -23.39
C SER A 159 18.03 45.65 -22.79
N ARG A 160 17.87 44.41 -23.28
CA ARG A 160 16.79 43.49 -22.90
C ARG A 160 17.30 42.22 -22.20
N TYR A 161 18.62 42.02 -22.11
CA TYR A 161 19.13 40.71 -21.72
C TYR A 161 20.31 40.93 -20.81
N SER A 162 20.36 40.20 -19.70
CA SER A 162 21.46 40.33 -18.75
C SER A 162 21.57 39.05 -17.94
N LYS A 163 22.64 38.30 -18.15
CA LYS A 163 22.78 36.98 -17.54
C LYS A 163 24.25 36.62 -17.47
N THR A 164 24.69 36.11 -16.32
CA THR A 164 26.02 35.52 -16.19
C THR A 164 25.88 34.00 -16.15
N PHE A 165 26.74 33.33 -16.89
CA PHE A 165 26.73 31.87 -16.97
C PHE A 165 27.93 31.32 -16.20
N LYS A 166 27.69 30.28 -15.44
CA LYS A 166 28.75 29.50 -14.84
C LYS A 166 28.78 28.11 -15.44
N PRO A 167 29.95 27.55 -15.73
CA PRO A 167 30.00 26.22 -16.34
C PRO A 167 29.58 25.16 -15.34
N GLU A 168 28.65 24.30 -15.77
CA GLU A 168 28.13 23.22 -14.94
C GLU A 168 28.88 21.94 -15.32
N ILE A 169 29.93 21.64 -14.57
CA ILE A 169 30.79 20.51 -14.85
C ILE A 169 30.20 19.27 -14.18
N ALA A 170 30.04 18.20 -14.97
CA ALA A 170 29.39 16.98 -14.54
C ALA A 170 29.45 15.93 -15.66
N ILE A 171 29.60 14.66 -15.31
CA ILE A 171 29.53 13.59 -16.30
C ILE A 171 28.08 13.24 -16.53
N ARG A 172 27.63 13.43 -17.76
CA ARG A 172 26.25 13.22 -18.18
C ARG A 172 26.17 12.02 -19.09
N PRO A 173 25.01 11.37 -19.18
CA PRO A 173 24.87 10.24 -20.11
C PRO A 173 25.23 10.65 -21.53
N LYS A 174 25.87 9.72 -22.25
CA LYS A 174 26.39 10.02 -23.57
C LYS A 174 25.25 10.30 -24.55
N VAL A 175 25.28 11.48 -25.15
CA VAL A 175 24.45 11.84 -26.29
C VAL A 175 25.37 12.22 -27.43
N ARG A 176 25.17 11.59 -28.59
CA ARG A 176 26.10 11.72 -29.72
C ARG A 176 27.53 11.55 -29.23
N ASP A 177 27.72 10.59 -28.32
CA ASP A 177 29.01 10.18 -27.77
C ASP A 177 29.70 11.30 -27.00
N ARG A 178 28.94 12.28 -26.53
CA ARG A 178 29.47 13.37 -25.72
C ARG A 178 28.91 13.29 -24.31
N GLU A 179 29.79 13.51 -23.33
CA GLU A 179 29.40 13.57 -21.92
C GLU A 179 29.25 14.98 -21.39
N GLY A 180 29.80 15.98 -22.08
CA GLY A 180 29.52 17.37 -21.78
C GLY A 180 28.34 17.88 -22.58
N ARG A 181 28.03 19.17 -22.40
CA ARG A 181 26.89 19.77 -23.06
C ARG A 181 27.24 21.17 -23.55
N MET A 182 26.39 21.66 -24.47
CA MET A 182 26.45 23.03 -24.96
C MET A 182 25.02 23.52 -25.08
N ASN A 183 24.72 24.62 -24.41
CA ASN A 183 23.40 25.21 -24.44
C ASN A 183 23.41 26.39 -25.40
N TYR A 184 22.31 26.56 -26.13
CA TYR A 184 22.24 27.54 -27.21
C TYR A 184 21.21 28.61 -26.85
N TYR A 185 21.56 29.87 -27.11
CA TYR A 185 20.75 31.00 -26.70
C TYR A 185 20.62 31.98 -27.86
N TRP A 186 19.47 32.66 -27.92
CA TRP A 186 19.23 33.69 -28.92
C TRP A 186 18.60 34.90 -28.25
N THR A 187 18.81 36.05 -28.88
CA THR A 187 18.21 37.30 -28.43
C THR A 187 18.21 38.28 -29.60
N LEU A 188 17.29 39.24 -29.53
CA LEU A 188 17.23 40.32 -30.50
C LEU A 188 17.89 41.55 -29.90
N VAL A 189 18.74 42.20 -30.68
CA VAL A 189 19.42 43.43 -30.28
C VAL A 189 18.74 44.58 -31.01
N GLU A 190 18.15 45.50 -30.26
CA GLU A 190 17.35 46.56 -30.88
C GLU A 190 18.24 47.58 -31.60
N PRO A 191 17.69 48.25 -32.62
CA PRO A 191 18.43 49.31 -33.31
C PRO A 191 19.07 50.32 -32.37
N GLY A 192 20.40 50.41 -32.43
CA GLY A 192 21.17 51.34 -31.65
C GLY A 192 21.76 50.76 -30.37
N ASP A 193 21.28 49.61 -29.92
CA ASP A 193 21.72 49.05 -28.66
C ASP A 193 23.03 48.28 -28.81
N LYS A 194 23.78 48.23 -27.71
CA LYS A 194 25.04 47.51 -27.64
C LYS A 194 24.82 46.17 -26.93
N ILE A 195 25.37 45.10 -27.50
CA ILE A 195 25.44 43.79 -26.86
C ILE A 195 26.90 43.49 -26.54
N THR A 196 27.16 43.11 -25.30
CA THR A 196 28.51 42.85 -24.82
C THR A 196 28.67 41.38 -24.45
N PHE A 197 29.74 40.76 -24.92
CA PHE A 197 30.15 39.42 -24.51
C PHE A 197 31.41 39.52 -23.67
N GLU A 198 31.33 39.09 -22.42
CA GLU A 198 32.50 38.86 -21.59
C GLU A 198 32.60 37.39 -21.24
N ALA A 199 33.82 36.88 -21.19
CA ALA A 199 34.03 35.48 -20.83
C ALA A 199 35.47 35.26 -20.42
N THR A 200 35.66 34.41 -19.42
CA THR A 200 36.95 33.81 -19.13
C THR A 200 36.96 32.31 -19.43
N GLY A 201 35.99 31.86 -20.22
CA GLY A 201 35.95 30.48 -20.69
C GLY A 201 34.57 30.15 -21.22
N ASN A 202 34.45 28.95 -21.76
CA ASN A 202 33.19 28.26 -21.98
C ASN A 202 32.25 28.94 -22.97
N LEU A 203 32.71 29.97 -23.68
CA LEU A 203 31.85 30.75 -24.56
C LEU A 203 31.97 30.31 -26.01
N VAL A 204 30.83 30.04 -26.64
CA VAL A 204 30.76 29.75 -28.07
C VAL A 204 30.25 31.03 -28.73
N VAL A 205 31.16 31.77 -29.35
CA VAL A 205 30.92 33.13 -29.81
C VAL A 205 30.14 33.16 -31.12
N PRO A 206 29.28 34.16 -31.33
CA PRO A 206 28.73 34.38 -32.68
C PRO A 206 29.82 34.63 -33.71
N ARG A 207 29.63 34.05 -34.90
CA ARG A 207 30.31 34.51 -36.10
C ARG A 207 29.37 35.30 -37.00
N TYR A 208 28.19 34.75 -37.27
CA TYR A 208 27.18 35.40 -38.09
C TYR A 208 25.97 35.76 -37.25
N ALA A 209 25.34 36.89 -37.60
CA ALA A 209 24.09 37.34 -37.03
C ALA A 209 23.14 37.70 -38.17
N PHE A 210 21.92 38.09 -37.82
CA PHE A 210 20.88 38.28 -38.83
C PHE A 210 20.12 39.57 -38.54
N ALA A 211 20.14 40.49 -39.49
CA ALA A 211 19.30 41.69 -39.43
C ALA A 211 17.96 41.38 -40.08
N MET A 212 16.88 41.62 -39.36
CA MET A 212 15.58 41.15 -39.82
C MET A 212 14.48 42.18 -39.57
N GLU A 213 13.62 42.35 -40.58
CA GLU A 213 12.29 42.92 -40.41
C GLU A 213 11.27 41.84 -40.73
N ARG A 214 10.08 41.95 -40.15
CA ARG A 214 9.18 40.81 -40.05
C ARG A 214 7.88 41.05 -40.80
N ASN A 215 7.26 39.97 -41.30
CA ASN A 215 6.12 40.07 -42.20
C ASN A 215 4.88 39.68 -41.43
N ALA A 216 3.96 40.68 -41.20
CA ALA A 216 2.85 40.60 -40.30
C ALA A 216 1.54 41.16 -40.86
N GLY A 217 1.56 42.27 -41.57
CA GLY A 217 0.34 42.84 -42.10
C GLY A 217 -0.19 44.06 -41.36
N SER B 2 14.67 -51.32 17.50
CA SER B 2 13.88 -50.17 17.92
C SER B 2 14.65 -48.88 17.70
N ALA B 3 15.02 -48.63 16.45
CA ALA B 3 15.72 -47.43 16.01
C ALA B 3 14.72 -46.34 15.64
N PRO B 4 15.15 -45.08 15.60
CA PRO B 4 14.20 -43.99 15.30
C PRO B 4 13.60 -44.11 13.91
N LEU B 5 12.38 -43.58 13.77
CA LEU B 5 11.73 -43.44 12.48
C LEU B 5 12.12 -42.08 11.91
N HIS B 6 12.81 -42.08 10.76
CA HIS B 6 13.38 -40.86 10.22
C HIS B 6 12.60 -40.44 8.98
N LEU B 7 11.96 -39.28 9.05
CA LEU B 7 11.09 -38.81 7.97
C LEU B 7 11.77 -37.83 7.03
N GLY B 8 12.99 -37.39 7.35
CA GLY B 8 13.69 -36.47 6.46
C GLY B 8 13.01 -35.12 6.41
N LYS B 9 12.86 -34.58 5.20
CA LYS B 9 12.33 -33.24 4.99
C LYS B 9 10.82 -33.17 5.20
N CYS B 10 10.16 -34.27 5.56
CA CYS B 10 8.72 -34.31 5.74
C CYS B 10 8.37 -34.28 7.23
N ASN B 11 7.07 -34.15 7.50
CA ASN B 11 6.53 -34.32 8.84
C ASN B 11 5.53 -35.47 8.82
N ILE B 12 4.96 -35.78 9.98
CA ILE B 12 4.18 -37.01 10.12
C ILE B 12 2.98 -37.01 9.19
N ALA B 13 2.39 -35.85 8.92
CA ALA B 13 1.22 -35.80 8.04
C ALA B 13 1.61 -36.12 6.61
N GLY B 14 2.74 -35.60 6.12
CA GLY B 14 3.21 -35.95 4.79
C GLY B 14 3.50 -37.43 4.66
N TRP B 15 4.21 -37.99 5.64
CA TRP B 15 4.47 -39.42 5.67
C TRP B 15 3.17 -40.23 5.69
N ILE B 16 2.36 -40.04 6.75
CA ILE B 16 1.27 -40.97 7.00
C ILE B 16 0.22 -40.90 5.90
N LEU B 17 0.04 -39.73 5.28
CA LEU B 17 -0.87 -39.64 4.14
C LEU B 17 -0.23 -40.12 2.85
N GLY B 18 1.10 -40.13 2.79
CA GLY B 18 1.78 -40.55 1.57
C GLY B 18 1.95 -39.43 0.58
N ASN B 19 2.19 -38.21 1.06
CA ASN B 19 2.60 -37.11 0.20
C ASN B 19 3.73 -37.58 -0.72
N PRO B 20 3.57 -37.43 -2.04
CA PRO B 20 4.55 -38.03 -2.97
C PRO B 20 5.95 -37.46 -2.85
N GLU B 21 6.14 -36.40 -2.07
CA GLU B 21 7.46 -35.89 -1.73
C GLU B 21 8.17 -36.71 -0.66
N CYS B 22 7.48 -37.67 -0.04
CA CYS B 22 7.96 -38.30 1.17
C CYS B 22 8.26 -39.78 0.94
N GLU B 23 9.26 -40.28 1.67
CA GLU B 23 9.54 -41.71 1.71
C GLU B 23 8.38 -42.45 2.35
N SER B 24 8.03 -43.61 1.79
CA SER B 24 6.95 -44.41 2.37
C SER B 24 7.38 -45.04 3.69
N LEU B 25 8.67 -45.37 3.83
CA LEU B 25 9.21 -46.05 5.00
C LEU B 25 8.41 -47.32 5.28
N SER B 26 8.08 -48.04 4.21
CA SER B 26 7.13 -49.14 4.29
C SER B 26 7.65 -50.28 5.14
N THR B 27 8.97 -50.44 5.25
CA THR B 27 9.54 -51.54 6.02
C THR B 27 9.68 -51.22 7.50
N ALA B 28 9.42 -49.98 7.90
CA ALA B 28 9.40 -49.66 9.32
C ALA B 28 8.32 -50.46 10.02
N SER B 29 8.73 -51.32 10.96
CA SER B 29 7.79 -52.13 11.72
C SER B 29 7.81 -51.80 13.21
N SER B 30 8.69 -50.92 13.64
CA SER B 30 8.75 -50.46 15.03
C SER B 30 9.71 -49.28 15.08
N TRP B 31 9.53 -48.43 16.09
CA TRP B 31 10.46 -47.33 16.29
C TRP B 31 10.32 -46.80 17.71
N SER B 32 11.45 -46.32 18.25
CA SER B 32 11.46 -45.71 19.57
C SER B 32 10.82 -44.32 19.56
N TYR B 33 11.13 -43.51 18.55
CA TYR B 33 10.55 -42.18 18.41
C TYR B 33 10.71 -41.76 16.95
N ILE B 34 10.09 -40.62 16.61
CA ILE B 34 10.04 -40.13 15.24
C ILE B 34 10.91 -38.90 15.10
N VAL B 35 11.84 -38.94 14.15
CA VAL B 35 12.62 -37.77 13.76
C VAL B 35 11.93 -37.12 12.58
N GLU B 36 11.66 -35.82 12.71
CA GLU B 36 10.66 -35.13 11.92
C GLU B 36 11.14 -33.72 11.63
N THR B 37 10.60 -33.11 10.57
CA THR B 37 10.69 -31.67 10.32
C THR B 37 9.27 -31.12 10.37
N PRO B 38 8.82 -30.66 11.54
CA PRO B 38 7.41 -30.26 11.68
C PRO B 38 6.98 -29.14 10.75
N SER B 39 7.81 -28.12 10.56
CA SER B 39 7.44 -26.96 9.74
C SER B 39 7.47 -27.24 8.25
N SER B 40 7.61 -28.50 7.84
CA SER B 40 7.66 -28.82 6.42
C SER B 40 6.36 -28.47 5.72
N ASP B 41 6.47 -28.13 4.44
CA ASP B 41 5.30 -28.00 3.56
C ASP B 41 4.88 -29.33 2.98
N ASN B 42 5.69 -30.37 3.14
CA ASN B 42 5.28 -31.71 2.72
C ASN B 42 4.64 -32.42 3.90
N GLY B 43 3.65 -31.72 4.45
CA GLY B 43 2.51 -32.33 5.08
C GLY B 43 1.45 -32.48 4.00
N THR B 44 0.38 -31.70 4.08
CA THR B 44 -0.71 -31.79 3.12
C THR B 44 -0.45 -30.90 1.92
N CYS B 45 -0.56 -31.47 0.72
CA CYS B 45 -0.33 -30.73 -0.50
C CYS B 45 -1.59 -30.03 -1.04
N TYR B 46 -2.76 -30.61 -0.84
CA TYR B 46 -3.98 -29.94 -1.27
C TYR B 46 -4.72 -29.40 -0.05
N PRO B 47 -4.92 -28.09 0.03
CA PRO B 47 -5.20 -27.43 1.31
C PRO B 47 -6.50 -27.86 1.97
N GLY B 48 -6.50 -27.74 3.29
CA GLY B 48 -7.63 -28.07 4.11
C GLY B 48 -7.19 -28.23 5.55
N ASP B 49 -8.14 -28.64 6.38
CA ASP B 49 -7.86 -28.91 7.78
C ASP B 49 -7.43 -30.37 7.95
N PHE B 50 -6.62 -30.61 8.98
CA PHE B 50 -6.23 -31.97 9.35
C PHE B 50 -6.67 -32.13 10.81
N ILE B 51 -7.77 -32.85 11.00
CA ILE B 51 -8.50 -32.82 12.26
C ILE B 51 -7.86 -33.77 13.26
N ASP B 52 -7.58 -33.27 14.46
CA ASP B 52 -6.96 -34.03 15.54
C ASP B 52 -5.52 -34.42 15.19
N TYR B 53 -4.81 -33.54 14.49
CA TYR B 53 -3.44 -33.86 14.07
C TYR B 53 -2.52 -34.10 15.25
N GLU B 54 -2.68 -33.32 16.32
CA GLU B 54 -1.75 -33.42 17.43
C GLU B 54 -1.96 -34.71 18.20
N GLU B 55 -3.19 -35.22 18.28
CA GLU B 55 -3.40 -36.53 18.86
C GLU B 55 -2.77 -37.63 18.02
N LEU B 56 -2.91 -37.55 16.69
CA LEU B 56 -2.29 -38.54 15.82
C LEU B 56 -0.78 -38.56 16.00
N ARG B 57 -0.16 -37.39 16.11
CA ARG B 57 1.27 -37.34 16.43
C ARG B 57 1.58 -38.10 17.70
N GLU B 58 0.72 -37.94 18.72
CA GLU B 58 0.95 -38.67 19.97
C GLU B 58 0.70 -40.16 19.80
N GLN B 59 -0.37 -40.53 19.08
CA GLN B 59 -0.64 -41.94 18.80
C GLN B 59 0.56 -42.63 18.18
N LEU B 60 1.18 -41.98 17.20
CA LEU B 60 2.27 -42.56 16.41
C LEU B 60 3.64 -42.35 17.04
N SER B 61 3.70 -41.79 18.25
CA SER B 61 4.98 -41.34 18.81
C SER B 61 5.94 -42.50 19.05
N SER B 62 5.43 -43.63 19.55
CA SER B 62 6.27 -44.81 19.79
C SER B 62 5.42 -46.05 19.57
N VAL B 63 5.79 -46.85 18.57
CA VAL B 63 5.06 -48.05 18.22
C VAL B 63 6.00 -49.24 18.33
N SER B 64 5.45 -50.38 18.77
CA SER B 64 6.20 -51.61 18.86
C SER B 64 5.86 -52.59 17.75
N SER B 65 4.85 -52.28 16.93
CA SER B 65 4.48 -53.10 15.78
C SER B 65 3.66 -52.24 14.84
N PHE B 66 4.00 -52.26 13.56
CA PHE B 66 3.39 -51.33 12.61
C PHE B 66 3.42 -51.98 11.24
N GLU B 67 2.25 -52.11 10.61
CA GLU B 67 2.12 -52.77 9.31
C GLU B 67 1.23 -51.93 8.41
N ARG B 68 1.80 -51.43 7.32
CA ARG B 68 0.97 -50.90 6.24
C ARG B 68 0.42 -52.04 5.41
N PHE B 69 -0.88 -51.97 5.13
CA PHE B 69 -1.56 -52.97 4.32
C PHE B 69 -2.61 -52.25 3.48
N GLU B 70 -2.94 -52.86 2.34
CA GLU B 70 -3.81 -52.22 1.37
C GLU B 70 -5.24 -52.56 1.74
N ILE B 71 -5.85 -51.70 2.57
CA ILE B 71 -7.17 -51.97 3.12
C ILE B 71 -8.20 -52.10 2.01
N PHE B 72 -8.10 -51.25 0.98
CA PHE B 72 -9.04 -51.21 -0.14
C PHE B 72 -8.21 -51.23 -1.41
N PRO B 73 -7.91 -52.42 -1.94
CA PRO B 73 -6.96 -52.52 -3.06
C PRO B 73 -7.39 -51.67 -4.25
N LYS B 74 -6.42 -50.92 -4.80
CA LYS B 74 -6.73 -49.89 -5.80
C LYS B 74 -7.41 -50.47 -7.02
N THR B 75 -6.89 -51.59 -7.54
CA THR B 75 -7.32 -52.05 -8.85
C THR B 75 -8.61 -52.88 -8.82
N SER B 76 -9.19 -53.13 -7.64
CA SER B 76 -10.41 -53.93 -7.59
C SER B 76 -11.47 -53.40 -6.65
N SER B 77 -11.19 -52.41 -5.80
CA SER B 77 -12.19 -51.96 -4.83
C SER B 77 -13.25 -51.07 -5.45
N TRP B 78 -12.97 -50.41 -6.57
CA TRP B 78 -13.81 -49.32 -7.07
C TRP B 78 -14.20 -49.58 -8.52
N PRO B 79 -15.00 -50.61 -8.77
CA PRO B 79 -15.37 -50.92 -10.16
C PRO B 79 -16.32 -49.92 -10.77
N ASN B 80 -17.16 -49.29 -9.95
CA ASN B 80 -18.21 -48.40 -10.44
C ASN B 80 -17.80 -46.94 -10.36
N HIS B 81 -16.52 -46.67 -10.13
CA HIS B 81 -16.01 -45.34 -9.86
C HIS B 81 -14.64 -45.21 -10.51
N ASP B 82 -14.23 -43.97 -10.74
CA ASP B 82 -12.99 -43.67 -11.45
C ASP B 82 -11.90 -43.42 -10.42
N SER B 83 -10.94 -44.34 -10.35
CA SER B 83 -9.85 -44.30 -9.39
C SER B 83 -8.52 -43.90 -10.04
N ASP B 84 -8.56 -43.41 -11.27
CA ASP B 84 -7.37 -43.14 -12.05
C ASP B 84 -7.17 -41.66 -12.38
N LYS B 85 -8.19 -40.83 -12.23
CA LYS B 85 -8.11 -39.42 -12.58
C LYS B 85 -7.83 -38.52 -11.38
N GLY B 86 -7.71 -39.08 -10.19
CA GLY B 86 -7.56 -38.28 -8.98
C GLY B 86 -6.18 -37.73 -8.72
N VAL B 87 -5.63 -36.98 -9.69
CA VAL B 87 -4.37 -36.27 -9.49
C VAL B 87 -4.64 -34.78 -9.71
N THR B 88 -3.74 -33.95 -9.20
CA THR B 88 -4.01 -32.53 -9.09
C THR B 88 -2.71 -31.73 -9.16
N ALA B 89 -2.84 -30.49 -9.67
CA ALA B 89 -1.71 -29.58 -9.69
C ALA B 89 -1.27 -29.17 -8.29
N ALA B 90 -2.12 -29.38 -7.29
CA ALA B 90 -1.75 -29.06 -5.91
C ALA B 90 -0.65 -29.99 -5.40
N CYS B 91 -0.55 -31.18 -5.97
CA CYS B 91 0.37 -32.22 -5.49
C CYS B 91 1.28 -32.67 -6.64
N PRO B 92 2.19 -31.81 -7.09
CA PRO B 92 3.07 -32.19 -8.19
C PRO B 92 4.22 -33.07 -7.70
N HIS B 93 4.64 -33.96 -8.58
CA HIS B 93 5.78 -34.82 -8.28
C HIS B 93 6.34 -35.38 -9.58
N ALA B 94 7.67 -35.33 -9.72
CA ALA B 94 8.36 -35.83 -10.91
C ALA B 94 7.86 -35.14 -12.17
N GLY B 95 7.52 -33.86 -12.03
CA GLY B 95 7.06 -33.05 -13.14
C GLY B 95 5.61 -33.25 -13.53
N ALA B 96 5.00 -34.35 -13.10
CA ALA B 96 3.59 -34.60 -13.35
C ALA B 96 2.76 -34.26 -12.12
N LYS B 97 1.45 -34.22 -12.31
CA LYS B 97 0.56 -34.10 -11.18
C LYS B 97 0.38 -35.47 -10.54
N SER B 98 0.23 -35.45 -9.22
CA SER B 98 0.17 -36.68 -8.44
C SER B 98 -0.76 -36.43 -7.26
N PHE B 99 -0.74 -37.35 -6.31
CA PHE B 99 -1.64 -37.28 -5.17
C PHE B 99 -1.01 -38.09 -4.06
N TYR B 100 -1.70 -38.16 -2.92
CA TYR B 100 -1.19 -38.94 -1.80
C TYR B 100 -1.09 -40.40 -2.19
N LYS B 101 -0.09 -41.09 -1.61
CA LYS B 101 0.07 -42.50 -1.88
C LYS B 101 -1.06 -43.31 -1.24
N ASN B 102 -1.47 -42.93 -0.04
CA ASN B 102 -2.33 -43.77 0.79
C ASN B 102 -3.81 -43.50 0.59
N LEU B 103 -4.18 -42.45 -0.14
CA LEU B 103 -5.58 -42.12 -0.39
C LEU B 103 -5.85 -42.14 -1.90
N ILE B 104 -7.10 -42.37 -2.26
CA ILE B 104 -7.53 -42.32 -3.65
C ILE B 104 -8.71 -41.35 -3.76
N TRP B 105 -8.64 -40.44 -4.71
CA TRP B 105 -9.66 -39.41 -4.89
C TRP B 105 -10.55 -39.82 -6.04
N LEU B 106 -11.67 -40.45 -5.68
CA LEU B 106 -12.61 -40.97 -6.66
C LEU B 106 -13.40 -39.83 -7.29
N VAL B 107 -13.58 -39.92 -8.61
CA VAL B 107 -14.55 -39.08 -9.29
C VAL B 107 -15.50 -40.00 -10.02
N LYS B 108 -16.52 -39.44 -10.65
CA LYS B 108 -17.52 -40.25 -11.32
C LYS B 108 -16.91 -41.00 -12.51
N LYS B 109 -17.51 -42.13 -12.85
CA LYS B 109 -17.19 -42.88 -14.06
C LYS B 109 -18.19 -42.51 -15.14
N GLY B 110 -17.71 -41.88 -16.20
CA GLY B 110 -18.61 -41.39 -17.22
C GLY B 110 -19.41 -40.23 -16.64
N ASN B 111 -20.73 -40.38 -16.63
CA ASN B 111 -21.64 -39.34 -16.15
C ASN B 111 -22.50 -39.82 -14.99
N SER B 112 -22.04 -40.85 -14.27
CA SER B 112 -22.74 -41.37 -13.11
C SER B 112 -21.76 -41.58 -11.97
N TYR B 113 -22.20 -41.30 -10.75
CA TYR B 113 -21.42 -41.55 -9.54
C TYR B 113 -22.37 -42.23 -8.56
N PRO B 114 -22.63 -43.52 -8.75
CA PRO B 114 -23.64 -44.20 -7.94
C PRO B 114 -23.20 -44.28 -6.48
N LYS B 115 -24.15 -44.71 -5.64
CA LYS B 115 -23.89 -44.81 -4.21
C LYS B 115 -22.74 -45.75 -3.94
N LEU B 116 -21.70 -45.23 -3.31
CA LEU B 116 -20.57 -46.02 -2.83
C LEU B 116 -20.90 -46.61 -1.47
N SER B 117 -20.56 -47.89 -1.28
CA SER B 117 -20.67 -48.53 0.02
C SER B 117 -19.56 -49.56 0.11
N LYS B 118 -18.59 -49.32 0.99
CA LYS B 118 -17.42 -50.18 1.12
C LYS B 118 -17.08 -50.34 2.58
N SER B 119 -16.96 -51.59 3.03
CA SER B 119 -16.72 -51.87 4.43
C SER B 119 -15.44 -52.69 4.60
N TYR B 120 -14.87 -52.59 5.79
CA TYR B 120 -13.70 -53.35 6.21
C TYR B 120 -13.88 -53.84 7.63
N ILE B 121 -13.54 -55.10 7.85
CA ILE B 121 -13.62 -55.74 9.17
C ILE B 121 -12.20 -56.00 9.64
N ASN B 122 -11.87 -55.52 10.84
CA ASN B 122 -10.52 -55.60 11.39
C ASN B 122 -10.24 -57.03 11.84
N ASP B 123 -9.59 -57.81 10.98
CA ASP B 123 -9.14 -59.15 11.33
C ASP B 123 -7.69 -59.19 11.77
N LYS B 124 -6.98 -58.07 11.73
CA LYS B 124 -5.71 -57.98 12.44
C LYS B 124 -5.97 -58.20 13.93
N GLY B 125 -4.90 -58.41 14.69
CA GLY B 125 -5.06 -58.54 16.12
C GLY B 125 -4.85 -57.23 16.83
N LYS B 126 -5.13 -56.13 16.14
CA LYS B 126 -4.54 -54.84 16.47
C LYS B 126 -5.43 -53.70 15.99
N GLU B 127 -5.37 -52.58 16.71
CA GLU B 127 -5.95 -51.33 16.24
C GLU B 127 -5.47 -51.03 14.82
N VAL B 128 -6.39 -50.57 13.97
CA VAL B 128 -6.07 -50.23 12.60
C VAL B 128 -6.30 -48.75 12.39
N LEU B 129 -5.23 -48.02 12.05
CA LEU B 129 -5.31 -46.61 11.73
C LEU B 129 -5.84 -46.42 10.31
N VAL B 130 -6.95 -45.71 10.18
CA VAL B 130 -7.59 -45.46 8.89
C VAL B 130 -7.69 -43.95 8.71
N LEU B 131 -7.30 -43.46 7.54
CA LEU B 131 -7.38 -42.05 7.22
C LEU B 131 -8.14 -41.87 5.92
N TRP B 132 -8.86 -40.75 5.81
CA TRP B 132 -9.60 -40.48 4.59
C TRP B 132 -9.70 -38.97 4.40
N GLY B 133 -10.21 -38.58 3.24
CA GLY B 133 -10.39 -37.18 2.93
C GLY B 133 -11.80 -36.87 2.48
N ILE B 134 -12.27 -35.69 2.85
CA ILE B 134 -13.52 -35.11 2.37
C ILE B 134 -13.16 -33.92 1.51
N HIS B 135 -13.53 -33.94 0.24
CA HIS B 135 -13.22 -32.85 -0.67
C HIS B 135 -14.42 -31.91 -0.82
N HIS B 136 -14.13 -30.61 -0.81
CA HIS B 136 -15.14 -29.56 -0.90
C HIS B 136 -14.83 -28.70 -2.11
N PRO B 137 -15.57 -28.84 -3.21
CA PRO B 137 -15.32 -28.01 -4.39
C PRO B 137 -15.56 -26.53 -4.09
N SER B 138 -15.19 -25.70 -5.05
CA SER B 138 -15.35 -24.26 -4.92
C SER B 138 -16.59 -23.71 -5.61
N THR B 139 -17.11 -24.42 -6.62
CA THR B 139 -18.32 -24.03 -7.33
C THR B 139 -19.22 -25.24 -7.47
N SER B 140 -20.51 -24.98 -7.69
CA SER B 140 -21.43 -26.08 -8.00
C SER B 140 -21.08 -26.73 -9.32
N ALA B 141 -20.48 -25.97 -10.25
CA ALA B 141 -20.03 -26.55 -11.51
C ALA B 141 -19.02 -27.67 -11.28
N ASP B 142 -18.05 -27.45 -10.39
CA ASP B 142 -17.07 -28.50 -10.10
C ASP B 142 -17.69 -29.66 -9.33
N GLN B 143 -18.71 -29.38 -8.50
CA GLN B 143 -19.38 -30.46 -7.80
C GLN B 143 -20.04 -31.44 -8.77
N GLN B 144 -20.61 -30.92 -9.86
CA GLN B 144 -21.21 -31.80 -10.86
C GLN B 144 -20.16 -32.38 -11.81
N SER B 145 -19.10 -31.61 -12.12
CA SER B 145 -18.04 -32.13 -12.95
C SER B 145 -17.35 -33.32 -12.28
N LEU B 146 -17.09 -33.21 -10.97
CA LEU B 146 -16.36 -34.25 -10.27
C LEU B 146 -17.26 -35.43 -9.90
N TYR B 147 -18.44 -35.15 -9.34
CA TYR B 147 -19.21 -36.19 -8.68
C TYR B 147 -20.63 -36.32 -9.20
N GLN B 148 -21.02 -35.56 -10.22
CA GLN B 148 -22.35 -35.59 -10.82
C GLN B 148 -23.42 -35.12 -9.84
N ASN B 149 -23.48 -35.73 -8.65
CA ASN B 149 -24.57 -35.52 -7.72
C ASN B 149 -24.42 -34.19 -7.01
N ALA B 150 -25.41 -33.31 -7.17
CA ALA B 150 -25.35 -32.00 -6.52
C ALA B 150 -25.49 -32.11 -5.01
N ASP B 151 -26.45 -32.92 -4.55
CA ASP B 151 -26.68 -33.08 -3.11
C ASP B 151 -26.04 -34.38 -2.61
N ALA B 152 -24.72 -34.42 -2.69
CA ALA B 152 -23.96 -35.59 -2.28
C ALA B 152 -23.71 -35.57 -0.76
N TYR B 153 -23.34 -36.73 -0.23
CA TYR B 153 -23.00 -36.86 1.17
C TYR B 153 -21.92 -37.92 1.32
N VAL B 154 -21.26 -37.94 2.47
CA VAL B 154 -20.35 -39.02 2.86
C VAL B 154 -20.68 -39.43 4.28
N PHE B 155 -20.86 -40.73 4.49
CA PHE B 155 -20.98 -41.29 5.83
C PHE B 155 -19.77 -42.16 6.13
N VAL B 156 -19.20 -41.96 7.32
CA VAL B 156 -18.13 -42.80 7.85
C VAL B 156 -18.58 -43.32 9.21
N GLY B 157 -18.54 -44.63 9.39
CA GLY B 157 -19.06 -45.21 10.61
C GLY B 157 -18.29 -46.42 11.14
N SER B 158 -18.08 -46.44 12.46
CA SER B 158 -17.51 -47.60 13.13
C SER B 158 -18.12 -47.66 14.53
N SER B 159 -17.52 -48.48 15.40
CA SER B 159 -17.99 -48.54 16.78
C SER B 159 -17.72 -47.25 17.53
N ARG B 160 -16.70 -46.49 17.11
CA ARG B 160 -16.29 -45.30 17.82
C ARG B 160 -16.65 -44.01 17.11
N TYR B 161 -17.04 -44.09 15.84
CA TYR B 161 -17.08 -42.92 14.98
C TYR B 161 -18.34 -42.98 14.14
N SER B 162 -18.99 -41.83 13.98
CA SER B 162 -20.19 -41.74 13.16
C SER B 162 -20.37 -40.30 12.74
N LYS B 163 -20.47 -40.05 11.44
CA LYS B 163 -20.43 -38.69 10.93
C LYS B 163 -20.91 -38.65 9.47
N THR B 164 -21.83 -37.74 9.17
CA THR B 164 -22.29 -37.55 7.80
C THR B 164 -21.77 -36.20 7.30
N PHE B 165 -20.97 -36.23 6.24
CA PHE B 165 -20.35 -35.05 5.67
C PHE B 165 -21.18 -34.54 4.50
N LYS B 166 -21.29 -33.22 4.40
CA LYS B 166 -21.87 -32.57 3.24
C LYS B 166 -20.83 -31.65 2.62
N PRO B 167 -20.78 -31.53 1.29
CA PRO B 167 -19.79 -30.65 0.67
C PRO B 167 -20.12 -29.19 0.97
N GLU B 168 -19.11 -28.46 1.42
CA GLU B 168 -19.25 -27.03 1.70
C GLU B 168 -18.71 -26.31 0.48
N ILE B 169 -19.60 -26.02 -0.47
CA ILE B 169 -19.19 -25.34 -1.69
C ILE B 169 -19.08 -23.85 -1.43
N ALA B 170 -17.96 -23.27 -1.86
CA ALA B 170 -17.64 -21.85 -1.64
C ALA B 170 -16.30 -21.55 -2.30
N ILE B 171 -16.18 -20.38 -2.93
CA ILE B 171 -14.87 -19.93 -3.37
C ILE B 171 -14.08 -19.47 -2.18
N ARG B 172 -12.88 -19.99 -2.03
CA ARG B 172 -12.00 -19.69 -0.92
C ARG B 172 -10.71 -19.08 -1.47
N PRO B 173 -9.98 -18.34 -0.65
CA PRO B 173 -8.73 -17.75 -1.13
C PRO B 173 -7.77 -18.82 -1.61
N LYS B 174 -7.10 -18.54 -2.74
CA LYS B 174 -6.22 -19.52 -3.34
C LYS B 174 -5.11 -19.92 -2.38
N VAL B 175 -5.01 -21.23 -2.15
CA VAL B 175 -3.90 -21.82 -1.40
C VAL B 175 -3.36 -22.95 -2.25
N ARG B 176 -2.07 -22.87 -2.59
CA ARG B 176 -1.45 -23.70 -3.64
C ARG B 176 -2.32 -23.69 -4.89
N ASP B 177 -2.77 -22.50 -5.25
CA ASP B 177 -3.57 -22.19 -6.44
C ASP B 177 -4.95 -22.84 -6.40
N ARG B 178 -5.37 -23.36 -5.26
CA ARG B 178 -6.64 -24.06 -5.10
C ARG B 178 -7.64 -23.21 -4.35
N GLU B 179 -8.85 -23.09 -4.88
CA GLU B 179 -9.96 -22.42 -4.22
C GLU B 179 -10.88 -23.36 -3.49
N GLY B 180 -10.81 -24.66 -3.77
CA GLY B 180 -11.51 -25.67 -3.00
C GLY B 180 -10.63 -26.20 -1.87
N ARG B 181 -11.19 -27.15 -1.12
CA ARG B 181 -10.51 -27.67 0.05
C ARG B 181 -10.73 -29.17 0.20
N MET B 182 -9.78 -29.80 0.89
CA MET B 182 -9.84 -31.22 1.23
C MET B 182 -9.47 -31.35 2.69
N ASN B 183 -10.38 -31.91 3.49
CA ASN B 183 -10.15 -32.11 4.91
C ASN B 183 -9.79 -33.57 5.16
N TYR B 184 -8.84 -33.78 6.06
CA TYR B 184 -8.26 -35.10 6.27
C TYR B 184 -8.60 -35.56 7.69
N TYR B 185 -9.07 -36.81 7.80
CA TYR B 185 -9.53 -37.35 9.06
C TYR B 185 -8.80 -38.65 9.36
N TRP B 186 -8.89 -39.10 10.61
CA TRP B 186 -8.29 -40.36 10.98
C TRP B 186 -9.04 -40.93 12.18
N THR B 187 -9.05 -42.25 12.27
CA THR B 187 -9.72 -42.94 13.36
C THR B 187 -9.09 -44.32 13.51
N LEU B 188 -9.17 -44.84 14.73
CA LEU B 188 -8.70 -46.19 15.02
C LEU B 188 -9.89 -47.13 15.02
N VAL B 189 -9.75 -48.24 14.30
CA VAL B 189 -10.77 -49.28 14.24
C VAL B 189 -10.33 -50.41 15.18
N GLU B 190 -11.09 -50.64 16.24
CA GLU B 190 -10.68 -51.63 17.22
C GLU B 190 -10.73 -53.04 16.63
N PRO B 191 -9.92 -53.96 17.15
CA PRO B 191 -9.98 -55.37 16.71
C PRO B 191 -11.39 -55.91 16.67
N GLY B 192 -11.76 -56.51 15.54
CA GLY B 192 -13.06 -57.11 15.37
C GLY B 192 -14.14 -56.20 14.82
N ASP B 193 -13.92 -54.89 14.84
CA ASP B 193 -14.95 -53.94 14.46
C ASP B 193 -14.96 -53.70 12.94
N LYS B 194 -16.10 -53.23 12.46
CA LYS B 194 -16.30 -52.91 11.05
C LYS B 194 -16.33 -51.41 10.86
N ILE B 195 -15.60 -50.91 9.86
CA ILE B 195 -15.68 -49.52 9.44
C ILE B 195 -16.34 -49.48 8.07
N THR B 196 -17.34 -48.62 7.92
CA THR B 196 -18.12 -48.51 6.69
C THR B 196 -17.95 -47.12 6.11
N PHE B 197 -17.71 -47.06 4.80
CA PHE B 197 -17.67 -45.81 4.04
C PHE B 197 -18.85 -45.82 3.07
N GLU B 198 -19.72 -44.82 3.18
CA GLU B 198 -20.77 -44.60 2.19
C GLU B 198 -20.67 -43.18 1.66
N ALA B 199 -20.88 -43.04 0.34
CA ALA B 199 -20.75 -41.73 -0.27
C ALA B 199 -21.49 -41.69 -1.60
N THR B 200 -21.99 -40.51 -1.93
CA THR B 200 -22.47 -40.20 -3.27
C THR B 200 -21.67 -39.06 -3.88
N GLY B 201 -20.52 -38.73 -3.30
CA GLY B 201 -19.59 -37.75 -3.83
C GLY B 201 -18.57 -37.43 -2.77
N ASN B 202 -17.51 -36.75 -3.20
CA ASN B 202 -16.65 -35.96 -2.32
C ASN B 202 -15.77 -36.78 -1.38
N LEU B 203 -15.75 -38.11 -1.52
CA LEU B 203 -14.96 -38.95 -0.62
C LEU B 203 -13.59 -39.25 -1.22
N VAL B 204 -12.55 -39.12 -0.39
CA VAL B 204 -11.18 -39.49 -0.77
C VAL B 204 -10.90 -40.77 0.03
N VAL B 205 -11.14 -41.91 -0.61
CA VAL B 205 -11.18 -43.20 0.09
C VAL B 205 -9.78 -43.61 0.55
N PRO B 206 -9.68 -44.41 1.61
CA PRO B 206 -8.39 -45.01 1.94
C PRO B 206 -7.95 -46.01 0.88
N ARG B 207 -6.65 -46.04 0.62
CA ARG B 207 -6.01 -47.16 -0.04
C ARG B 207 -5.19 -48.00 0.92
N TYR B 208 -4.27 -47.38 1.64
CA TYR B 208 -3.46 -48.05 2.64
C TYR B 208 -3.90 -47.63 4.03
N ALA B 209 -3.99 -48.61 4.93
CA ALA B 209 -4.20 -48.40 6.35
C ALA B 209 -3.04 -49.04 7.11
N PHE B 210 -3.03 -48.87 8.43
CA PHE B 210 -1.89 -49.24 9.26
C PHE B 210 -2.38 -50.01 10.48
N ALA B 211 -1.98 -51.28 10.57
CA ALA B 211 -2.19 -52.04 11.80
C ALA B 211 -1.06 -51.72 12.78
N MET B 212 -1.41 -51.38 14.02
CA MET B 212 -0.41 -50.89 14.95
C MET B 212 -0.69 -51.34 16.38
N GLU B 213 0.39 -51.70 17.08
CA GLU B 213 0.43 -51.71 18.53
C GLU B 213 1.43 -50.66 18.99
N ARG B 214 1.34 -50.31 20.26
CA ARG B 214 2.03 -49.14 20.79
C ARG B 214 3.06 -49.56 21.82
N ASN B 215 4.14 -48.77 21.90
CA ASN B 215 5.24 -49.02 22.81
C ASN B 215 5.08 -48.11 24.02
N ALA B 216 4.86 -48.72 25.18
CA ALA B 216 4.87 -48.03 26.46
C ALA B 216 5.36 -49.00 27.52
N GLY B 217 5.85 -48.45 28.62
CA GLY B 217 6.46 -49.26 29.66
C GLY B 217 5.45 -50.10 30.42
N SER B 218 5.97 -50.86 31.38
CA SER B 218 5.12 -51.53 32.36
C SER B 218 4.67 -50.50 33.40
N GLY B 219 3.40 -50.47 33.69
CA GLY B 219 2.77 -49.33 34.32
C GLY B 219 2.93 -49.32 35.82
N LEU B 220 1.99 -48.63 36.46
CA LEU B 220 2.01 -48.46 37.90
C LEU B 220 1.16 -49.54 38.57
N GLU C 1 -11.87 -4.13 25.57
CA GLU C 1 -10.54 -4.71 25.63
C GLU C 1 -9.68 -4.19 24.48
N ILE C 2 -9.88 -4.75 23.28
CA ILE C 2 -9.24 -4.21 22.09
C ILE C 2 -10.02 -3.00 21.62
N VAL C 3 -9.31 -1.91 21.34
CA VAL C 3 -9.90 -0.69 20.80
C VAL C 3 -9.19 -0.35 19.51
N LEU C 4 -9.95 -0.06 18.46
CA LEU C 4 -9.40 0.36 17.18
C LEU C 4 -9.65 1.86 17.02
N THR C 5 -8.58 2.63 16.90
CA THR C 5 -8.65 4.08 16.78
C THR C 5 -8.23 4.47 15.37
N GLN C 6 -9.18 4.94 14.58
CA GLN C 6 -8.93 5.46 13.24
C GLN C 6 -8.60 6.95 13.27
N SER C 7 -7.85 7.38 12.25
CA SER C 7 -7.40 8.75 12.08
C SER C 7 -6.95 8.94 10.64
N PRO C 8 -7.26 10.09 10.01
CA PRO C 8 -8.01 11.18 10.64
C PRO C 8 -9.51 10.88 10.73
N GLY C 9 -10.25 11.73 11.42
CA GLY C 9 -11.69 11.54 11.48
C GLY C 9 -12.37 11.85 10.15
N THR C 10 -11.88 12.89 9.45
CA THR C 10 -12.41 13.31 8.18
C THR C 10 -11.25 13.53 7.22
N LEU C 11 -11.53 13.42 5.92
CA LEU C 11 -10.50 13.53 4.90
C LEU C 11 -11.14 14.12 3.65
N SER C 12 -10.69 15.30 3.23
CA SER C 12 -11.21 15.98 2.05
C SER C 12 -10.16 15.98 0.96
N LEU C 13 -10.45 15.34 -0.16
CA LEU C 13 -9.50 15.19 -1.25
C LEU C 13 -10.22 15.27 -2.59
N SER C 14 -9.49 15.71 -3.61
CA SER C 14 -10.02 15.80 -4.96
C SER C 14 -9.80 14.47 -5.69
N PRO C 15 -10.61 14.18 -6.70
CA PRO C 15 -10.35 13.01 -7.53
C PRO C 15 -8.95 13.06 -8.14
N GLY C 16 -8.28 11.91 -8.13
CA GLY C 16 -6.92 11.80 -8.62
C GLY C 16 -5.87 11.76 -7.54
N GLU C 17 -6.19 12.18 -6.32
CA GLU C 17 -5.25 12.19 -5.22
C GLU C 17 -5.20 10.83 -4.51
N ARG C 18 -4.28 10.73 -3.55
CA ARG C 18 -4.10 9.53 -2.73
C ARG C 18 -4.76 9.75 -1.38
N ALA C 19 -5.62 8.82 -0.99
CA ALA C 19 -6.19 8.80 0.35
C ALA C 19 -5.41 7.79 1.19
N THR C 20 -4.81 8.25 2.28
CA THR C 20 -4.13 7.39 3.23
C THR C 20 -4.94 7.36 4.51
N LEU C 21 -5.35 6.17 4.94
CA LEU C 21 -6.19 6.00 6.11
C LEU C 21 -5.47 5.13 7.12
N SER C 22 -5.53 5.53 8.39
CA SER C 22 -4.81 4.84 9.46
C SER C 22 -5.78 4.17 10.43
N CYS C 23 -5.38 3.01 10.92
CA CYS C 23 -6.11 2.30 11.97
C CYS C 23 -5.10 1.82 13.00
N ARG C 24 -5.26 2.26 14.25
CA ARG C 24 -4.36 1.92 15.32
C ARG C 24 -5.04 1.00 16.32
N ALA C 25 -4.38 -0.10 16.67
CA ALA C 25 -4.91 -1.07 17.61
C ALA C 25 -4.31 -0.84 19.00
N SER C 26 -5.14 -0.97 20.03
CA SER C 26 -4.70 -0.77 21.39
C SER C 26 -3.73 -1.86 21.85
N GLN C 27 -3.73 -3.02 21.18
CA GLN C 27 -2.80 -4.09 21.46
C GLN C 27 -2.41 -4.72 20.13
N ILE C 28 -1.25 -5.38 20.11
CA ILE C 28 -0.78 -6.03 18.88
C ILE C 28 -1.83 -7.01 18.39
N ILE C 29 -2.10 -6.97 17.08
CA ILE C 29 -3.12 -7.76 16.43
C ILE C 29 -2.50 -8.52 15.27
N ASP C 30 -2.87 -9.80 15.13
CA ASP C 30 -2.41 -10.58 13.98
C ASP C 30 -2.97 -10.02 12.68
N ASN C 31 -2.07 -9.83 11.71
CA ASN C 31 -2.44 -9.37 10.38
C ASN C 31 -3.69 -10.06 9.85
N LYS C 32 -3.77 -11.38 9.98
CA LYS C 32 -4.85 -12.15 9.38
C LYS C 32 -6.18 -11.85 10.05
N TYR C 33 -6.17 -11.03 11.09
CA TYR C 33 -7.38 -10.70 11.84
C TYR C 33 -7.79 -9.24 11.72
N LEU C 34 -7.27 -8.52 10.71
CA LEU C 34 -7.65 -7.13 10.47
C LEU C 34 -8.33 -7.01 9.12
N ALA C 35 -9.45 -6.29 9.07
CA ALA C 35 -10.18 -6.06 7.83
C ALA C 35 -10.56 -4.59 7.68
N TRP C 36 -10.87 -4.22 6.45
CA TRP C 36 -11.28 -2.86 6.08
C TRP C 36 -12.59 -2.91 5.31
N TYR C 37 -13.46 -1.93 5.56
CA TYR C 37 -14.77 -1.87 4.93
C TYR C 37 -15.03 -0.48 4.37
N GLN C 38 -15.84 -0.43 3.33
CA GLN C 38 -16.31 0.82 2.73
C GLN C 38 -17.82 0.90 2.93
N GLN C 39 -18.31 2.04 3.42
CA GLN C 39 -19.75 2.26 3.51
C GLN C 39 -20.09 3.55 2.78
N LYS C 40 -20.67 3.43 1.60
CA LYS C 40 -21.11 4.54 0.79
C LYS C 40 -22.48 5.02 1.29
N PRO C 41 -22.83 6.29 1.02
CA PRO C 41 -24.12 6.82 1.48
C PRO C 41 -25.29 5.96 1.06
N GLY C 42 -26.16 5.65 2.02
CA GLY C 42 -27.36 4.87 1.77
C GLY C 42 -27.14 3.40 1.54
N GLN C 43 -25.91 2.91 1.66
CA GLN C 43 -25.60 1.53 1.31
C GLN C 43 -25.02 0.79 2.51
N ALA C 44 -25.09 -0.53 2.45
CA ALA C 44 -24.47 -1.38 3.44
C ALA C 44 -22.96 -1.31 3.29
N PRO C 45 -22.20 -1.71 4.33
CA PRO C 45 -20.75 -1.85 4.17
C PRO C 45 -20.41 -2.84 3.08
N ARG C 46 -19.21 -2.69 2.53
CA ARG C 46 -18.66 -3.65 1.58
C ARG C 46 -17.22 -3.95 1.98
N LEU C 47 -16.83 -5.22 1.89
CA LEU C 47 -15.48 -5.60 2.27
C LEU C 47 -14.46 -5.11 1.25
N LEU C 48 -13.35 -4.58 1.75
CA LEU C 48 -12.23 -4.13 0.93
C LEU C 48 -10.98 -4.97 1.12
N ILE C 49 -10.52 -5.12 2.36
CA ILE C 49 -9.30 -5.83 2.67
C ILE C 49 -9.58 -6.84 3.78
N TYR C 50 -8.91 -7.98 3.69
CA TYR C 50 -9.04 -9.07 4.65
C TYR C 50 -7.60 -9.42 4.99
N GLY C 51 -7.37 -9.88 6.21
CA GLY C 51 -6.00 -10.18 6.61
C GLY C 51 -5.00 -9.06 6.35
N ALA C 52 -5.44 -7.81 6.53
CA ALA C 52 -4.62 -6.61 6.52
C ALA C 52 -4.15 -6.16 5.13
N SER C 53 -3.92 -7.10 4.20
CA SER C 53 -3.28 -6.71 2.94
C SER C 53 -3.81 -7.42 1.71
N ASN C 54 -4.86 -8.23 1.80
CA ASN C 54 -5.42 -8.88 0.63
C ASN C 54 -6.77 -8.26 0.30
N ARG C 55 -7.01 -8.02 -0.99
CA ARG C 55 -8.25 -7.40 -1.42
C ARG C 55 -9.36 -8.45 -1.51
N ALA C 56 -10.57 -8.04 -1.17
CA ALA C 56 -11.73 -8.85 -1.48
C ALA C 56 -11.93 -8.91 -3.00
N THR C 57 -12.62 -9.95 -3.45
CA THR C 57 -12.84 -10.14 -4.88
C THR C 57 -13.65 -8.98 -5.44
N GLY C 58 -13.28 -8.53 -6.63
CA GLY C 58 -13.96 -7.43 -7.27
C GLY C 58 -13.65 -6.06 -6.73
N ILE C 59 -12.56 -5.92 -5.97
CA ILE C 59 -12.13 -4.64 -5.42
C ILE C 59 -10.97 -4.13 -6.26
N PRO C 60 -11.03 -2.91 -6.80
CA PRO C 60 -10.04 -2.48 -7.79
C PRO C 60 -8.63 -2.41 -7.24
N ASP C 61 -7.67 -2.40 -8.17
CA ASP C 61 -6.25 -2.32 -7.82
C ASP C 61 -5.95 -1.13 -6.91
N ARG C 62 -6.70 -0.05 -7.05
CA ARG C 62 -6.32 1.18 -6.37
C ARG C 62 -6.55 1.14 -4.86
N PHE C 63 -7.14 0.06 -4.34
CA PHE C 63 -7.24 -0.17 -2.91
C PHE C 63 -6.14 -1.13 -2.47
N SER C 64 -5.37 -0.74 -1.45
CA SER C 64 -4.37 -1.64 -0.88
C SER C 64 -4.27 -1.43 0.62
N GLY C 65 -4.09 -2.54 1.35
CA GLY C 65 -3.96 -2.51 2.80
C GLY C 65 -2.54 -2.90 3.20
N SER C 66 -2.10 -2.35 4.34
CA SER C 66 -0.72 -2.48 4.77
C SER C 66 -0.66 -2.43 6.29
N GLY C 67 0.50 -2.78 6.83
CA GLY C 67 0.79 -2.60 8.24
C GLY C 67 1.02 -3.91 8.96
N SER C 68 1.21 -3.81 10.27
CA SER C 68 1.42 -4.93 11.18
C SER C 68 1.46 -4.38 12.60
N GLY C 69 1.44 -5.29 13.56
CA GLY C 69 1.53 -4.92 14.96
C GLY C 69 0.32 -4.17 15.48
N THR C 70 0.47 -2.86 15.71
CA THR C 70 -0.62 -2.02 16.17
C THR C 70 -1.02 -0.95 15.17
N GLU C 71 -0.36 -0.88 14.02
CA GLU C 71 -0.55 0.21 13.06
C GLU C 71 -0.85 -0.36 11.69
N PHE C 72 -2.01 0.00 11.14
CA PHE C 72 -2.48 -0.54 9.88
C PHE C 72 -3.02 0.58 9.01
N THR C 73 -2.77 0.49 7.71
CA THR C 73 -3.08 1.57 6.77
C THR C 73 -3.84 1.06 5.55
N LEU C 74 -4.78 1.88 5.09
CA LEU C 74 -5.49 1.69 3.82
C LEU C 74 -5.14 2.86 2.91
N ILE C 75 -4.62 2.55 1.72
CA ILE C 75 -4.29 3.56 0.73
C ILE C 75 -5.23 3.42 -0.46
N ILE C 76 -5.76 4.54 -0.92
CA ILE C 76 -6.64 4.60 -2.09
C ILE C 76 -5.95 5.50 -3.11
N SER C 77 -5.49 4.90 -4.20
CA SER C 77 -4.88 5.69 -5.27
C SER C 77 -5.93 6.08 -6.30
N ARG C 78 -5.60 7.10 -7.09
CA ARG C 78 -6.43 7.54 -8.22
C ARG C 78 -7.88 7.77 -7.78
N LEU C 79 -8.04 8.52 -6.70
CA LEU C 79 -9.36 8.71 -6.09
C LEU C 79 -10.42 9.08 -7.12
N GLU C 80 -11.61 8.53 -6.95
CA GLU C 80 -12.73 8.75 -7.83
C GLU C 80 -13.92 9.26 -7.01
N PRO C 81 -14.84 10.00 -7.63
CA PRO C 81 -16.01 10.50 -6.89
C PRO C 81 -16.82 9.39 -6.22
N GLU C 82 -16.86 8.20 -6.81
CA GLU C 82 -17.60 7.07 -6.23
C GLU C 82 -16.96 6.55 -4.95
N ASP C 83 -15.70 6.91 -4.69
CA ASP C 83 -15.00 6.54 -3.47
C ASP C 83 -15.53 7.24 -2.23
N LEU C 84 -16.49 8.14 -2.39
CA LEU C 84 -17.06 8.85 -1.24
C LEU C 84 -17.77 7.87 -0.31
N ALA C 85 -17.29 7.79 0.93
CA ALA C 85 -17.79 6.81 1.89
C ALA C 85 -17.18 7.10 3.25
N VAL C 86 -17.60 6.30 4.23
CA VAL C 86 -16.94 6.19 5.52
C VAL C 86 -16.24 4.84 5.54
N TYR C 87 -14.98 4.82 5.97
CA TYR C 87 -14.17 3.61 5.96
C TYR C 87 -13.98 3.13 7.39
N TYR C 88 -14.16 1.84 7.62
CA TYR C 88 -14.07 1.22 8.93
C TYR C 88 -13.05 0.09 8.90
N CYS C 89 -12.20 0.05 9.92
CA CYS C 89 -11.36 -1.12 10.14
C CYS C 89 -11.99 -2.03 11.19
N GLN C 90 -11.67 -3.32 11.11
CA GLN C 90 -12.32 -4.35 11.91
C GLN C 90 -11.25 -5.32 12.39
N GLN C 91 -11.43 -5.84 13.60
CA GLN C 91 -10.52 -6.87 14.10
C GLN C 91 -11.32 -8.03 14.70
N PHE C 92 -10.73 -9.21 14.62
CA PHE C 92 -11.25 -10.40 15.29
C PHE C 92 -10.26 -10.82 16.38
N GLY C 93 -10.78 -11.01 17.59
CA GLY C 93 -9.99 -11.44 18.71
C GLY C 93 -10.88 -11.68 19.90
N SER C 94 -10.57 -12.70 20.70
CA SER C 94 -11.37 -13.06 21.87
C SER C 94 -12.81 -13.41 21.48
N SER C 95 -12.95 -14.05 20.31
CA SER C 95 -14.24 -14.53 19.78
C SER C 95 -15.28 -13.41 19.67
N VAL C 96 -14.80 -12.16 19.51
CA VAL C 96 -15.65 -11.00 19.32
C VAL C 96 -15.05 -10.18 18.19
N TYR C 97 -15.88 -9.39 17.52
CA TYR C 97 -15.39 -8.50 16.47
C TYR C 97 -15.71 -7.07 16.88
N THR C 98 -14.75 -6.17 16.65
CA THR C 98 -14.92 -4.76 16.96
C THR C 98 -14.48 -3.91 15.78
N PHE C 99 -15.07 -2.72 15.67
CA PHE C 99 -14.79 -1.77 14.61
C PHE C 99 -14.10 -0.53 15.18
N GLY C 100 -13.39 0.17 14.29
CA GLY C 100 -13.01 1.53 14.59
C GLY C 100 -14.18 2.48 14.40
N GLN C 101 -13.98 3.73 14.83
CA GLN C 101 -15.07 4.70 14.77
C GLN C 101 -15.30 5.23 13.36
N GLY C 102 -14.42 4.92 12.41
CA GLY C 102 -14.63 5.32 11.04
C GLY C 102 -13.72 6.47 10.63
N THR C 103 -13.53 6.60 9.33
CA THR C 103 -12.91 7.76 8.70
C THR C 103 -13.78 8.18 7.54
N ARG C 104 -14.24 9.43 7.55
CA ARG C 104 -15.12 9.92 6.50
C ARG C 104 -14.29 10.46 5.35
N LEU C 105 -14.45 9.86 4.18
CA LEU C 105 -13.83 10.37 2.97
C LEU C 105 -14.77 11.32 2.28
N GLU C 106 -14.37 12.57 2.21
CA GLU C 106 -15.15 13.68 1.68
C GLU C 106 -14.44 14.17 0.41
N ILE C 107 -15.19 14.35 -0.67
CA ILE C 107 -14.60 14.54 -1.99
C ILE C 107 -14.83 15.97 -2.47
N LYS C 108 -13.76 16.60 -2.91
CA LYS C 108 -13.79 17.99 -3.34
C LYS C 108 -14.10 18.09 -4.83
N ARG C 109 -14.49 19.29 -5.23
CA ARG C 109 -15.25 19.52 -6.45
C ARG C 109 -15.23 21.00 -6.77
N THR C 110 -15.23 21.33 -8.07
CA THR C 110 -15.39 22.71 -8.47
C THR C 110 -16.72 23.26 -7.97
N VAL C 111 -16.75 24.57 -7.72
CA VAL C 111 -17.98 25.22 -7.29
C VAL C 111 -19.08 24.98 -8.30
N ALA C 112 -20.29 24.73 -7.81
CA ALA C 112 -21.46 24.56 -8.66
C ALA C 112 -22.62 25.34 -8.06
N ALA C 113 -23.27 26.16 -8.87
CA ALA C 113 -24.37 26.97 -8.39
C ALA C 113 -25.63 26.12 -8.27
N PRO C 114 -26.45 26.36 -7.25
CA PRO C 114 -27.71 25.61 -7.14
C PRO C 114 -28.72 26.12 -8.16
N SER C 115 -29.57 25.21 -8.61
CA SER C 115 -30.79 25.58 -9.30
C SER C 115 -31.93 25.52 -8.30
N VAL C 116 -32.77 26.55 -8.30
CA VAL C 116 -33.73 26.78 -7.23
C VAL C 116 -35.13 26.55 -7.76
N PHE C 117 -35.97 25.94 -6.92
CA PHE C 117 -37.38 25.70 -7.21
C PHE C 117 -38.19 25.94 -5.94
N ILE C 118 -39.39 26.49 -6.12
CA ILE C 118 -40.31 26.73 -5.00
C ILE C 118 -41.62 26.02 -5.30
N PHE C 119 -42.21 25.43 -4.26
CA PHE C 119 -43.45 24.68 -4.38
C PHE C 119 -44.51 25.23 -3.43
N PRO C 120 -45.67 25.65 -3.93
CA PRO C 120 -46.73 26.13 -3.04
C PRO C 120 -47.35 24.97 -2.26
N PRO C 121 -48.09 25.26 -1.19
CA PRO C 121 -48.81 24.17 -0.51
C PRO C 121 -49.84 23.55 -1.45
N SER C 122 -50.06 22.25 -1.29
CA SER C 122 -51.13 21.60 -2.05
C SER C 122 -52.49 21.99 -1.48
N ASP C 123 -53.56 21.61 -2.21
CA ASP C 123 -54.91 21.85 -1.70
C ASP C 123 -55.35 20.79 -0.71
N GLU C 124 -54.70 19.61 -0.69
CA GLU C 124 -55.00 18.62 0.33
C GLU C 124 -54.55 19.09 1.71
N GLN C 125 -53.32 19.61 1.80
CA GLN C 125 -52.76 19.95 3.10
C GLN C 125 -53.49 21.13 3.74
N LEU C 126 -53.90 22.11 2.93
CA LEU C 126 -54.59 23.28 3.48
C LEU C 126 -55.92 22.90 4.10
N LYS C 127 -56.62 21.92 3.51
CA LYS C 127 -57.87 21.45 4.09
C LYS C 127 -57.66 20.94 5.51
N SER C 128 -56.48 20.39 5.79
CA SER C 128 -56.16 19.89 7.13
C SER C 128 -55.68 20.99 8.07
N GLY C 129 -55.43 22.20 7.57
CA GLY C 129 -55.14 23.34 8.43
C GLY C 129 -53.69 23.76 8.50
N THR C 130 -52.79 23.09 7.79
CA THR C 130 -51.38 23.44 7.79
C THR C 130 -50.94 23.72 6.36
N ALA C 131 -50.02 24.67 6.21
CA ALA C 131 -49.46 25.04 4.91
C ALA C 131 -47.96 24.85 4.95
N SER C 132 -47.43 24.01 4.06
CA SER C 132 -46.01 23.80 3.91
C SER C 132 -45.56 24.35 2.56
N VAL C 133 -44.54 25.20 2.58
CA VAL C 133 -43.96 25.78 1.38
C VAL C 133 -42.51 25.30 1.28
N VAL C 134 -42.13 24.80 0.11
CA VAL C 134 -40.88 24.10 -0.08
C VAL C 134 -40.01 24.86 -1.07
N CYS C 135 -38.75 25.07 -0.71
CA CYS C 135 -37.74 25.69 -1.57
C CYS C 135 -36.62 24.67 -1.77
N LEU C 136 -36.38 24.30 -3.02
CA LEU C 136 -35.38 23.29 -3.38
C LEU C 136 -34.13 23.95 -3.94
N LEU C 137 -32.97 23.57 -3.40
CA LEU C 137 -31.67 23.92 -3.95
C LEU C 137 -31.04 22.63 -4.46
N ASN C 138 -30.78 22.55 -5.76
CA ASN C 138 -30.45 21.28 -6.38
C ASN C 138 -29.03 21.31 -6.95
N ASN C 139 -28.22 20.33 -6.54
CA ASN C 139 -26.96 19.97 -7.20
C ASN C 139 -25.96 21.13 -7.16
N PHE C 140 -25.58 21.53 -5.96
CA PHE C 140 -24.68 22.64 -5.76
C PHE C 140 -23.48 22.21 -4.93
N TYR C 141 -22.42 23.04 -4.99
CA TYR C 141 -21.20 22.82 -4.22
C TYR C 141 -20.55 24.18 -4.05
N PRO C 142 -20.04 24.53 -2.86
CA PRO C 142 -20.06 23.63 -1.70
C PRO C 142 -21.35 23.66 -0.90
N ARG C 143 -21.30 23.05 0.28
CA ARG C 143 -22.51 22.66 1.00
C ARG C 143 -23.27 23.84 1.56
N GLU C 144 -22.56 24.89 1.97
CA GLU C 144 -23.18 25.98 2.70
C GLU C 144 -23.90 26.92 1.74
N ALA C 145 -25.15 27.25 2.08
CA ALA C 145 -25.92 28.21 1.31
C ALA C 145 -26.84 28.97 2.26
N LYS C 146 -27.09 30.22 1.92
CA LYS C 146 -27.97 31.11 2.69
C LYS C 146 -29.33 31.13 2.02
N VAL C 147 -30.34 30.57 2.69
CA VAL C 147 -31.69 30.49 2.17
C VAL C 147 -32.60 31.33 3.05
N GLN C 148 -33.38 32.21 2.42
CA GLN C 148 -34.05 33.30 3.11
C GLN C 148 -35.51 33.31 2.67
N TRP C 149 -36.43 33.10 3.61
CA TRP C 149 -37.86 33.20 3.30
C TRP C 149 -38.33 34.64 3.45
N LYS C 150 -39.24 35.03 2.56
CA LYS C 150 -39.86 36.36 2.61
C LYS C 150 -41.34 36.22 2.28
N VAL C 151 -42.19 36.66 3.19
CA VAL C 151 -43.64 36.63 3.00
C VAL C 151 -44.12 38.08 2.96
N ASP C 152 -44.64 38.48 1.79
CA ASP C 152 -44.96 39.88 1.53
C ASP C 152 -43.78 40.79 1.87
N ASN C 153 -42.60 40.36 1.44
CA ASN C 153 -41.31 41.04 1.63
C ASN C 153 -40.87 41.08 3.09
N ALA C 154 -41.55 40.38 3.99
CA ALA C 154 -41.19 40.33 5.40
C ALA C 154 -40.33 39.09 5.66
N LEU C 155 -39.18 39.29 6.28
CA LEU C 155 -38.27 38.18 6.55
C LEU C 155 -38.82 37.28 7.65
N GLN C 156 -38.63 35.97 7.49
CA GLN C 156 -39.17 34.95 8.37
C GLN C 156 -38.06 34.41 9.26
N SER C 157 -38.41 34.02 10.49
CA SER C 157 -37.47 33.34 11.38
C SER C 157 -38.24 32.53 12.41
N GLY C 158 -37.75 31.31 12.67
CA GLY C 158 -38.35 30.42 13.63
C GLY C 158 -39.43 29.50 13.09
N ASN C 159 -39.70 29.54 11.78
CA ASN C 159 -40.76 28.74 11.19
C ASN C 159 -40.29 27.98 9.95
N SER C 160 -38.99 27.70 9.84
CA SER C 160 -38.45 26.98 8.69
C SER C 160 -37.35 26.04 9.14
N GLN C 161 -37.38 24.82 8.62
CA GLN C 161 -36.36 23.79 8.86
C GLN C 161 -35.78 23.33 7.54
N GLU C 162 -34.46 23.11 7.52
CA GLU C 162 -33.78 22.60 6.35
C GLU C 162 -33.06 21.30 6.66
N SER C 163 -33.03 20.41 5.66
CA SER C 163 -32.19 19.24 5.67
C SER C 163 -31.44 19.17 4.36
N VAL C 164 -30.29 18.51 4.37
CA VAL C 164 -29.39 18.47 3.23
C VAL C 164 -29.04 17.02 2.93
N THR C 165 -29.11 16.63 1.66
CA THR C 165 -28.67 15.30 1.27
C THR C 165 -27.19 15.13 1.56
N GLU C 166 -26.76 13.88 1.58
CA GLU C 166 -25.33 13.63 1.61
C GLU C 166 -24.76 13.85 0.21
N GLN C 167 -23.44 13.85 0.13
CA GLN C 167 -22.78 14.21 -1.11
C GLN C 167 -22.97 13.12 -2.15
N ASP C 168 -23.39 13.52 -3.35
CA ASP C 168 -23.70 12.57 -4.42
C ASP C 168 -22.45 11.83 -4.85
N SER C 169 -22.59 10.52 -5.08
CA SER C 169 -21.45 9.65 -5.34
C SER C 169 -20.88 9.82 -6.75
N LYS C 170 -21.58 10.49 -7.65
CA LYS C 170 -21.10 10.61 -9.02
C LYS C 170 -20.68 12.03 -9.40
N ASP C 171 -21.38 13.05 -8.92
CA ASP C 171 -21.00 14.42 -9.22
C ASP C 171 -20.57 15.23 -8.00
N SER C 172 -20.67 14.65 -6.79
CA SER C 172 -20.17 15.22 -5.54
C SER C 172 -20.93 16.46 -5.09
N THR C 173 -22.11 16.72 -5.66
CA THR C 173 -22.89 17.88 -5.27
C THR C 173 -23.80 17.56 -4.10
N TYR C 174 -24.41 18.61 -3.55
CA TYR C 174 -25.40 18.51 -2.49
C TYR C 174 -26.74 19.00 -3.03
N SER C 175 -27.80 18.59 -2.36
CA SER C 175 -29.11 19.20 -2.54
C SER C 175 -29.67 19.57 -1.18
N LEU C 176 -30.34 20.72 -1.12
CA LEU C 176 -30.88 21.25 0.12
C LEU C 176 -32.37 21.49 -0.02
N SER C 177 -33.11 21.19 1.03
CA SER C 177 -34.53 21.49 1.12
C SER C 177 -34.75 22.43 2.29
N SER C 178 -35.63 23.41 2.09
CA SER C 178 -36.02 24.34 3.15
C SER C 178 -37.54 24.42 3.15
N THR C 179 -38.15 24.12 4.30
CA THR C 179 -39.60 24.01 4.39
C THR C 179 -40.13 25.04 5.38
N LEU C 180 -40.87 26.01 4.86
CA LEU C 180 -41.62 26.95 5.70
C LEU C 180 -42.95 26.30 6.07
N THR C 181 -43.28 26.30 7.35
CA THR C 181 -44.53 25.73 7.84
C THR C 181 -45.33 26.81 8.54
N LEU C 182 -46.49 27.13 7.97
CA LEU C 182 -47.42 28.12 8.50
C LEU C 182 -48.75 27.42 8.81
N SER C 183 -49.63 28.13 9.51
CA SER C 183 -51.00 27.68 9.64
C SER C 183 -51.82 28.20 8.46
N LYS C 184 -52.98 27.57 8.23
CA LYS C 184 -53.82 27.96 7.10
C LYS C 184 -54.21 29.44 7.19
N ALA C 185 -54.66 29.87 8.37
CA ALA C 185 -55.06 31.27 8.53
C ALA C 185 -53.92 32.22 8.20
N ASP C 186 -52.71 31.91 8.66
CA ASP C 186 -51.55 32.73 8.32
C ASP C 186 -51.23 32.65 6.84
N TYR C 187 -51.44 31.48 6.23
CA TYR C 187 -51.18 31.35 4.79
C TYR C 187 -52.22 32.08 3.96
N GLU C 188 -53.50 31.97 4.35
CA GLU C 188 -54.56 32.69 3.65
C GLU C 188 -54.35 34.20 3.70
N LYS C 189 -53.64 34.68 4.74
CA LYS C 189 -53.59 36.10 5.03
C LYS C 189 -52.59 36.86 4.15
N HIS C 190 -51.64 36.17 3.55
CA HIS C 190 -50.58 36.81 2.78
C HIS C 190 -50.64 36.39 1.32
N LYS C 191 -49.82 37.06 0.51
CA LYS C 191 -49.82 36.84 -0.93
C LYS C 191 -48.47 36.33 -1.43
N VAL C 192 -47.43 37.16 -1.46
CA VAL C 192 -46.19 36.82 -2.15
C VAL C 192 -45.31 35.97 -1.23
N TYR C 193 -45.04 34.73 -1.64
CA TYR C 193 -44.17 33.80 -0.93
C TYR C 193 -42.91 33.58 -1.75
N ALA C 194 -41.77 34.01 -1.21
CA ALA C 194 -40.49 33.96 -1.90
C ALA C 194 -39.42 33.35 -1.00
N CYS C 195 -38.51 32.59 -1.61
CA CYS C 195 -37.28 32.17 -0.97
C CYS C 195 -36.10 32.76 -1.72
N GLU C 196 -35.16 33.34 -0.98
CA GLU C 196 -33.97 33.95 -1.55
C GLU C 196 -32.76 33.07 -1.25
N VAL C 197 -31.97 32.79 -2.28
CA VAL C 197 -30.80 31.92 -2.17
C VAL C 197 -29.56 32.72 -2.52
N THR C 198 -28.63 32.83 -1.57
CA THR C 198 -27.29 33.34 -1.86
C THR C 198 -26.33 32.17 -1.80
N HIS C 199 -25.45 32.07 -2.80
CA HIS C 199 -24.47 31.00 -2.88
C HIS C 199 -23.37 31.46 -3.81
N GLN C 200 -22.11 31.12 -3.46
CA GLN C 200 -20.97 31.63 -4.21
C GLN C 200 -20.99 31.23 -5.68
N GLY C 201 -21.64 30.12 -6.03
CA GLY C 201 -21.82 29.81 -7.43
C GLY C 201 -22.62 30.84 -8.18
N LEU C 202 -23.46 31.60 -7.48
CA LEU C 202 -24.33 32.59 -8.10
C LEU C 202 -23.68 33.96 -8.06
N SER C 203 -23.78 34.69 -9.18
CA SER C 203 -23.26 36.06 -9.24
C SER C 203 -24.13 37.05 -8.49
N SER C 204 -25.38 36.69 -8.21
CA SER C 204 -26.26 37.46 -7.35
C SER C 204 -27.23 36.50 -6.69
N PRO C 205 -27.77 36.85 -5.53
CA PRO C 205 -28.79 35.98 -4.91
C PRO C 205 -29.97 35.76 -5.84
N VAL C 206 -30.42 34.51 -5.92
CA VAL C 206 -31.56 34.11 -6.73
C VAL C 206 -32.80 34.05 -5.87
N THR C 207 -33.91 34.57 -6.38
CA THR C 207 -35.20 34.53 -5.71
C THR C 207 -36.20 33.79 -6.59
N LYS C 208 -37.00 32.92 -5.97
CA LYS C 208 -38.13 32.26 -6.61
C LYS C 208 -39.36 32.49 -5.74
N SER C 209 -40.52 32.72 -6.37
CA SER C 209 -41.72 33.09 -5.63
C SER C 209 -42.97 32.68 -6.38
N PHE C 210 -44.12 32.83 -5.71
CA PHE C 210 -45.44 32.62 -6.29
C PHE C 210 -46.44 33.50 -5.53
N ASN C 211 -47.73 33.37 -5.87
CA ASN C 211 -48.72 34.37 -5.45
C ASN C 211 -49.86 33.84 -4.59
N ARG C 212 -50.65 32.85 -5.04
CA ARG C 212 -51.87 32.50 -4.33
C ARG C 212 -51.65 32.24 -2.85
N GLY C 213 -52.68 32.51 -2.06
CA GLY C 213 -52.63 32.34 -0.61
C GLY C 213 -53.48 33.34 0.15
N GLU D 1 -27.76 -14.87 -8.03
CA GLU D 1 -27.09 -13.70 -7.48
C GLU D 1 -26.92 -13.83 -5.97
N VAL D 2 -25.69 -13.62 -5.48
CA VAL D 2 -25.42 -13.66 -4.05
C VAL D 2 -26.09 -12.47 -3.39
N GLN D 3 -26.81 -12.72 -2.30
CA GLN D 3 -27.76 -11.74 -1.78
C GLN D 3 -28.21 -12.14 -0.38
N LEU D 4 -28.43 -11.14 0.46
CA LEU D 4 -28.98 -11.33 1.81
C LEU D 4 -30.07 -10.29 2.03
N VAL D 5 -31.20 -10.73 2.61
CA VAL D 5 -32.35 -9.85 2.80
C VAL D 5 -32.83 -10.00 4.25
N GLU D 6 -32.74 -8.91 5.01
CA GLU D 6 -33.23 -8.87 6.38
C GLU D 6 -34.72 -8.54 6.41
N SER D 7 -35.36 -8.89 7.52
CA SER D 7 -36.76 -8.53 7.74
C SER D 7 -37.09 -8.72 9.23
N GLY D 8 -38.22 -8.14 9.63
CA GLY D 8 -38.72 -8.27 10.99
C GLY D 8 -38.60 -7.02 11.83
N GLY D 9 -37.88 -5.99 11.35
CA GLY D 9 -37.72 -4.79 12.14
C GLY D 9 -39.01 -3.98 12.24
N GLY D 10 -39.07 -3.15 13.27
CA GLY D 10 -40.24 -2.32 13.47
C GLY D 10 -40.16 -1.59 14.80
N LEU D 11 -41.32 -1.03 15.18
CA LEU D 11 -41.47 -0.39 16.48
C LEU D 11 -41.77 -1.43 17.55
N VAL D 12 -41.01 -1.39 18.63
CA VAL D 12 -41.25 -2.22 19.80
C VAL D 12 -41.09 -1.34 21.03
N ARG D 13 -41.94 -1.57 22.02
CA ARG D 13 -41.86 -0.70 23.19
C ARG D 13 -40.84 -1.27 24.17
N PRO D 14 -40.26 -0.41 25.02
CA PRO D 14 -39.20 -0.87 25.92
C PRO D 14 -39.66 -2.07 26.77
N GLY D 15 -38.74 -3.02 26.96
CA GLY D 15 -39.07 -4.26 27.60
C GLY D 15 -39.70 -5.29 26.69
N GLY D 16 -39.96 -4.94 25.43
CA GLY D 16 -40.59 -5.85 24.50
C GLY D 16 -39.59 -6.76 23.82
N SER D 17 -40.14 -7.65 23.00
CA SER D 17 -39.33 -8.61 22.25
C SER D 17 -39.68 -8.55 20.77
N LEU D 18 -38.81 -9.15 19.96
CA LEU D 18 -38.88 -9.05 18.50
C LEU D 18 -37.84 -9.99 17.89
N THR D 19 -38.16 -10.65 16.78
CA THR D 19 -37.25 -11.59 16.14
C THR D 19 -36.96 -11.15 14.72
N LEU D 20 -35.69 -11.12 14.34
CA LEU D 20 -35.27 -10.74 13.01
C LEU D 20 -34.93 -11.98 12.19
N THR D 21 -35.10 -11.85 10.87
CA THR D 21 -34.86 -12.95 9.94
C THR D 21 -33.96 -12.47 8.81
N CYS D 22 -33.00 -13.31 8.42
CA CYS D 22 -32.12 -13.05 7.29
C CYS D 22 -32.14 -14.25 6.35
N ALA D 23 -32.55 -14.03 5.10
CA ALA D 23 -32.64 -15.09 4.11
C ALA D 23 -31.61 -14.87 3.01
N GLY D 24 -30.79 -15.88 2.77
CA GLY D 24 -29.77 -15.82 1.74
C GLY D 24 -30.18 -16.55 0.48
N SER D 25 -29.54 -16.17 -0.63
CA SER D 25 -29.81 -16.80 -1.92
C SER D 25 -28.56 -16.71 -2.78
N GLY D 26 -28.44 -17.65 -3.71
CA GLY D 26 -27.31 -17.69 -4.62
C GLY D 26 -26.02 -18.20 -4.04
N PHE D 27 -26.08 -18.96 -2.93
CA PHE D 27 -24.87 -19.33 -2.22
C PHE D 27 -25.27 -20.44 -1.25
N MET D 28 -24.30 -21.18 -0.75
CA MET D 28 -24.57 -22.30 0.13
C MET D 28 -24.40 -21.84 1.58
N PHE D 29 -25.50 -21.83 2.33
CA PHE D 29 -25.52 -21.20 3.64
C PHE D 29 -24.61 -21.95 4.61
N ARG D 30 -24.66 -23.29 4.58
CA ARG D 30 -23.88 -24.09 5.52
C ARG D 30 -22.38 -23.96 5.34
N SER D 31 -21.92 -23.26 4.30
CA SER D 31 -20.48 -23.07 4.14
C SER D 31 -19.96 -21.88 4.93
N TYR D 32 -20.81 -20.94 5.34
CA TYR D 32 -20.26 -19.70 5.89
C TYR D 32 -20.77 -19.42 7.29
N ASP D 33 -20.01 -18.57 7.98
CA ASP D 33 -20.44 -17.95 9.22
C ASP D 33 -21.42 -16.83 8.91
N MET D 34 -22.36 -16.62 9.83
CA MET D 34 -23.38 -15.59 9.65
C MET D 34 -23.37 -14.66 10.85
N HIS D 35 -23.64 -13.38 10.60
CA HIS D 35 -23.44 -12.34 11.59
C HIS D 35 -24.56 -11.31 11.52
N TRP D 36 -24.80 -10.66 12.66
CA TRP D 36 -25.63 -9.47 12.74
C TRP D 36 -24.76 -8.30 13.16
N VAL D 37 -24.86 -7.19 12.44
CA VAL D 37 -24.13 -5.97 12.72
C VAL D 37 -25.13 -4.82 12.67
N ARG D 38 -25.14 -3.99 13.71
CA ARG D 38 -26.10 -2.90 13.78
C ARG D 38 -25.40 -1.55 13.68
N GLN D 39 -26.21 -0.52 13.40
CA GLN D 39 -25.70 0.83 13.21
C GLN D 39 -26.82 1.79 13.58
N ALA D 40 -26.63 2.54 14.67
CA ALA D 40 -27.57 3.59 15.02
C ALA D 40 -27.35 4.80 14.15
N ALA D 41 -28.42 5.60 13.98
CA ALA D 41 -28.41 6.73 13.07
C ALA D 41 -27.22 7.65 13.33
N GLY D 42 -26.40 7.86 12.30
CA GLY D 42 -25.26 8.74 12.38
C GLY D 42 -24.07 8.21 13.13
N LYS D 43 -24.09 6.96 13.58
CA LYS D 43 -23.00 6.36 14.32
C LYS D 43 -22.35 5.25 13.49
N GLY D 44 -21.40 4.57 14.10
CA GLY D 44 -20.61 3.56 13.41
C GLY D 44 -21.21 2.18 13.49
N LEU D 45 -20.43 1.20 13.06
CA LEU D 45 -20.87 -0.18 12.99
C LEU D 45 -20.59 -0.89 14.32
N GLU D 46 -21.55 -1.70 14.75
CA GLU D 46 -21.41 -2.48 15.99
C GLU D 46 -21.77 -3.93 15.70
N TRP D 47 -20.78 -4.82 15.80
CA TRP D 47 -21.04 -6.25 15.76
C TRP D 47 -21.79 -6.67 17.00
N VAL D 48 -22.91 -7.37 16.84
CA VAL D 48 -23.77 -7.77 17.95
C VAL D 48 -23.74 -9.27 18.18
N ALA D 49 -23.82 -10.08 17.12
CA ALA D 49 -23.91 -11.52 17.29
C ALA D 49 -23.39 -12.20 16.04
N GLY D 50 -22.90 -13.43 16.23
CA GLY D 50 -22.38 -14.23 15.14
C GLY D 50 -22.54 -15.69 15.46
N MET D 51 -22.33 -16.52 14.43
CA MET D 51 -22.54 -17.95 14.60
C MET D 51 -21.78 -18.72 13.53
N GLY D 52 -20.99 -19.70 13.94
CA GLY D 52 -20.26 -20.52 13.00
C GLY D 52 -21.20 -21.35 12.13
N LYS D 53 -20.63 -21.91 11.06
CA LYS D 53 -21.42 -22.72 10.15
C LYS D 53 -21.90 -24.01 10.80
N GLY D 54 -21.25 -24.46 11.88
CA GLY D 54 -21.66 -25.64 12.60
C GLY D 54 -22.62 -25.38 13.74
N GLY D 55 -22.81 -24.12 14.13
CA GLY D 55 -23.86 -23.77 15.05
C GLY D 55 -23.45 -23.19 16.38
N GLU D 56 -22.16 -22.99 16.65
CA GLU D 56 -21.82 -22.31 17.89
C GLU D 56 -22.04 -20.80 17.72
N THR D 57 -22.45 -20.17 18.82
CA THR D 57 -22.92 -18.80 18.79
C THR D 57 -21.96 -17.89 19.56
N PHE D 58 -21.84 -16.66 19.08
CA PHE D 58 -20.99 -15.64 19.67
C PHE D 58 -21.82 -14.39 19.87
N TYR D 59 -21.45 -13.56 20.84
CA TYR D 59 -22.25 -12.39 21.16
C TYR D 59 -21.37 -11.26 21.68
N ALA D 60 -21.73 -10.03 21.33
CA ALA D 60 -21.12 -8.87 21.95
C ALA D 60 -21.66 -8.69 23.37
N GLY D 61 -20.83 -8.12 24.24
CA GLY D 61 -21.21 -7.99 25.64
C GLY D 61 -22.42 -7.10 25.86
N SER D 62 -22.65 -6.14 24.95
CA SER D 62 -23.78 -5.25 25.11
C SER D 62 -25.12 -5.92 24.84
N VAL D 63 -25.14 -7.20 24.45
CA VAL D 63 -26.39 -7.86 24.09
C VAL D 63 -26.48 -9.27 24.65
N LYS D 64 -25.37 -9.82 25.16
CA LYS D 64 -25.38 -11.21 25.60
C LYS D 64 -26.36 -11.43 26.75
N GLY D 65 -27.11 -12.51 26.67
CA GLY D 65 -28.17 -12.81 27.62
C GLY D 65 -29.53 -12.31 27.20
N ARG D 66 -29.60 -11.34 26.28
CA ARG D 66 -30.86 -10.81 25.77
C ARG D 66 -31.16 -11.24 24.35
N PHE D 67 -30.13 -11.47 23.53
CA PHE D 67 -30.29 -11.83 22.13
C PHE D 67 -29.87 -13.28 21.91
N THR D 68 -30.56 -13.96 21.01
CA THR D 68 -30.26 -15.34 20.66
C THR D 68 -30.20 -15.46 19.13
N ILE D 69 -29.03 -15.80 18.61
CA ILE D 69 -28.84 -16.03 17.19
C ILE D 69 -29.01 -17.52 16.90
N SER D 70 -29.60 -17.83 15.74
CA SER D 70 -29.80 -19.21 15.33
C SER D 70 -29.89 -19.26 13.81
N ARG D 71 -29.73 -20.47 13.27
CA ARG D 71 -29.75 -20.66 11.82
C ARG D 71 -30.39 -21.99 11.47
N GLU D 72 -31.00 -22.02 10.29
CA GLU D 72 -31.47 -23.23 9.63
C GLU D 72 -30.83 -23.23 8.24
N ASN D 73 -29.73 -23.97 8.09
CA ASN D 73 -28.99 -23.91 6.83
C ASN D 73 -29.81 -24.44 5.67
N ALA D 74 -30.76 -25.34 5.93
CA ALA D 74 -31.61 -25.85 4.86
C ALA D 74 -32.48 -24.74 4.27
N ARG D 75 -32.92 -23.80 5.10
CA ARG D 75 -33.73 -22.68 4.63
C ARG D 75 -32.92 -21.47 4.18
N ASN D 76 -31.59 -21.53 4.25
CA ASN D 76 -30.74 -20.36 4.01
C ASN D 76 -31.17 -19.19 4.88
N SER D 77 -31.50 -19.47 6.15
CA SER D 77 -32.09 -18.47 7.03
C SER D 77 -31.26 -18.28 8.29
N LEU D 78 -31.08 -17.00 8.66
CA LEU D 78 -30.45 -16.59 9.90
C LEU D 78 -31.49 -15.85 10.74
N TYR D 79 -31.49 -16.08 12.04
CA TYR D 79 -32.46 -15.46 12.92
C TYR D 79 -31.74 -14.73 14.05
N LEU D 80 -32.37 -13.67 14.56
CA LEU D 80 -31.90 -12.97 15.75
C LEU D 80 -33.12 -12.70 16.62
N GLN D 81 -33.28 -13.48 17.68
CA GLN D 81 -34.39 -13.32 18.61
C GLN D 81 -33.94 -12.44 19.78
N MET D 82 -34.76 -11.44 20.09
CA MET D 82 -34.38 -10.36 20.99
C MET D 82 -35.47 -10.19 22.03
N HIS D 83 -35.09 -10.09 23.30
CA HIS D 83 -36.00 -9.70 24.36
C HIS D 83 -35.32 -8.67 25.25
N SER D 84 -36.09 -8.13 26.19
CA SER D 84 -35.62 -7.09 27.11
C SER D 84 -35.07 -5.88 26.36
N LEU D 85 -35.80 -5.45 25.32
CA LEU D 85 -35.27 -4.43 24.42
C LEU D 85 -35.25 -3.05 25.07
N ARG D 86 -34.14 -2.36 24.85
CA ARG D 86 -33.86 -1.06 25.44
C ARG D 86 -33.74 -0.01 24.34
N ALA D 87 -33.70 1.27 24.75
CA ALA D 87 -33.60 2.35 23.78
C ALA D 87 -32.26 2.35 23.05
N GLY D 88 -31.19 1.93 23.73
CA GLY D 88 -29.89 1.81 23.07
C GLY D 88 -29.84 0.76 21.98
N ASP D 89 -30.87 -0.09 21.90
CA ASP D 89 -30.96 -1.13 20.88
C ASP D 89 -31.47 -0.59 19.55
N THR D 90 -32.05 0.60 19.54
CA THR D 90 -32.51 1.23 18.31
C THR D 90 -31.36 1.38 17.32
N ALA D 91 -31.52 0.76 16.13
CA ALA D 91 -30.51 0.83 15.09
C ALA D 91 -31.04 0.14 13.84
N VAL D 92 -30.33 0.37 12.73
CA VAL D 92 -30.43 -0.50 11.57
C VAL D 92 -29.61 -1.76 11.85
N TYR D 93 -30.19 -2.93 11.61
CA TYR D 93 -29.45 -4.17 11.82
C TYR D 93 -29.16 -4.82 10.48
N TYR D 94 -27.87 -5.09 10.24
CA TYR D 94 -27.40 -5.71 9.00
C TYR D 94 -27.13 -7.20 9.20
N CYS D 95 -27.38 -7.96 8.13
CA CYS D 95 -27.02 -9.37 8.05
C CYS D 95 -25.74 -9.51 7.23
N ALA D 96 -24.85 -10.41 7.67
CA ALA D 96 -23.54 -10.49 7.04
C ALA D 96 -23.02 -11.91 7.08
N ARG D 97 -22.57 -12.41 5.92
CA ARG D 97 -21.90 -13.69 5.82
C ARG D 97 -20.39 -13.47 5.79
N ALA D 98 -19.66 -14.49 6.24
CA ALA D 98 -18.21 -14.44 6.28
C ALA D 98 -17.67 -15.85 6.17
N LEU D 99 -16.41 -15.96 5.76
CA LEU D 99 -15.77 -17.26 5.60
C LEU D 99 -14.59 -17.35 6.56
N THR D 100 -14.62 -18.36 7.43
CA THR D 100 -13.49 -18.70 8.28
C THR D 100 -13.11 -20.15 8.01
N GLU D 101 -11.93 -20.53 8.50
CA GLU D 101 -11.29 -21.73 7.99
C GLU D 101 -10.14 -22.12 8.90
N TRP D 102 -9.88 -23.42 8.97
CA TRP D 102 -8.63 -23.95 9.52
C TRP D 102 -7.85 -24.58 8.37
N LEU D 103 -6.58 -24.19 8.25
CA LEU D 103 -5.67 -24.73 7.24
C LEU D 103 -4.48 -25.37 7.93
N PHE D 104 -4.19 -26.63 7.58
CA PHE D 104 -3.01 -27.29 8.11
C PHE D 104 -1.79 -26.85 7.31
N GLN D 105 -0.86 -26.18 7.99
CA GLN D 105 0.25 -25.49 7.35
C GLN D 105 1.47 -25.56 8.25
N ARG D 106 2.59 -26.02 7.68
CA ARG D 106 3.87 -26.02 8.38
C ARG D 106 3.80 -26.74 9.71
N GLY D 107 2.97 -27.79 9.79
CA GLY D 107 2.88 -28.63 10.96
C GLY D 107 1.86 -28.21 11.99
N THR D 108 1.15 -27.11 11.81
CA THR D 108 0.14 -26.66 12.74
C THR D 108 -1.15 -26.33 12.00
N ARG D 109 -2.25 -26.39 12.74
CA ARG D 109 -3.54 -25.92 12.26
C ARG D 109 -3.62 -24.42 12.48
N ASN D 110 -3.90 -23.67 11.41
CA ASN D 110 -3.96 -22.22 11.48
C ASN D 110 -5.37 -21.76 11.12
N HIS D 111 -5.98 -20.96 12.00
CA HIS D 111 -7.32 -20.44 11.81
C HIS D 111 -7.29 -19.13 11.04
N TYR D 112 -8.17 -18.98 10.04
CA TYR D 112 -8.23 -17.71 9.34
C TYR D 112 -9.64 -17.14 9.34
N TYR D 113 -9.69 -15.83 9.07
CA TYR D 113 -10.91 -15.06 8.95
C TYR D 113 -10.79 -14.18 7.71
N TYR D 114 -11.75 -14.31 6.79
CA TYR D 114 -11.66 -13.71 5.47
C TYR D 114 -12.61 -12.53 5.29
N GLY D 115 -13.17 -12.03 6.38
CA GLY D 115 -13.95 -10.79 6.33
C GLY D 115 -15.42 -11.03 6.10
N MET D 116 -16.23 -10.07 6.53
CA MET D 116 -17.67 -10.10 6.31
C MET D 116 -17.92 -9.78 4.84
N ASP D 117 -18.26 -10.81 4.09
CA ASP D 117 -18.10 -10.84 2.63
C ASP D 117 -19.30 -10.21 1.93
N VAL D 118 -20.50 -10.51 2.41
CA VAL D 118 -21.75 -10.10 1.80
C VAL D 118 -22.66 -9.54 2.88
N TRP D 119 -23.33 -8.44 2.55
CA TRP D 119 -24.12 -7.67 3.50
C TRP D 119 -25.53 -7.49 2.96
N GLY D 120 -26.51 -7.56 3.85
CA GLY D 120 -27.88 -7.36 3.47
C GLY D 120 -28.23 -5.88 3.34
N GLN D 121 -29.53 -5.64 3.14
CA GLN D 121 -30.04 -4.28 2.98
C GLN D 121 -30.15 -3.54 4.30
N GLY D 122 -30.43 -4.25 5.38
CA GLY D 122 -30.64 -3.64 6.68
C GLY D 122 -32.12 -3.56 7.03
N THR D 123 -32.41 -3.72 8.31
CA THR D 123 -33.78 -3.62 8.81
C THR D 123 -33.76 -2.80 10.10
N THR D 124 -34.69 -1.86 10.23
CA THR D 124 -34.63 -0.87 11.30
C THR D 124 -35.44 -1.32 12.50
N ILE D 125 -34.84 -1.19 13.68
CA ILE D 125 -35.50 -1.43 14.95
C ILE D 125 -35.56 -0.12 15.72
N THR D 126 -36.76 0.25 16.16
CA THR D 126 -36.98 1.42 16.99
C THR D 126 -37.65 1.00 18.28
N VAL D 127 -36.96 1.18 19.40
CA VAL D 127 -37.49 0.86 20.72
C VAL D 127 -38.04 2.16 21.30
N SER D 128 -39.37 2.28 21.30
CA SER D 128 -40.03 3.49 21.78
C SER D 128 -41.41 3.13 22.32
N GLY D 129 -41.83 3.87 23.33
CA GLY D 129 -43.16 3.77 23.89
C GLY D 129 -44.21 4.55 23.13
N ALA D 130 -43.81 5.34 22.13
CA ALA D 130 -44.76 6.07 21.32
C ALA D 130 -45.50 5.12 20.39
N SER D 131 -46.44 5.66 19.64
CA SER D 131 -47.32 4.87 18.78
C SER D 131 -47.07 5.22 17.32
N THR D 132 -47.13 4.21 16.46
CA THR D 132 -46.95 4.44 15.03
C THR D 132 -48.09 5.27 14.47
N LYS D 133 -47.77 6.14 13.52
CA LYS D 133 -48.78 6.70 12.63
C LYS D 133 -48.17 6.84 11.25
N GLY D 134 -48.95 6.46 10.24
CA GLY D 134 -48.51 6.51 8.87
C GLY D 134 -48.43 7.93 8.35
N PRO D 135 -47.67 8.13 7.28
CA PRO D 135 -47.48 9.48 6.76
C PRO D 135 -48.67 9.99 5.98
N SER D 136 -48.84 11.30 6.03
CA SER D 136 -49.60 12.02 5.02
C SER D 136 -48.65 12.36 3.88
N VAL D 137 -49.17 12.32 2.65
CA VAL D 137 -48.34 12.48 1.46
C VAL D 137 -48.97 13.54 0.57
N PHE D 138 -48.25 14.64 0.35
CA PHE D 138 -48.81 15.71 -0.45
C PHE D 138 -47.96 15.96 -1.68
N PRO D 139 -48.58 16.31 -2.81
CA PRO D 139 -47.80 16.53 -4.03
C PRO D 139 -47.06 17.85 -3.99
N LEU D 140 -45.85 17.85 -4.53
CA LEU D 140 -45.08 19.06 -4.79
C LEU D 140 -45.16 19.27 -6.30
N ALA D 141 -46.14 20.06 -6.72
CA ALA D 141 -46.51 20.10 -8.13
C ALA D 141 -45.56 21.00 -8.91
N PRO D 142 -45.08 20.57 -10.07
CA PRO D 142 -44.19 21.42 -10.86
C PRO D 142 -44.91 22.68 -11.34
N SER D 143 -44.28 23.82 -11.10
CA SER D 143 -44.85 25.09 -11.54
C SER D 143 -44.82 25.16 -13.06
N SER D 144 -45.88 25.72 -13.63
CA SER D 144 -45.97 25.88 -15.07
C SER D 144 -44.92 26.88 -15.54
N LYS D 145 -44.05 26.43 -16.44
CA LYS D 145 -42.98 27.27 -16.96
C LYS D 145 -43.31 27.87 -18.32
N SER D 146 -44.57 27.76 -18.76
CA SER D 146 -45.02 28.31 -20.04
C SER D 146 -44.19 27.75 -21.20
N THR D 147 -44.06 26.43 -21.22
CA THR D 147 -43.32 25.70 -22.25
C THR D 147 -41.89 26.24 -22.40
N SER D 148 -41.20 26.33 -21.27
CA SER D 148 -39.84 26.87 -21.28
C SER D 148 -38.89 25.97 -22.05
N GLY D 149 -39.07 24.65 -21.94
CA GLY D 149 -38.19 23.71 -22.61
C GLY D 149 -36.96 23.30 -21.83
N GLY D 150 -36.90 23.60 -20.53
CA GLY D 150 -35.75 23.25 -19.72
C GLY D 150 -35.99 22.05 -18.83
N THR D 151 -35.69 22.20 -17.54
CA THR D 151 -35.80 21.11 -16.58
C THR D 151 -36.80 21.49 -15.49
N ALA D 152 -37.74 20.59 -15.21
CA ALA D 152 -38.76 20.81 -14.20
C ALA D 152 -38.48 19.95 -12.97
N ALA D 153 -38.84 20.48 -11.81
CA ALA D 153 -38.70 19.77 -10.54
C ALA D 153 -40.09 19.48 -9.96
N LEU D 154 -40.23 18.30 -9.36
CA LEU D 154 -41.47 17.88 -8.76
C LEU D 154 -41.15 16.89 -7.65
N GLY D 155 -42.11 16.64 -6.78
CA GLY D 155 -41.83 15.75 -5.67
C GLY D 155 -43.03 15.52 -4.78
N CYS D 156 -42.75 14.96 -3.60
CA CYS D 156 -43.75 14.62 -2.61
C CYS D 156 -43.27 14.98 -1.22
N LEU D 157 -44.15 15.60 -0.44
CA LEU D 157 -43.90 15.87 0.98
C LEU D 157 -44.47 14.71 1.79
N VAL D 158 -43.59 14.01 2.51
CA VAL D 158 -43.97 12.90 3.37
C VAL D 158 -43.91 13.42 4.81
N LYS D 159 -45.08 13.61 5.42
CA LYS D 159 -45.22 14.44 6.61
C LYS D 159 -45.93 13.70 7.72
N ASP D 160 -45.47 13.93 8.96
CA ASP D 160 -46.13 13.50 10.19
C ASP D 160 -46.24 11.98 10.27
N TYR D 161 -45.19 11.34 10.81
CA TYR D 161 -45.02 9.91 10.63
C TYR D 161 -44.16 9.45 11.79
N PHE D 162 -44.39 8.22 12.26
CA PHE D 162 -43.53 7.70 13.31
C PHE D 162 -43.65 6.19 13.26
N PRO D 163 -42.56 5.44 13.42
CA PRO D 163 -41.20 5.98 13.52
C PRO D 163 -40.53 6.06 12.16
N GLU D 164 -39.31 6.57 12.16
CA GLU D 164 -38.37 6.40 11.05
C GLU D 164 -38.25 4.90 10.78
N PRO D 165 -38.07 4.46 9.54
CA PRO D 165 -37.98 5.20 8.27
C PRO D 165 -39.20 5.06 7.37
N VAL D 166 -39.25 5.87 6.33
CA VAL D 166 -40.00 5.53 5.12
C VAL D 166 -39.01 5.28 4.01
N THR D 167 -39.48 4.59 2.98
CA THR D 167 -38.81 4.49 1.71
C THR D 167 -39.71 5.15 0.68
N VAL D 168 -39.09 5.85 -0.27
CA VAL D 168 -39.82 6.49 -1.36
C VAL D 168 -39.21 6.03 -2.67
N SER D 169 -40.06 5.62 -3.61
CA SER D 169 -39.64 5.37 -4.97
C SER D 169 -40.51 6.20 -5.90
N TRP D 170 -40.14 6.19 -7.18
CA TRP D 170 -40.85 6.93 -8.21
C TRP D 170 -41.14 6.00 -9.38
N ASN D 171 -42.40 5.97 -9.79
CA ASN D 171 -42.85 5.14 -10.92
C ASN D 171 -42.44 3.68 -10.72
N SER D 172 -42.67 3.19 -9.50
CA SER D 172 -42.43 1.78 -9.16
C SER D 172 -40.99 1.38 -9.41
N GLY D 173 -40.05 2.32 -9.19
CA GLY D 173 -38.65 2.06 -9.39
C GLY D 173 -38.12 2.37 -10.77
N ALA D 174 -39.00 2.60 -11.75
CA ALA D 174 -38.54 2.87 -13.11
C ALA D 174 -37.86 4.22 -13.25
N LEU D 175 -38.03 5.13 -12.27
CA LEU D 175 -37.44 6.45 -12.30
C LEU D 175 -36.47 6.59 -11.14
N THR D 176 -35.18 6.72 -11.44
CA THR D 176 -34.15 6.78 -10.41
C THR D 176 -33.19 7.94 -10.63
N SER D 177 -32.98 8.33 -11.88
CA SER D 177 -32.10 9.46 -12.16
C SER D 177 -32.72 10.76 -11.68
N GLY D 178 -31.91 11.59 -11.03
CA GLY D 178 -32.36 12.88 -10.57
C GLY D 178 -33.24 12.87 -9.34
N VAL D 179 -33.38 11.72 -8.67
CA VAL D 179 -34.21 11.62 -7.48
C VAL D 179 -33.39 12.05 -6.27
N HIS D 180 -33.97 12.89 -5.42
CA HIS D 180 -33.36 13.27 -4.15
C HIS D 180 -34.37 13.06 -3.05
N THR D 181 -34.11 12.10 -2.17
CA THR D 181 -34.90 11.87 -0.98
C THR D 181 -34.14 12.42 0.21
N PHE D 182 -34.62 13.51 0.78
CA PHE D 182 -33.92 14.18 1.84
C PHE D 182 -34.05 13.40 3.15
N PRO D 183 -33.04 13.46 4.02
CA PRO D 183 -33.17 12.82 5.32
C PRO D 183 -34.24 13.51 6.15
N ALA D 184 -34.97 12.72 6.93
CA ALA D 184 -36.09 13.25 7.68
C ALA D 184 -35.61 14.23 8.75
N VAL D 185 -36.50 15.16 9.11
CA VAL D 185 -36.30 16.07 10.22
C VAL D 185 -37.33 15.74 11.29
N LEU D 186 -36.94 15.82 12.54
CA LEU D 186 -37.86 15.61 13.65
C LEU D 186 -38.57 16.92 13.93
N GLN D 187 -39.87 16.95 13.70
CA GLN D 187 -40.45 18.25 13.94
C GLN D 187 -40.82 18.31 15.44
N SER D 188 -41.29 19.49 15.90
CA SER D 188 -41.59 19.69 17.32
C SER D 188 -42.69 18.76 17.84
N SER D 189 -43.59 18.33 16.96
CA SER D 189 -44.73 17.50 17.34
C SER D 189 -44.29 16.09 17.71
N GLY D 190 -43.00 15.83 17.55
CA GLY D 190 -42.47 14.50 17.74
C GLY D 190 -42.58 13.61 16.53
N LEU D 191 -43.08 14.14 15.42
CA LEU D 191 -43.28 13.38 14.19
C LEU D 191 -42.24 13.80 13.17
N TYR D 192 -41.77 12.86 12.37
CA TYR D 192 -40.80 13.17 11.33
C TYR D 192 -41.50 13.60 10.06
N SER D 193 -40.78 14.38 9.26
CA SER D 193 -41.30 14.81 7.97
C SER D 193 -40.12 14.93 7.02
N LEU D 194 -40.32 14.50 5.78
CA LEU D 194 -39.32 14.65 4.74
C LEU D 194 -40.02 14.93 3.42
N SER D 195 -39.24 15.36 2.45
CA SER D 195 -39.71 15.49 1.07
C SER D 195 -38.76 14.73 0.15
N SER D 196 -39.30 14.28 -0.98
CA SER D 196 -38.53 13.61 -2.01
C SER D 196 -38.80 14.32 -3.32
N VAL D 197 -37.73 14.69 -4.03
CA VAL D 197 -37.88 15.44 -5.27
C VAL D 197 -37.18 14.69 -6.40
N VAL D 198 -37.56 15.05 -7.62
CA VAL D 198 -36.89 14.54 -8.81
C VAL D 198 -36.98 15.61 -9.89
N THR D 199 -35.91 15.75 -10.67
CA THR D 199 -35.90 16.66 -11.81
C THR D 199 -36.07 15.86 -13.10
N VAL D 200 -36.79 16.47 -14.03
CA VAL D 200 -37.17 15.83 -15.30
C VAL D 200 -37.08 16.86 -16.40
N PRO D 201 -37.05 16.42 -17.66
CA PRO D 201 -37.28 17.37 -18.75
C PRO D 201 -38.67 17.97 -18.64
N SER D 202 -38.75 19.30 -18.72
CA SER D 202 -40.04 19.98 -18.60
C SER D 202 -40.97 19.63 -19.74
N SER D 203 -40.46 19.15 -20.87
CA SER D 203 -41.28 18.75 -22.00
C SER D 203 -41.95 17.40 -21.80
N SER D 204 -41.63 16.69 -20.72
CA SER D 204 -42.28 15.42 -20.42
C SER D 204 -43.46 15.57 -19.47
N LEU D 205 -43.68 16.77 -18.92
CA LEU D 205 -44.67 16.95 -17.85
C LEU D 205 -46.06 16.54 -18.29
N GLY D 206 -46.40 16.70 -19.57
CA GLY D 206 -47.70 16.37 -20.08
C GLY D 206 -47.81 15.01 -20.75
N THR D 207 -46.71 14.27 -20.86
CA THR D 207 -46.71 12.97 -21.50
C THR D 207 -46.24 11.84 -20.60
N GLN D 208 -45.50 12.13 -19.54
CA GLN D 208 -45.04 11.15 -18.57
C GLN D 208 -45.74 11.40 -17.24
N THR D 209 -46.40 10.37 -16.72
CA THR D 209 -47.01 10.47 -15.40
C THR D 209 -45.93 10.20 -14.35
N TYR D 210 -46.09 10.84 -13.19
CA TYR D 210 -45.10 10.74 -12.12
C TYR D 210 -45.80 10.38 -10.81
N ILE D 211 -45.48 9.20 -10.28
CA ILE D 211 -46.07 8.70 -9.04
C ILE D 211 -44.94 8.52 -8.04
N CYS D 212 -45.08 9.11 -6.87
CA CYS D 212 -44.20 8.76 -5.77
C CYS D 212 -44.83 7.62 -4.99
N ASN D 213 -44.00 6.68 -4.58
CA ASN D 213 -44.44 5.43 -3.95
C ASN D 213 -43.87 5.42 -2.54
N VAL D 214 -44.72 5.67 -1.55
CA VAL D 214 -44.30 5.88 -0.18
C VAL D 214 -44.64 4.63 0.63
N ASN D 215 -43.62 4.02 1.23
CA ASN D 215 -43.77 2.86 2.09
C ASN D 215 -43.40 3.21 3.52
N HIS D 216 -44.23 2.79 4.47
CA HIS D 216 -43.97 2.98 5.90
C HIS D 216 -44.32 1.67 6.60
N LYS D 217 -43.35 0.75 6.59
CA LYS D 217 -43.56 -0.59 7.12
C LYS D 217 -43.96 -0.63 8.60
N PRO D 218 -43.45 0.24 9.48
CA PRO D 218 -43.93 0.18 10.89
C PRO D 218 -45.44 0.33 11.04
N SER D 219 -46.10 1.04 10.12
CA SER D 219 -47.55 1.19 10.18
C SER D 219 -48.26 0.47 9.04
N ASN D 220 -47.56 -0.40 8.31
CA ASN D 220 -48.15 -1.18 7.23
C ASN D 220 -48.84 -0.28 6.19
N THR D 221 -48.19 0.82 5.85
CA THR D 221 -48.79 1.86 5.02
C THR D 221 -48.02 2.01 3.71
N LYS D 222 -48.76 1.96 2.59
CA LYS D 222 -48.21 2.26 1.28
C LYS D 222 -49.11 3.29 0.62
N VAL D 223 -48.54 4.42 0.25
CA VAL D 223 -49.29 5.52 -0.37
C VAL D 223 -48.67 5.81 -1.74
N ASP D 224 -49.49 5.76 -2.78
CA ASP D 224 -49.12 6.15 -4.13
C ASP D 224 -49.83 7.46 -4.45
N LYS D 225 -49.05 8.49 -4.77
CA LYS D 225 -49.59 9.83 -5.01
C LYS D 225 -49.20 10.31 -6.39
N ARG D 226 -50.19 10.74 -7.17
CA ARG D 226 -49.91 11.35 -8.47
C ARG D 226 -49.48 12.80 -8.25
N VAL D 227 -48.42 13.21 -8.94
CA VAL D 227 -47.96 14.59 -8.92
C VAL D 227 -48.26 15.16 -10.30
N GLU D 228 -49.22 16.08 -10.37
CA GLU D 228 -49.65 16.68 -11.62
C GLU D 228 -49.38 18.17 -11.62
N PRO D 229 -49.07 18.75 -12.78
CA PRO D 229 -48.86 20.20 -12.85
C PRO D 229 -50.13 20.96 -12.51
N LYS D 230 -49.98 22.02 -11.72
CA LYS D 230 -51.11 22.84 -11.27
C LYS D 230 -51.74 23.56 -12.45
N GLU E 1 37.05 12.20 -3.79
CA GLU E 1 35.98 11.21 -3.66
C GLU E 1 34.62 11.90 -3.66
N VAL E 2 33.69 11.37 -4.45
CA VAL E 2 32.32 11.89 -4.47
C VAL E 2 31.60 11.44 -3.20
N GLN E 3 31.05 12.39 -2.46
CA GLN E 3 30.63 12.11 -1.11
C GLN E 3 29.53 13.08 -0.67
N LEU E 4 28.71 12.63 0.28
CA LEU E 4 27.68 13.45 0.90
C LEU E 4 27.60 13.08 2.37
N VAL E 5 27.57 14.08 3.24
CA VAL E 5 27.54 13.87 4.68
C VAL E 5 26.40 14.70 5.28
N GLU E 6 25.45 14.04 5.92
CA GLU E 6 24.38 14.71 6.63
C GLU E 6 24.82 15.02 8.06
N SER E 7 24.24 16.07 8.63
CA SER E 7 24.50 16.42 10.02
C SER E 7 23.37 17.28 10.53
N GLY E 8 23.26 17.37 11.86
CA GLY E 8 22.24 18.17 12.51
C GLY E 8 21.06 17.38 13.06
N GLY E 9 21.02 16.06 12.83
CA GLY E 9 19.95 15.26 13.39
C GLY E 9 20.08 15.13 14.90
N GLY E 10 18.96 14.78 15.53
CA GLY E 10 18.95 14.60 16.97
C GLY E 10 17.54 14.57 17.52
N LEU E 11 17.46 14.81 18.83
CA LEU E 11 16.19 14.79 19.56
C LEU E 11 15.58 16.18 19.59
N VAL E 12 14.28 16.25 19.30
CA VAL E 12 13.54 17.51 19.28
C VAL E 12 12.14 17.26 19.84
N ARG E 13 11.62 18.26 20.55
CA ARG E 13 10.28 18.17 21.09
C ARG E 13 9.25 18.18 19.97
N PRO E 14 8.10 17.56 20.17
CA PRO E 14 6.99 17.73 19.22
C PRO E 14 6.59 19.20 19.13
N GLY E 15 6.32 19.66 17.92
CA GLY E 15 6.05 21.07 17.72
C GLY E 15 7.27 21.95 17.67
N GLY E 16 8.47 21.38 17.73
CA GLY E 16 9.70 22.14 17.71
C GLY E 16 10.34 22.18 16.34
N SER E 17 11.56 22.71 16.30
CA SER E 17 12.27 22.97 15.05
C SER E 17 13.62 22.28 15.04
N LEU E 18 14.17 22.13 13.84
CA LEU E 18 15.48 21.51 13.63
C LEU E 18 15.90 21.74 12.19
N THR E 19 17.17 22.01 11.97
CA THR E 19 17.71 22.28 10.63
C THR E 19 18.80 21.26 10.31
N LEU E 20 18.63 20.54 9.21
CA LEU E 20 19.61 19.58 8.75
C LEU E 20 20.52 20.21 7.70
N THR E 21 21.78 19.77 7.68
CA THR E 21 22.75 20.21 6.70
C THR E 21 23.31 19.00 5.96
N CYS E 22 23.49 19.16 4.65
CA CYS E 22 24.16 18.18 3.81
C CYS E 22 25.32 18.84 3.11
N ALA E 23 26.54 18.36 3.39
CA ALA E 23 27.75 18.86 2.75
C ALA E 23 28.21 17.89 1.69
N GLY E 24 28.52 18.42 0.50
CA GLY E 24 29.04 17.60 -0.57
C GLY E 24 30.52 17.85 -0.80
N SER E 25 31.18 16.91 -1.46
CA SER E 25 32.59 17.07 -1.80
C SER E 25 32.92 16.16 -2.97
N GLY E 26 33.97 16.55 -3.72
CA GLY E 26 34.45 15.79 -4.84
C GLY E 26 33.69 15.99 -6.13
N PHE E 27 32.83 17.01 -6.21
CA PHE E 27 31.89 17.11 -7.32
C PHE E 27 31.47 18.57 -7.36
N MET E 28 31.01 19.05 -8.51
CA MET E 28 30.58 20.43 -8.59
C MET E 28 29.13 20.52 -8.15
N PHE E 29 28.89 21.26 -7.06
CA PHE E 29 27.60 21.20 -6.38
C PHE E 29 26.50 21.81 -7.23
N ARG E 30 26.78 22.95 -7.88
CA ARG E 30 25.77 23.66 -8.65
C ARG E 30 25.29 22.90 -9.87
N SER E 31 25.96 21.81 -10.26
CA SER E 31 25.54 21.04 -11.43
C SER E 31 24.36 20.12 -11.18
N TYR E 32 23.99 19.92 -9.92
CA TYR E 32 23.08 18.84 -9.56
C TYR E 32 21.85 19.36 -8.82
N ASP E 33 20.73 18.69 -9.05
CA ASP E 33 19.60 18.80 -8.16
C ASP E 33 19.94 18.10 -6.84
N MET E 34 19.35 18.58 -5.74
CA MET E 34 19.61 17.99 -4.43
C MET E 34 18.28 17.65 -3.77
N HIS E 35 18.30 16.58 -2.98
CA HIS E 35 17.08 15.98 -2.46
C HIS E 35 17.30 15.49 -1.04
N TRP E 36 16.20 15.44 -0.28
CA TRP E 36 16.15 14.78 1.02
C TRP E 36 15.15 13.63 0.93
N VAL E 37 15.54 12.47 1.45
CA VAL E 37 14.71 11.27 1.45
C VAL E 37 14.81 10.65 2.83
N ARG E 38 13.67 10.41 3.47
CA ARG E 38 13.65 9.89 4.82
C ARG E 38 13.17 8.46 4.85
N GLN E 39 13.66 7.70 5.82
CA GLN E 39 13.28 6.30 5.99
C GLN E 39 13.07 6.04 7.47
N ALA E 40 11.84 5.72 7.85
CA ALA E 40 11.56 5.32 9.22
C ALA E 40 12.00 3.87 9.42
N ALA E 41 12.43 3.57 10.65
CA ALA E 41 12.98 2.25 10.97
C ALA E 41 12.04 1.15 10.51
N GLY E 42 12.55 0.27 9.66
CA GLY E 42 11.77 -0.85 9.15
C GLY E 42 10.79 -0.52 8.07
N LYS E 43 10.78 0.71 7.56
CA LYS E 43 9.82 1.12 6.56
C LYS E 43 10.53 1.54 5.27
N GLY E 44 9.75 1.95 4.28
CA GLY E 44 10.26 2.26 2.97
C GLY E 44 10.83 3.67 2.87
N LEU E 45 11.36 3.96 1.68
CA LEU E 45 11.93 5.26 1.39
C LEU E 45 10.83 6.26 1.09
N GLU E 46 10.96 7.47 1.64
CA GLU E 46 9.98 8.54 1.42
C GLU E 46 10.71 9.79 0.95
N TRP E 47 10.48 10.19 -0.29
CA TRP E 47 10.95 11.49 -0.77
C TRP E 47 10.21 12.61 -0.04
N VAL E 48 10.96 13.58 0.50
CA VAL E 48 10.38 14.69 1.23
C VAL E 48 10.57 16.01 0.51
N ALA E 49 11.76 16.28 -0.02
CA ALA E 49 12.00 17.60 -0.58
C ALA E 49 13.12 17.54 -1.61
N GLY E 50 13.03 18.42 -2.61
CA GLY E 50 14.03 18.50 -3.66
C GLY E 50 14.20 19.92 -4.15
N MET E 51 15.32 20.17 -4.83
CA MET E 51 15.64 21.51 -5.31
C MET E 51 16.42 21.40 -6.62
N GLY E 52 16.11 22.28 -7.58
CA GLY E 52 16.86 22.34 -8.82
C GLY E 52 18.19 23.04 -8.66
N LYS E 53 18.95 23.08 -9.76
CA LYS E 53 20.20 23.82 -9.75
C LYS E 53 19.96 25.31 -9.48
N GLY E 54 19.01 25.89 -10.20
CA GLY E 54 18.71 27.29 -10.10
C GLY E 54 17.90 27.69 -8.90
N GLY E 55 17.53 26.74 -8.04
CA GLY E 55 16.97 27.07 -6.75
C GLY E 55 15.47 26.91 -6.59
N GLU E 56 14.75 26.43 -7.60
CA GLU E 56 13.33 26.17 -7.36
C GLU E 56 13.18 24.91 -6.50
N THR E 57 12.16 24.91 -5.67
CA THR E 57 12.00 23.91 -4.63
C THR E 57 10.75 23.07 -4.86
N PHE E 58 10.81 21.83 -4.39
CA PHE E 58 9.74 20.86 -4.54
C PHE E 58 9.53 20.22 -3.18
N TYR E 59 8.31 19.79 -2.90
CA TYR E 59 8.02 19.22 -1.59
C TYR E 59 6.98 18.11 -1.70
N ALA E 60 7.11 17.12 -0.83
CA ALA E 60 6.07 16.11 -0.70
C ALA E 60 4.86 16.70 0.01
N GLY E 61 3.69 16.16 -0.30
CA GLY E 61 2.47 16.66 0.31
C GLY E 61 2.47 16.52 1.82
N SER E 62 3.18 15.53 2.35
CA SER E 62 3.22 15.29 3.79
C SER E 62 4.06 16.29 4.56
N VAL E 63 4.84 17.14 3.87
CA VAL E 63 5.72 18.08 4.54
C VAL E 63 5.56 19.51 4.04
N LYS E 64 4.73 19.75 3.02
CA LYS E 64 4.54 21.11 2.53
C LYS E 64 4.02 22.02 3.63
N GLY E 65 4.64 23.19 3.75
CA GLY E 65 4.31 24.14 4.77
C GLY E 65 5.11 24.03 6.04
N ARG E 66 5.76 22.90 6.28
CA ARG E 66 6.54 22.70 7.50
C ARG E 66 8.03 22.58 7.25
N PHE E 67 8.45 22.13 6.07
CA PHE E 67 9.86 21.99 5.74
C PHE E 67 10.23 22.98 4.64
N THR E 68 11.44 23.54 4.74
CA THR E 68 11.95 24.46 3.72
C THR E 68 13.34 23.99 3.31
N ILE E 69 13.53 23.77 2.01
CA ILE E 69 14.80 23.30 1.48
C ILE E 69 15.53 24.48 0.86
N SER E 70 16.83 24.58 1.11
CA SER E 70 17.66 25.63 0.54
C SER E 70 19.06 25.09 0.32
N ARG E 71 19.79 25.75 -0.56
CA ARG E 71 21.15 25.35 -0.91
C ARG E 71 22.01 26.59 -1.08
N GLU E 72 23.29 26.45 -0.76
CA GLU E 72 24.27 27.51 -0.96
C GLU E 72 25.46 26.87 -1.67
N ASN E 73 25.46 26.97 -3.00
CA ASN E 73 26.45 26.25 -3.79
C ASN E 73 27.87 26.69 -3.44
N ALA E 74 28.03 27.91 -2.94
CA ALA E 74 29.36 28.39 -2.56
C ALA E 74 29.89 27.62 -1.36
N ARG E 75 29.00 27.07 -0.54
CA ARG E 75 29.40 26.26 0.59
C ARG E 75 29.17 24.76 0.36
N ASN E 76 28.81 24.37 -0.86
CA ASN E 76 28.61 22.97 -1.22
C ASN E 76 27.63 22.29 -0.26
N SER E 77 26.60 23.04 0.13
CA SER E 77 25.76 22.68 1.26
C SER E 77 24.28 22.66 0.88
N LEU E 78 23.60 21.60 1.24
CA LEU E 78 22.14 21.49 1.20
C LEU E 78 21.59 21.67 2.61
N TYR E 79 20.44 22.32 2.71
CA TYR E 79 19.82 22.57 4.01
C TYR E 79 18.35 22.16 3.97
N LEU E 80 17.85 21.67 5.10
CA LEU E 80 16.44 21.34 5.26
C LEU E 80 15.99 21.85 6.63
N GLN E 81 15.33 23.01 6.65
CA GLN E 81 14.81 23.57 7.89
C GLN E 81 13.42 23.00 8.15
N MET E 82 13.19 22.56 9.38
CA MET E 82 11.98 21.83 9.76
C MET E 82 11.34 22.53 10.96
N HIS E 83 10.03 22.75 10.90
CA HIS E 83 9.29 23.21 12.06
C HIS E 83 7.97 22.48 12.13
N SER E 84 7.24 22.71 13.22
CA SER E 84 5.97 22.03 13.47
C SER E 84 6.14 20.52 13.43
N LEU E 85 7.25 20.04 13.99
CA LEU E 85 7.59 18.63 13.91
C LEU E 85 6.59 17.77 14.67
N ARG E 86 6.21 16.67 14.03
CA ARG E 86 5.29 15.68 14.57
C ARG E 86 6.04 14.38 14.84
N ALA E 87 5.40 13.47 15.57
CA ALA E 87 6.02 12.17 15.85
C ALA E 87 6.28 11.41 14.56
N GLY E 88 5.37 11.48 13.61
CA GLY E 88 5.49 10.77 12.35
C GLY E 88 6.56 11.31 11.42
N ASP E 89 7.39 12.21 11.94
CA ASP E 89 8.56 12.71 11.22
C ASP E 89 9.84 12.02 11.63
N THR E 90 9.81 11.24 12.70
CA THR E 90 10.97 10.47 13.14
C THR E 90 11.40 9.48 12.05
N ALA E 91 12.67 9.56 11.67
CA ALA E 91 13.23 8.74 10.60
C ALA E 91 14.71 9.09 10.48
N VAL E 92 15.43 8.26 9.73
CA VAL E 92 16.74 8.63 9.23
C VAL E 92 16.55 9.44 7.96
N TYR E 93 17.14 10.63 7.88
CA TYR E 93 16.99 11.46 6.70
C TYR E 93 18.26 11.39 5.85
N TYR E 94 18.10 11.02 4.58
CA TYR E 94 19.21 10.92 3.64
C TYR E 94 19.29 12.16 2.76
N CYS E 95 20.50 12.42 2.27
CA CYS E 95 20.78 13.43 1.26
C CYS E 95 21.20 12.74 -0.03
N ALA E 96 20.70 13.23 -1.16
CA ALA E 96 21.02 12.60 -2.43
C ALA E 96 21.03 13.63 -3.55
N ARG E 97 21.92 13.42 -4.52
CA ARG E 97 22.11 14.29 -5.67
C ARG E 97 21.60 13.59 -6.92
N ALA E 98 21.23 14.39 -7.93
CA ALA E 98 20.67 13.84 -9.16
C ALA E 98 20.86 14.81 -10.31
N LEU E 99 20.93 14.25 -11.53
CA LEU E 99 21.02 15.01 -12.77
C LEU E 99 19.67 15.08 -13.47
N THR E 100 19.20 16.29 -13.75
CA THR E 100 18.10 16.52 -14.67
C THR E 100 18.56 17.46 -15.78
N GLU E 101 17.83 17.43 -16.89
CA GLU E 101 18.41 17.95 -18.12
C GLU E 101 17.33 18.15 -19.16
N TRP E 102 17.42 19.27 -19.89
CA TRP E 102 16.69 19.47 -21.13
C TRP E 102 17.64 19.25 -22.30
N LEU E 103 17.26 18.37 -23.21
CA LEU E 103 18.01 18.10 -24.44
C LEU E 103 17.16 18.50 -25.63
N PHE E 104 17.70 19.35 -26.50
CA PHE E 104 17.02 19.66 -27.74
C PHE E 104 17.27 18.56 -28.76
N GLN E 105 16.20 17.88 -29.16
CA GLN E 105 16.26 16.63 -29.91
C GLN E 105 15.01 16.53 -30.77
N ARG E 106 15.20 16.22 -32.06
CA ARG E 106 14.10 16.05 -33.00
C ARG E 106 13.18 17.27 -33.04
N GLY E 107 13.73 18.45 -32.77
CA GLY E 107 12.98 19.68 -32.87
C GLY E 107 12.19 20.10 -31.66
N THR E 108 12.24 19.35 -30.56
CA THR E 108 11.56 19.73 -29.33
C THR E 108 12.54 19.67 -28.16
N ARG E 109 12.17 20.37 -27.09
CA ARG E 109 12.94 20.33 -25.84
C ARG E 109 12.42 19.18 -24.98
N ASN E 110 13.31 18.26 -24.63
CA ASN E 110 12.95 17.04 -23.93
C ASN E 110 13.63 17.02 -22.57
N HIS E 111 12.85 16.74 -21.52
CA HIS E 111 13.34 16.73 -20.15
C HIS E 111 13.70 15.32 -19.73
N TYR E 112 14.79 15.20 -18.97
CA TYR E 112 15.27 13.90 -18.52
C TYR E 112 15.65 13.97 -17.05
N TYR E 113 15.53 12.82 -16.38
CA TYR E 113 15.91 12.62 -14.99
C TYR E 113 16.72 11.34 -14.91
N TYR E 114 17.96 11.42 -14.42
CA TYR E 114 18.88 10.29 -14.48
C TYR E 114 19.07 9.62 -13.13
N GLY E 115 18.14 9.80 -12.21
CA GLY E 115 18.13 9.04 -10.97
C GLY E 115 18.94 9.68 -9.87
N MET E 116 18.60 9.32 -8.63
CA MET E 116 19.34 9.78 -7.47
C MET E 116 20.60 8.93 -7.33
N ASP E 117 21.74 9.61 -7.34
CA ASP E 117 23.01 9.09 -7.82
C ASP E 117 24.00 8.81 -6.71
N VAL E 118 24.17 9.78 -5.80
CA VAL E 118 25.04 9.66 -4.65
C VAL E 118 24.19 9.92 -3.41
N TRP E 119 24.34 9.07 -2.41
CA TRP E 119 23.54 9.14 -1.19
C TRP E 119 24.46 9.32 0.00
N GLY E 120 23.97 10.03 1.02
CA GLY E 120 24.70 10.18 2.25
C GLY E 120 24.53 8.97 3.15
N GLN E 121 25.20 9.03 4.31
CA GLN E 121 25.07 7.95 5.28
C GLN E 121 23.75 8.02 6.04
N GLY E 122 23.16 9.20 6.14
CA GLY E 122 21.92 9.37 6.88
C GLY E 122 22.14 9.97 8.25
N THR E 123 21.24 10.84 8.68
CA THR E 123 21.21 11.36 10.04
C THR E 123 19.82 11.17 10.62
N THR E 124 19.75 10.86 11.91
CA THR E 124 18.53 10.43 12.54
C THR E 124 17.85 11.56 13.30
N ILE E 125 16.53 11.66 13.15
CA ILE E 125 15.70 12.64 13.85
C ILE E 125 14.69 11.89 14.69
N THR E 126 14.59 12.26 15.96
CA THR E 126 13.62 11.68 16.88
C THR E 126 12.77 12.79 17.48
N VAL E 127 11.45 12.67 17.33
CA VAL E 127 10.51 13.69 17.79
C VAL E 127 9.71 13.08 18.93
N SER E 128 10.10 13.39 20.17
CA SER E 128 9.32 13.00 21.33
C SER E 128 9.65 13.94 22.49
N GLY E 129 8.79 13.93 23.49
CA GLY E 129 9.01 14.71 24.70
C GLY E 129 9.93 14.07 25.71
N ALA E 130 10.37 12.84 25.47
CA ALA E 130 11.23 12.15 26.41
C ALA E 130 12.64 12.74 26.40
N SER E 131 13.40 12.42 27.44
CA SER E 131 14.71 13.00 27.67
C SER E 131 15.82 12.10 27.14
N THR E 132 16.95 12.72 26.82
CA THR E 132 18.14 11.99 26.40
C THR E 132 18.84 11.40 27.62
N LYS E 133 19.30 10.16 27.50
CA LYS E 133 20.28 9.66 28.46
C LYS E 133 21.12 8.58 27.80
N GLY E 134 22.41 8.57 28.17
CA GLY E 134 23.35 7.64 27.61
C GLY E 134 23.20 6.23 28.15
N PRO E 135 23.75 5.26 27.44
CA PRO E 135 23.58 3.86 27.83
C PRO E 135 24.53 3.45 28.96
N SER E 136 24.17 2.34 29.58
CA SER E 136 25.10 1.57 30.39
C SER E 136 25.57 0.39 29.56
N VAL E 137 26.84 0.03 29.71
CA VAL E 137 27.45 -1.01 28.90
C VAL E 137 27.90 -2.14 29.82
N PHE E 138 27.31 -3.32 29.65
CA PHE E 138 27.64 -4.44 30.51
C PHE E 138 28.24 -5.57 29.70
N PRO E 139 29.25 -6.26 30.24
CA PRO E 139 29.88 -7.34 29.48
C PRO E 139 28.96 -8.55 29.36
N LEU E 140 29.09 -9.25 28.24
CA LEU E 140 28.53 -10.58 28.02
C LEU E 140 29.73 -11.52 27.94
N ALA E 141 30.19 -11.98 29.10
CA ALA E 141 31.47 -12.66 29.19
C ALA E 141 31.35 -14.12 28.74
N PRO E 142 32.32 -14.61 27.98
CA PRO E 142 32.20 -15.96 27.40
C PRO E 142 32.17 -17.03 28.49
N SER E 143 31.73 -18.21 28.07
CA SER E 143 31.58 -19.32 29.00
C SER E 143 32.93 -19.90 29.37
N SER E 144 33.14 -20.11 30.68
CA SER E 144 34.27 -20.94 31.11
C SER E 144 34.06 -22.39 30.72
N LYS E 145 32.80 -22.82 30.65
CA LYS E 145 32.43 -24.19 30.36
C LYS E 145 32.44 -24.42 28.85
N SER E 146 32.44 -25.70 28.46
CA SER E 146 32.34 -26.15 27.06
C SER E 146 33.70 -25.86 26.42
N THR E 147 33.78 -25.14 25.28
CA THR E 147 35.00 -24.89 24.48
C THR E 147 35.47 -26.13 23.73
N SER E 148 34.74 -27.24 23.77
CA SER E 148 35.15 -28.43 23.03
C SER E 148 35.03 -28.21 21.53
N GLY E 149 33.91 -27.64 21.06
CA GLY E 149 33.77 -27.36 19.64
C GLY E 149 34.73 -26.31 19.14
N GLY E 150 35.27 -25.50 20.04
CA GLY E 150 36.25 -24.50 19.69
C GLY E 150 35.70 -23.12 19.40
N THR E 151 34.38 -22.95 19.37
CA THR E 151 33.76 -21.65 19.11
C THR E 151 33.16 -21.10 20.40
N ALA E 152 33.59 -19.90 20.78
CA ALA E 152 33.04 -19.19 21.93
C ALA E 152 32.36 -17.91 21.46
N ALA E 153 31.38 -17.47 22.23
CA ALA E 153 30.69 -16.21 21.97
C ALA E 153 30.85 -15.29 23.16
N LEU E 154 31.02 -14.00 22.87
CA LEU E 154 31.10 -12.96 23.89
C LEU E 154 30.48 -11.70 23.30
N GLY E 155 30.20 -10.73 24.15
CA GLY E 155 29.58 -9.52 23.64
C GLY E 155 29.38 -8.47 24.70
N CYS E 156 28.63 -7.43 24.31
CA CYS E 156 28.30 -6.31 25.18
C CYS E 156 26.80 -6.05 25.14
N LEU E 157 26.25 -5.71 26.30
CA LEU E 157 24.85 -5.33 26.43
C LEU E 157 24.78 -3.81 26.62
N VAL E 158 24.27 -3.12 25.62
CA VAL E 158 24.11 -1.67 25.65
C VAL E 158 22.68 -1.40 26.11
N LYS E 159 22.52 -0.88 27.33
CA LYS E 159 21.20 -0.87 27.94
C LYS E 159 20.81 0.52 28.45
N ASP E 160 19.52 0.84 28.28
CA ASP E 160 18.86 2.00 28.87
C ASP E 160 19.41 3.30 28.29
N TYR E 161 18.82 3.78 27.20
CA TYR E 161 19.49 4.75 26.35
C TYR E 161 18.37 5.43 25.57
N PHE E 162 18.51 6.73 25.29
CA PHE E 162 17.49 7.36 24.47
C PHE E 162 18.05 8.67 23.96
N PRO E 163 17.89 8.99 22.67
CA PRO E 163 17.22 8.07 21.75
C PRO E 163 18.16 7.16 20.98
N GLU E 164 17.53 6.47 20.04
CA GLU E 164 18.22 5.71 19.02
C GLU E 164 19.00 6.65 18.10
N PRO E 165 20.17 6.25 17.58
CA PRO E 165 20.91 4.99 17.66
C PRO E 165 22.16 5.01 18.53
N VAL E 166 22.70 3.84 18.84
CA VAL E 166 24.11 3.68 19.17
C VAL E 166 24.78 2.93 18.04
N THR E 167 26.10 3.11 17.95
CA THR E 167 26.95 2.28 17.13
C THR E 167 27.89 1.51 18.05
N VAL E 168 28.24 0.30 17.63
CA VAL E 168 29.18 -0.55 18.35
C VAL E 168 30.21 -1.06 17.37
N SER E 169 31.48 -0.99 17.75
CA SER E 169 32.55 -1.69 17.05
C SER E 169 33.33 -2.51 18.07
N TRP E 170 34.32 -3.25 17.58
CA TRP E 170 35.12 -4.13 18.42
C TRP E 170 36.60 -3.93 18.12
N ASN E 171 37.38 -3.73 19.19
CA ASN E 171 38.83 -3.53 19.10
C ASN E 171 39.17 -2.39 18.14
N SER E 172 38.34 -1.34 18.17
CA SER E 172 38.51 -0.15 17.34
C SER E 172 38.44 -0.48 15.85
N GLY E 173 37.50 -1.36 15.49
CA GLY E 173 37.31 -1.75 14.11
C GLY E 173 38.25 -2.82 13.60
N ALA E 174 39.21 -3.27 14.42
CA ALA E 174 40.12 -4.33 14.01
C ALA E 174 39.48 -5.70 14.07
N LEU E 175 38.29 -5.82 14.64
CA LEU E 175 37.56 -7.09 14.76
C LEU E 175 36.21 -6.93 14.08
N THR E 176 36.02 -7.58 12.93
CA THR E 176 34.78 -7.43 12.19
C THR E 176 34.13 -8.76 11.81
N SER E 177 34.93 -9.81 11.67
CA SER E 177 34.39 -11.12 11.31
C SER E 177 33.62 -11.73 12.47
N GLY E 178 32.42 -12.23 12.19
CA GLY E 178 31.61 -12.84 13.22
C GLY E 178 30.94 -11.88 14.17
N VAL E 179 30.99 -10.58 13.90
CA VAL E 179 30.35 -9.58 14.74
C VAL E 179 28.91 -9.44 14.29
N HIS E 180 27.99 -9.51 15.25
CA HIS E 180 26.59 -9.19 15.04
C HIS E 180 26.16 -8.16 16.07
N THR E 181 25.77 -6.98 15.60
CA THR E 181 25.09 -5.99 16.41
C THR E 181 23.62 -6.02 16.04
N PHE E 182 22.76 -6.26 17.01
CA PHE E 182 21.35 -6.52 16.80
C PHE E 182 20.55 -5.22 16.74
N PRO E 183 19.41 -5.26 16.05
CA PRO E 183 18.49 -4.11 16.11
C PRO E 183 17.98 -3.91 17.53
N ALA E 184 17.98 -2.67 17.99
CA ALA E 184 17.56 -2.36 19.34
C ALA E 184 16.09 -2.73 19.55
N VAL E 185 15.73 -2.92 20.81
CA VAL E 185 14.35 -3.12 21.20
C VAL E 185 13.95 -2.03 22.18
N LEU E 186 12.70 -1.60 22.08
CA LEU E 186 12.13 -0.59 22.97
C LEU E 186 11.43 -1.32 24.12
N GLN E 187 12.01 -1.22 25.31
CA GLN E 187 11.46 -1.89 26.48
C GLN E 187 10.49 -0.97 27.20
N SER E 188 9.66 -1.57 28.06
CA SER E 188 8.48 -0.89 28.59
C SER E 188 8.82 0.44 29.27
N SER E 189 10.03 0.59 29.76
CA SER E 189 10.45 1.82 30.43
C SER E 189 10.57 3.01 29.48
N GLY E 190 10.34 2.82 28.18
CA GLY E 190 10.54 3.87 27.22
C GLY E 190 11.96 4.03 26.74
N LEU E 191 12.83 3.07 27.02
CA LEU E 191 14.25 3.15 26.72
C LEU E 191 14.63 1.98 25.82
N TYR E 192 15.65 2.18 25.00
CA TYR E 192 16.04 1.09 24.12
C TYR E 192 17.19 0.29 24.73
N SER E 193 17.43 -0.89 24.15
CA SER E 193 18.48 -1.77 24.61
C SER E 193 18.82 -2.71 23.46
N LEU E 194 20.12 -2.89 23.20
CA LEU E 194 20.58 -3.86 22.23
C LEU E 194 21.82 -4.54 22.76
N SER E 195 22.26 -5.58 22.07
CA SER E 195 23.52 -6.24 22.38
C SER E 195 24.30 -6.50 21.10
N SER E 196 25.59 -6.24 21.16
CA SER E 196 26.52 -6.65 20.12
C SER E 196 27.27 -7.89 20.59
N VAL E 197 27.50 -8.83 19.68
CA VAL E 197 28.17 -10.08 20.00
C VAL E 197 29.16 -10.43 18.90
N VAL E 198 30.15 -11.23 19.26
CA VAL E 198 31.11 -11.77 18.32
C VAL E 198 31.45 -13.19 18.76
N THR E 199 31.64 -14.08 17.78
CA THR E 199 32.03 -15.45 18.05
C THR E 199 33.45 -15.67 17.57
N VAL E 200 34.29 -16.20 18.46
CA VAL E 200 35.71 -16.40 18.18
C VAL E 200 36.02 -17.87 18.44
N PRO E 201 37.11 -18.38 17.85
CA PRO E 201 37.64 -19.67 18.30
C PRO E 201 37.92 -19.60 19.81
N SER E 202 37.49 -20.64 20.52
CA SER E 202 37.56 -20.61 21.98
C SER E 202 38.99 -20.71 22.50
N SER E 203 39.94 -21.09 21.66
CA SER E 203 41.34 -20.96 22.04
C SER E 203 41.81 -19.52 21.99
N SER E 204 41.09 -18.63 21.29
CA SER E 204 41.42 -17.21 21.29
C SER E 204 41.16 -16.56 22.65
N LEU E 205 40.29 -17.15 23.47
CA LEU E 205 39.94 -16.52 24.74
C LEU E 205 41.15 -16.35 25.65
N GLY E 206 42.11 -17.27 25.58
CA GLY E 206 43.30 -17.19 26.40
C GLY E 206 44.41 -16.32 25.86
N THR E 207 44.32 -15.89 24.61
CA THR E 207 45.39 -15.15 23.97
C THR E 207 44.97 -13.80 23.40
N GLN E 208 43.68 -13.55 23.23
CA GLN E 208 43.20 -12.31 22.64
C GLN E 208 42.49 -11.45 23.68
N THR E 209 42.47 -10.15 23.42
CA THR E 209 41.75 -9.18 24.23
C THR E 209 40.60 -8.64 23.42
N TYR E 210 39.42 -8.51 24.05
CA TYR E 210 38.22 -8.10 23.36
C TYR E 210 37.61 -6.89 24.05
N ILE E 211 37.39 -5.82 23.27
CA ILE E 211 36.85 -4.56 23.78
C ILE E 211 35.79 -4.09 22.80
N CYS E 212 34.59 -3.79 23.30
CA CYS E 212 33.56 -3.18 22.49
C CYS E 212 33.57 -1.67 22.70
N ASN E 213 33.35 -0.93 21.63
CA ASN E 213 33.42 0.52 21.62
C ASN E 213 32.03 1.05 21.31
N VAL E 214 31.44 1.77 22.25
CA VAL E 214 30.02 2.12 22.18
C VAL E 214 29.89 3.63 22.01
N ASN E 215 29.30 4.05 20.89
CA ASN E 215 29.03 5.45 20.61
C ASN E 215 27.54 5.72 20.81
N HIS E 216 27.22 6.77 21.56
CA HIS E 216 25.85 7.28 21.65
C HIS E 216 25.93 8.78 21.48
N LYS E 217 26.04 9.23 20.23
CA LYS E 217 26.09 10.66 19.88
C LYS E 217 25.09 11.53 20.63
N PRO E 218 23.77 11.24 20.65
CA PRO E 218 22.83 12.19 21.26
C PRO E 218 23.19 12.58 22.69
N SER E 219 23.80 11.68 23.46
CA SER E 219 24.29 12.01 24.79
C SER E 219 25.79 12.30 24.81
N ASN E 220 26.43 12.33 23.65
CA ASN E 220 27.88 12.60 23.55
C ASN E 220 28.69 11.57 24.33
N THR E 221 28.28 10.31 24.26
CA THR E 221 28.83 9.26 25.10
C THR E 221 29.73 8.32 24.29
N LYS E 222 30.94 8.09 24.80
CA LYS E 222 31.90 7.14 24.26
C LYS E 222 32.31 6.21 25.40
N VAL E 223 31.98 4.93 25.29
CA VAL E 223 32.27 3.95 26.33
C VAL E 223 32.98 2.77 25.70
N ASP E 224 34.18 2.46 26.20
CA ASP E 224 34.93 1.28 25.82
C ASP E 224 34.90 0.30 26.98
N LYS E 225 34.43 -0.92 26.72
CA LYS E 225 34.31 -1.94 27.75
C LYS E 225 35.07 -3.18 27.34
N ARG E 226 35.91 -3.69 28.24
CA ARG E 226 36.60 -4.95 28.02
C ARG E 226 35.73 -6.11 28.50
N VAL E 227 35.60 -7.12 27.65
CA VAL E 227 34.86 -8.33 27.98
C VAL E 227 35.87 -9.43 28.27
N GLU E 228 35.99 -9.82 29.54
CA GLU E 228 36.91 -10.87 29.99
C GLU E 228 36.15 -12.14 30.36
N PRO E 229 36.75 -13.31 30.14
CA PRO E 229 36.12 -14.55 30.59
C PRO E 229 35.91 -14.56 32.09
N LYS E 230 34.83 -15.21 32.52
CA LYS E 230 34.45 -15.21 33.92
C LYS E 230 35.31 -16.19 34.73
N GLU F 1 0.35 11.82 -6.49
CA GLU F 1 -0.90 11.17 -6.88
C GLU F 1 -0.60 9.93 -7.72
N ILE F 2 0.68 9.71 -7.99
CA ILE F 2 1.15 8.49 -8.63
C ILE F 2 1.51 7.48 -7.54
N VAL F 3 0.98 6.27 -7.64
CA VAL F 3 1.28 5.20 -6.71
C VAL F 3 2.01 4.09 -7.46
N LEU F 4 3.07 3.58 -6.85
CA LEU F 4 3.83 2.46 -7.37
C LEU F 4 3.60 1.27 -6.44
N THR F 5 2.86 0.27 -6.92
CA THR F 5 2.66 -0.96 -6.18
C THR F 5 3.62 -2.02 -6.70
N GLN F 6 4.40 -2.60 -5.80
CA GLN F 6 5.57 -3.39 -6.14
C GLN F 6 5.36 -4.81 -5.61
N SER F 7 5.67 -5.79 -6.45
CA SER F 7 5.34 -7.18 -6.13
C SER F 7 6.39 -8.10 -6.71
N PRO F 8 6.65 -9.26 -6.08
CA PRO F 8 6.03 -9.71 -4.83
C PRO F 8 6.57 -8.96 -3.62
N GLY F 9 5.81 -8.98 -2.51
CA GLY F 9 6.26 -8.31 -1.31
C GLY F 9 7.59 -8.86 -0.80
N THR F 10 7.77 -10.17 -0.89
CA THR F 10 9.01 -10.83 -0.52
C THR F 10 9.33 -11.89 -1.57
N LEU F 11 10.62 -12.01 -1.92
CA LEU F 11 11.07 -12.91 -2.97
C LEU F 11 12.19 -13.79 -2.40
N SER F 12 11.89 -15.07 -2.21
CA SER F 12 12.90 -16.05 -1.80
C SER F 12 13.37 -16.81 -3.04
N LEU F 13 14.68 -16.77 -3.29
CA LEU F 13 15.28 -17.47 -4.41
C LEU F 13 16.69 -17.90 -4.03
N SER F 14 17.20 -18.92 -4.75
CA SER F 14 18.51 -19.52 -4.58
C SER F 14 19.54 -18.85 -5.48
N PRO F 15 20.81 -18.84 -5.07
CA PRO F 15 21.86 -18.28 -5.93
C PRO F 15 21.89 -18.96 -7.29
N GLY F 16 22.10 -18.16 -8.34
CA GLY F 16 22.11 -18.64 -9.70
C GLY F 16 20.77 -18.53 -10.42
N GLU F 17 19.67 -18.42 -9.69
CA GLU F 17 18.36 -18.29 -10.32
C GLU F 17 18.13 -16.85 -10.76
N ARG F 18 17.03 -16.64 -11.49
CA ARG F 18 16.69 -15.35 -12.07
C ARG F 18 15.59 -14.72 -11.25
N ALA F 19 15.76 -13.45 -10.90
CA ALA F 19 14.83 -12.72 -10.05
C ALA F 19 14.08 -11.69 -10.89
N THR F 20 12.75 -11.80 -10.92
CA THR F 20 11.90 -10.87 -11.66
C THR F 20 11.09 -10.07 -10.65
N LEU F 21 11.30 -8.76 -10.63
CA LEU F 21 10.62 -7.85 -9.72
C LEU F 21 9.73 -6.91 -10.51
N SER F 22 8.50 -6.74 -10.05
CA SER F 22 7.51 -5.93 -10.76
C SER F 22 7.22 -4.64 -10.00
N CYS F 23 6.99 -3.58 -10.77
CA CYS F 23 6.58 -2.27 -10.26
C CYS F 23 5.40 -1.80 -11.10
N ARG F 24 4.24 -1.63 -10.47
CA ARG F 24 3.02 -1.23 -11.17
C ARG F 24 2.65 0.20 -10.81
N ALA F 25 2.37 0.99 -11.84
CA ALA F 25 2.01 2.39 -11.67
C ALA F 25 0.48 2.52 -11.75
N SER F 26 -0.07 3.35 -10.85
CA SER F 26 -1.50 3.62 -10.79
C SER F 26 -1.96 4.33 -12.05
N GLN F 27 -1.04 4.64 -12.94
CA GLN F 27 -1.32 5.50 -14.08
C GLN F 27 -0.13 5.43 -15.03
N ILE F 28 -0.38 5.66 -16.32
CA ILE F 28 0.69 5.52 -17.31
C ILE F 28 1.81 6.50 -17.01
N ILE F 29 3.06 6.03 -17.07
CA ILE F 29 4.24 6.81 -16.73
C ILE F 29 5.25 6.71 -17.86
N ASP F 30 5.84 7.85 -18.20
CA ASP F 30 6.84 7.91 -19.25
C ASP F 30 8.11 7.19 -18.81
N ASN F 31 8.56 6.24 -19.64
CA ASN F 31 9.75 5.43 -19.38
C ASN F 31 10.93 6.20 -18.80
N LYS F 32 11.19 7.40 -19.30
CA LYS F 32 12.37 8.14 -18.86
C LYS F 32 12.31 8.58 -17.42
N TYR F 33 11.18 8.44 -16.74
CA TYR F 33 11.06 8.90 -15.36
C TYR F 33 10.98 7.76 -14.35
N LEU F 34 11.19 6.51 -14.76
CA LEU F 34 11.18 5.38 -13.84
C LEU F 34 12.61 4.98 -13.51
N ALA F 35 12.89 4.79 -12.22
CA ALA F 35 14.19 4.37 -11.74
C ALA F 35 14.03 3.23 -10.74
N TRP F 36 15.15 2.51 -10.50
CA TRP F 36 15.22 1.40 -9.58
C TRP F 36 16.41 1.56 -8.64
N TYR F 37 16.25 1.06 -7.42
CA TYR F 37 17.26 1.25 -6.38
C TYR F 37 17.49 -0.05 -5.62
N GLN F 38 18.67 -0.13 -5.00
CA GLN F 38 19.09 -1.24 -4.16
C GLN F 38 19.45 -0.70 -2.78
N GLN F 39 18.84 -1.25 -1.73
CA GLN F 39 19.27 -0.90 -0.38
C GLN F 39 19.64 -2.18 0.36
N LYS F 40 20.93 -2.46 0.41
CA LYS F 40 21.44 -3.57 1.19
C LYS F 40 21.31 -3.24 2.68
N PRO F 41 21.30 -4.26 3.53
CA PRO F 41 21.11 -4.01 4.98
C PRO F 41 22.18 -3.10 5.56
N GLY F 42 21.74 -2.10 6.32
CA GLY F 42 22.62 -1.18 6.99
C GLY F 42 23.25 -0.12 6.11
N GLN F 43 22.77 0.07 4.89
CA GLN F 43 23.43 0.95 3.94
C GLN F 43 22.43 1.94 3.36
N ALA F 44 22.98 2.92 2.64
CA ALA F 44 22.20 3.85 1.86
C ALA F 44 21.72 3.19 0.56
N PRO F 45 20.62 3.66 -0.02
CA PRO F 45 20.19 3.14 -1.32
C PRO F 45 21.27 3.30 -2.38
N ARG F 46 21.22 2.42 -3.38
CA ARG F 46 22.10 2.53 -4.55
C ARG F 46 21.26 2.54 -5.82
N LEU F 47 21.50 3.55 -6.65
CA LEU F 47 20.86 3.60 -7.96
C LEU F 47 21.29 2.43 -8.82
N LEU F 48 20.31 1.82 -9.49
CA LEU F 48 20.54 0.70 -10.39
C LEU F 48 20.15 1.02 -11.83
N ILE F 49 18.96 1.59 -12.04
CA ILE F 49 18.41 1.82 -13.36
C ILE F 49 17.82 3.23 -13.40
N TYR F 50 17.95 3.88 -14.55
CA TYR F 50 17.48 5.24 -14.77
C TYR F 50 16.68 5.17 -16.06
N GLY F 51 15.63 5.97 -16.18
CA GLY F 51 14.82 5.92 -17.39
C GLY F 51 14.37 4.54 -17.79
N ALA F 52 14.01 3.71 -16.80
CA ALA F 52 13.35 2.41 -16.98
C ALA F 52 14.26 1.28 -17.44
N SER F 53 15.27 1.58 -18.26
CA SER F 53 16.01 0.50 -18.91
C SER F 53 17.52 0.74 -19.05
N ASN F 54 18.04 1.88 -18.61
CA ASN F 54 19.46 2.17 -18.74
C ASN F 54 20.15 1.93 -17.40
N ARG F 55 21.26 1.20 -17.43
CA ARG F 55 21.98 0.90 -16.20
C ARG F 55 22.78 2.12 -15.75
N ALA F 56 22.73 2.39 -14.45
CA ALA F 56 23.65 3.37 -13.89
C ALA F 56 25.08 2.85 -13.99
N THR F 57 26.03 3.77 -13.95
CA THR F 57 27.42 3.40 -14.13
C THR F 57 27.92 2.57 -12.95
N GLY F 58 28.71 1.54 -13.26
CA GLY F 58 29.20 0.63 -12.25
C GLY F 58 28.26 -0.48 -11.85
N ILE F 59 27.13 -0.62 -12.55
CA ILE F 59 26.13 -1.64 -12.23
C ILE F 59 26.32 -2.82 -13.18
N PRO F 60 26.44 -4.04 -12.67
CA PRO F 60 26.81 -5.18 -13.53
C PRO F 60 25.73 -5.51 -14.56
N ASP F 61 26.14 -6.33 -15.52
CA ASP F 61 25.28 -6.71 -16.63
C ASP F 61 24.04 -7.48 -16.21
N ARG F 62 24.11 -8.19 -15.07
CA ARG F 62 22.99 -9.06 -14.69
C ARG F 62 21.77 -8.27 -14.22
N PHE F 63 21.94 -7.01 -13.84
CA PHE F 63 20.80 -6.14 -13.54
C PHE F 63 20.27 -5.55 -14.83
N SER F 64 18.98 -5.74 -15.10
CA SER F 64 18.34 -5.23 -16.31
C SER F 64 16.96 -4.70 -15.97
N GLY F 65 16.68 -3.48 -16.43
CA GLY F 65 15.36 -2.90 -16.34
C GLY F 65 14.63 -2.94 -17.67
N SER F 66 13.31 -3.01 -17.63
CA SER F 66 12.50 -3.06 -18.83
C SER F 66 11.07 -2.71 -18.45
N GLY F 67 10.24 -2.51 -19.48
CA GLY F 67 8.83 -2.25 -19.30
C GLY F 67 8.41 -0.96 -19.97
N SER F 68 7.11 -0.67 -19.84
CA SER F 68 6.50 0.51 -20.42
C SER F 68 5.09 0.65 -19.85
N GLY F 69 4.50 1.83 -20.06
CA GLY F 69 3.14 2.10 -19.64
C GLY F 69 2.94 2.13 -18.13
N THR F 70 2.35 1.08 -17.59
CA THR F 70 2.13 0.96 -16.16
C THR F 70 2.84 -0.23 -15.53
N GLU F 71 3.45 -1.10 -16.32
CA GLU F 71 4.08 -2.32 -15.83
C GLU F 71 5.57 -2.25 -16.11
N PHE F 72 6.37 -2.32 -15.06
CA PHE F 72 7.82 -2.23 -15.17
C PHE F 72 8.46 -3.34 -14.37
N THR F 73 9.58 -3.88 -14.89
CA THR F 73 10.22 -5.04 -14.31
C THR F 73 11.72 -4.80 -14.17
N LEU F 74 12.26 -5.11 -12.99
CA LEU F 74 13.68 -5.27 -12.78
C LEU F 74 14.01 -6.76 -12.79
N ILE F 75 15.17 -7.10 -13.36
CA ILE F 75 15.55 -8.50 -13.50
C ILE F 75 17.01 -8.67 -13.12
N ILE F 76 17.28 -9.68 -12.29
CA ILE F 76 18.62 -10.01 -11.82
C ILE F 76 18.88 -11.44 -12.29
N SER F 77 19.73 -11.58 -13.32
CA SER F 77 19.76 -12.84 -14.06
C SER F 77 20.38 -13.96 -13.23
N ARG F 78 21.54 -13.71 -12.61
CA ARG F 78 22.27 -14.76 -11.89
C ARG F 78 22.49 -14.28 -10.45
N LEU F 79 21.52 -14.59 -9.59
CA LEU F 79 21.56 -14.14 -8.19
C LEU F 79 22.83 -14.60 -7.50
N GLU F 80 23.29 -13.77 -6.57
CA GLU F 80 24.43 -14.02 -5.71
C GLU F 80 24.03 -13.64 -4.29
N PRO F 81 24.70 -14.21 -3.28
CA PRO F 81 24.35 -13.84 -1.89
C PRO F 81 24.48 -12.35 -1.62
N GLU F 82 25.32 -11.63 -2.37
CA GLU F 82 25.48 -10.19 -2.19
C GLU F 82 24.27 -9.41 -2.70
N ASP F 83 23.47 -10.00 -3.59
CA ASP F 83 22.27 -9.34 -4.09
C ASP F 83 21.17 -9.22 -3.05
N LEU F 84 21.40 -9.72 -1.84
CA LEU F 84 20.45 -9.60 -0.75
C LEU F 84 20.23 -8.14 -0.39
N ALA F 85 18.98 -7.67 -0.54
CA ALA F 85 18.63 -6.28 -0.28
C ALA F 85 17.13 -6.07 -0.42
N VAL F 86 16.70 -4.81 -0.28
CA VAL F 86 15.37 -4.37 -0.65
C VAL F 86 15.48 -3.51 -1.89
N TYR F 87 14.60 -3.74 -2.85
CA TYR F 87 14.62 -3.08 -4.15
C TYR F 87 13.42 -2.15 -4.26
N TYR F 88 13.68 -0.90 -4.58
CA TYR F 88 12.66 0.13 -4.68
C TYR F 88 12.61 0.67 -6.10
N CYS F 89 11.41 0.83 -6.64
CA CYS F 89 11.21 1.57 -7.88
C CYS F 89 10.78 3.00 -7.57
N GLN F 90 11.17 3.92 -8.45
CA GLN F 90 10.95 5.35 -8.24
C GLN F 90 10.38 5.95 -9.53
N GLN F 91 9.60 7.01 -9.39
CA GLN F 91 9.08 7.72 -10.55
C GLN F 91 9.06 9.21 -10.29
N PHE F 92 9.28 9.99 -11.34
CA PHE F 92 9.08 11.43 -11.32
C PHE F 92 7.77 11.79 -11.99
N GLY F 93 6.94 12.53 -11.28
CA GLY F 93 5.67 12.98 -11.80
C GLY F 93 5.12 14.15 -11.03
N SER F 94 4.61 15.16 -11.75
CA SER F 94 3.99 16.33 -11.13
C SER F 94 4.94 17.02 -10.15
N SER F 95 6.20 17.17 -10.57
CA SER F 95 7.25 17.82 -9.76
C SER F 95 7.36 17.19 -8.38
N VAL F 96 7.07 15.90 -8.28
CA VAL F 96 7.14 15.14 -7.03
C VAL F 96 7.72 13.76 -7.33
N TYR F 97 8.46 13.22 -6.37
CA TYR F 97 9.04 11.89 -6.43
C TYR F 97 8.31 10.96 -5.48
N THR F 98 8.03 9.74 -5.94
CA THR F 98 7.45 8.72 -5.09
C THR F 98 8.14 7.38 -5.33
N PHE F 99 8.25 6.61 -4.26
CA PHE F 99 8.83 5.27 -4.29
C PHE F 99 7.73 4.21 -4.23
N GLY F 100 8.13 2.98 -4.54
CA GLY F 100 7.32 1.83 -4.20
C GLY F 100 7.55 1.39 -2.77
N GLN F 101 6.76 0.41 -2.33
CA GLN F 101 6.89 -0.05 -0.96
C GLN F 101 8.07 -0.99 -0.77
N GLY F 102 8.73 -1.40 -1.85
CA GLY F 102 9.95 -2.19 -1.75
C GLY F 102 9.69 -3.68 -1.84
N THR F 103 10.74 -4.40 -2.25
CA THR F 103 10.69 -5.86 -2.40
C THR F 103 11.89 -6.47 -1.67
N ARG F 104 11.61 -7.16 -0.56
CA ARG F 104 12.65 -7.94 0.10
C ARG F 104 13.11 -9.06 -0.82
N LEU F 105 14.37 -9.04 -1.22
CA LEU F 105 14.95 -10.19 -1.92
C LEU F 105 15.74 -11.01 -0.89
N GLU F 106 15.25 -12.22 -0.64
CA GLU F 106 15.79 -13.10 0.39
C GLU F 106 16.50 -14.26 -0.26
N ILE F 107 17.72 -14.55 0.20
CA ILE F 107 18.57 -15.57 -0.40
C ILE F 107 18.30 -16.91 0.27
N LYS F 108 17.90 -17.89 -0.53
CA LYS F 108 17.63 -19.22 0.00
C LYS F 108 18.93 -19.97 0.24
N ARG F 109 18.94 -20.77 1.30
CA ARG F 109 20.14 -21.46 1.76
C ARG F 109 19.77 -22.85 2.25
N THR F 110 20.76 -23.73 2.31
CA THR F 110 20.68 -24.97 3.09
C THR F 110 20.25 -24.67 4.52
N VAL F 111 19.72 -25.69 5.20
CA VAL F 111 19.31 -25.53 6.60
C VAL F 111 20.55 -25.58 7.49
N ALA F 112 20.63 -24.65 8.44
CA ALA F 112 21.78 -24.53 9.33
C ALA F 112 21.28 -24.36 10.75
N ALA F 113 21.73 -25.22 11.65
CA ALA F 113 21.31 -25.15 13.03
C ALA F 113 21.97 -23.97 13.74
N PRO F 114 21.29 -23.35 14.70
CA PRO F 114 21.92 -22.29 15.49
C PRO F 114 22.82 -22.87 16.56
N SER F 115 23.99 -22.25 16.73
CA SER F 115 24.79 -22.48 17.92
C SER F 115 24.28 -21.56 19.02
N VAL F 116 23.97 -22.13 20.17
CA VAL F 116 23.28 -21.42 21.25
C VAL F 116 24.29 -21.06 22.33
N PHE F 117 24.13 -19.85 22.88
CA PHE F 117 24.95 -19.39 23.99
C PHE F 117 24.06 -18.63 24.97
N ILE F 118 24.42 -18.68 26.24
CA ILE F 118 23.69 -18.00 27.30
C ILE F 118 24.68 -17.25 28.18
N PHE F 119 24.30 -16.04 28.59
CA PHE F 119 25.16 -15.19 29.42
C PHE F 119 24.38 -14.78 30.66
N PRO F 120 24.86 -15.11 31.86
CA PRO F 120 24.23 -14.61 33.08
C PRO F 120 24.39 -13.12 33.20
N PRO F 121 23.68 -12.47 34.13
CA PRO F 121 23.89 -11.03 34.34
C PRO F 121 25.32 -10.73 34.75
N SER F 122 25.75 -9.51 34.47
CA SER F 122 27.04 -9.04 34.95
C SER F 122 26.91 -8.53 36.37
N ASP F 123 27.98 -8.67 37.15
CA ASP F 123 28.00 -8.14 38.50
C ASP F 123 27.78 -6.63 38.51
N GLU F 124 28.12 -5.97 37.41
CA GLU F 124 27.97 -4.52 37.33
C GLU F 124 26.50 -4.14 37.28
N GLN F 125 25.71 -4.87 36.51
CA GLN F 125 24.28 -4.57 36.37
C GLN F 125 23.53 -4.90 37.65
N LEU F 126 23.91 -5.98 38.33
CA LEU F 126 23.16 -6.45 39.49
C LEU F 126 23.13 -5.42 40.60
N LYS F 127 24.26 -4.75 40.85
CA LYS F 127 24.32 -3.76 41.92
C LYS F 127 23.41 -2.57 41.65
N SER F 128 22.93 -2.39 40.41
CA SER F 128 22.01 -1.32 40.07
C SER F 128 20.55 -1.72 40.25
N GLY F 129 20.28 -2.97 40.60
CA GLY F 129 18.93 -3.40 40.91
C GLY F 129 18.19 -4.16 39.82
N THR F 130 18.86 -4.53 38.74
CA THR F 130 18.23 -5.18 37.61
C THR F 130 19.11 -6.31 37.09
N ALA F 131 18.47 -7.40 36.66
CA ALA F 131 19.17 -8.51 36.04
C ALA F 131 18.75 -8.64 34.58
N SER F 132 19.72 -8.92 33.72
CA SER F 132 19.47 -9.27 32.33
C SER F 132 20.16 -10.60 32.02
N VAL F 133 19.40 -11.54 31.49
CA VAL F 133 19.93 -12.83 31.05
C VAL F 133 19.70 -12.92 29.55
N VAL F 134 20.77 -13.21 28.80
CA VAL F 134 20.77 -13.12 27.36
C VAL F 134 21.01 -14.50 26.76
N CYS F 135 20.21 -14.87 25.76
CA CYS F 135 20.37 -16.12 25.02
C CYS F 135 20.66 -15.78 23.56
N LEU F 136 21.83 -16.19 23.08
CA LEU F 136 22.25 -15.94 21.71
C LEU F 136 22.04 -17.17 20.85
N LEU F 137 21.42 -16.97 19.68
CA LEU F 137 21.32 -17.97 18.63
C LEU F 137 22.07 -17.42 17.42
N ASN F 138 23.03 -18.19 16.92
CA ASN F 138 23.98 -17.67 15.96
C ASN F 138 23.89 -18.42 14.63
N ASN F 139 23.86 -17.66 13.54
CA ASN F 139 24.08 -18.15 12.18
C ASN F 139 23.24 -19.38 11.86
N PHE F 140 21.94 -19.13 11.66
CA PHE F 140 20.99 -20.19 11.40
C PHE F 140 20.07 -19.83 10.23
N TYR F 141 19.48 -20.86 9.63
CA TYR F 141 18.57 -20.71 8.52
C TYR F 141 17.68 -21.94 8.46
N PRO F 142 16.36 -21.79 8.24
CA PRO F 142 15.62 -20.55 7.99
C PRO F 142 15.44 -19.69 9.23
N ARG F 143 14.73 -18.58 9.07
CA ARG F 143 14.72 -17.59 10.13
C ARG F 143 13.87 -17.99 11.32
N GLU F 144 12.78 -18.73 11.08
CA GLU F 144 11.88 -19.09 12.17
C GLU F 144 12.62 -19.84 13.27
N ALA F 145 12.59 -19.26 14.47
CA ALA F 145 13.24 -19.84 15.64
C ALA F 145 12.42 -19.50 16.87
N LYS F 146 12.36 -20.42 17.82
CA LYS F 146 11.61 -20.21 19.05
C LYS F 146 12.57 -20.25 20.24
N VAL F 147 12.42 -19.28 21.15
CA VAL F 147 13.21 -19.20 22.36
C VAL F 147 12.25 -19.21 23.54
N GLN F 148 12.55 -20.05 24.54
CA GLN F 148 11.68 -20.26 25.69
C GLN F 148 12.53 -20.14 26.95
N TRP F 149 12.18 -19.19 27.82
CA TRP F 149 12.94 -18.97 29.05
C TRP F 149 12.34 -19.77 30.20
N LYS F 150 13.22 -20.39 30.98
CA LYS F 150 12.84 -21.23 32.11
C LYS F 150 13.62 -20.80 33.34
N VAL F 151 12.92 -20.35 34.37
CA VAL F 151 13.51 -19.94 35.64
C VAL F 151 13.17 -21.00 36.67
N ASP F 152 14.16 -21.79 37.06
CA ASP F 152 13.96 -23.00 37.87
C ASP F 152 12.89 -23.89 37.25
N ASN F 153 13.13 -24.24 35.99
CA ASN F 153 12.24 -25.11 35.20
C ASN F 153 10.81 -24.56 35.11
N ALA F 154 10.62 -23.27 35.36
CA ALA F 154 9.32 -22.63 35.23
C ALA F 154 9.30 -21.80 33.94
N LEU F 155 8.38 -22.13 33.05
CA LEU F 155 8.28 -21.42 31.78
C LEU F 155 7.94 -19.95 32.03
N GLN F 156 8.66 -19.07 31.36
CA GLN F 156 8.49 -17.63 31.51
C GLN F 156 7.73 -17.05 30.32
N SER F 157 7.03 -15.95 30.56
CA SER F 157 6.37 -15.23 29.47
C SER F 157 6.07 -13.82 29.94
N GLY F 158 6.15 -12.87 29.00
CA GLY F 158 5.89 -11.49 29.28
C GLY F 158 7.04 -10.71 29.84
N ASN F 159 8.20 -11.34 30.04
CA ASN F 159 9.37 -10.69 30.63
C ASN F 159 10.61 -10.81 29.76
N SER F 160 10.43 -11.16 28.48
CA SER F 160 11.56 -11.37 27.58
C SER F 160 11.28 -10.70 26.24
N GLN F 161 12.33 -10.12 25.67
CA GLN F 161 12.28 -9.51 24.36
C GLN F 161 13.37 -10.12 23.47
N GLU F 162 13.19 -9.98 22.16
CA GLU F 162 14.16 -10.50 21.22
C GLU F 162 14.18 -9.64 19.97
N SER F 163 15.30 -9.72 19.24
CA SER F 163 15.43 -9.09 17.94
C SER F 163 16.30 -9.99 17.07
N VAL F 164 16.11 -9.86 15.76
CA VAL F 164 16.79 -10.70 14.78
C VAL F 164 17.60 -9.81 13.86
N THR F 165 18.82 -10.24 13.54
CA THR F 165 19.59 -9.56 12.51
C THR F 165 18.96 -9.79 11.15
N GLU F 166 19.27 -8.89 10.22
CA GLU F 166 18.90 -9.17 8.84
C GLU F 166 19.84 -10.23 8.29
N GLN F 167 19.46 -10.82 7.15
CA GLN F 167 20.17 -11.97 6.63
C GLN F 167 21.56 -11.55 6.15
N ASP F 168 22.58 -12.33 6.53
CA ASP F 168 23.95 -12.01 6.19
C ASP F 168 24.20 -12.20 4.70
N SER F 169 24.79 -11.17 4.09
CA SER F 169 24.96 -11.12 2.64
C SER F 169 26.01 -12.12 2.15
N LYS F 170 26.62 -12.84 3.07
CA LYS F 170 27.70 -13.77 2.74
C LYS F 170 27.32 -15.23 2.94
N ASP F 171 26.81 -15.60 4.12
CA ASP F 171 26.43 -16.98 4.39
C ASP F 171 24.92 -17.15 4.49
N SER F 172 24.15 -16.09 4.31
CA SER F 172 22.69 -16.13 4.20
C SER F 172 22.00 -16.56 5.49
N THR F 173 22.65 -16.40 6.64
CA THR F 173 22.08 -16.81 7.92
C THR F 173 21.52 -15.63 8.68
N TYR F 174 20.81 -15.95 9.75
CA TYR F 174 20.29 -15.00 10.71
C TYR F 174 20.94 -15.26 12.06
N SER F 175 20.82 -14.29 12.96
CA SER F 175 21.17 -14.49 14.36
C SER F 175 20.08 -13.87 15.22
N LEU F 176 19.93 -14.39 16.43
CA LEU F 176 18.82 -13.99 17.29
C LEU F 176 19.32 -13.83 18.72
N SER F 177 18.95 -12.70 19.34
CA SER F 177 19.28 -12.41 20.72
C SER F 177 17.98 -12.20 21.50
N SER F 178 17.82 -12.96 22.59
CA SER F 178 16.66 -12.82 23.47
C SER F 178 17.17 -12.51 24.87
N THR F 179 16.60 -11.49 25.49
CA THR F 179 17.02 -11.02 26.80
C THR F 179 15.90 -11.21 27.81
N LEU F 180 16.24 -11.75 28.97
CA LEU F 180 15.29 -11.96 30.06
C LEU F 180 15.61 -10.96 31.17
N THR F 181 14.75 -9.97 31.33
CA THR F 181 14.92 -8.97 32.39
C THR F 181 14.20 -9.42 33.65
N LEU F 182 14.90 -9.33 34.78
CA LEU F 182 14.38 -9.72 36.07
C LEU F 182 14.92 -8.75 37.12
N SER F 183 14.10 -8.50 38.15
CA SER F 183 14.58 -7.69 39.26
C SER F 183 15.69 -8.42 39.99
N LYS F 184 16.52 -7.66 40.70
CA LYS F 184 17.61 -8.27 41.45
C LYS F 184 17.09 -9.26 42.48
N ALA F 185 15.99 -8.93 43.15
CA ALA F 185 15.40 -9.84 44.12
C ALA F 185 14.92 -11.12 43.43
N ASP F 186 14.12 -10.97 42.36
CA ASP F 186 13.63 -12.13 41.62
C ASP F 186 14.78 -12.98 41.09
N TYR F 187 15.86 -12.34 40.66
CA TYR F 187 17.01 -13.08 40.16
C TYR F 187 17.67 -13.91 41.25
N GLU F 188 17.96 -13.28 42.39
CA GLU F 188 18.59 -14.00 43.50
C GLU F 188 17.63 -14.93 44.22
N LYS F 189 16.34 -14.86 43.93
CA LYS F 189 15.37 -15.75 44.56
C LYS F 189 15.32 -17.11 43.88
N HIS F 190 15.88 -17.24 42.68
CA HIS F 190 15.86 -18.46 41.90
C HIS F 190 17.29 -18.90 41.58
N LYS F 191 17.42 -20.10 41.01
CA LYS F 191 18.73 -20.68 40.78
C LYS F 191 18.99 -20.98 39.31
N VAL F 192 18.39 -22.04 38.78
CA VAL F 192 18.69 -22.51 37.44
C VAL F 192 18.04 -21.59 36.41
N TYR F 193 18.85 -21.10 35.46
CA TYR F 193 18.37 -20.27 34.36
C TYR F 193 18.76 -20.92 33.04
N ALA F 194 17.79 -21.01 32.12
CA ALA F 194 17.98 -21.73 30.87
C ALA F 194 17.11 -21.13 29.78
N CYS F 195 17.57 -21.24 28.54
CA CYS F 195 16.78 -20.89 27.37
C CYS F 195 16.63 -22.12 26.48
N GLU F 196 15.40 -22.40 26.06
CA GLU F 196 15.09 -23.57 25.25
C GLU F 196 14.90 -23.11 23.80
N VAL F 197 15.64 -23.72 22.88
CA VAL F 197 15.69 -23.29 21.49
C VAL F 197 15.24 -24.45 20.60
N THR F 198 14.23 -24.19 19.77
CA THR F 198 13.75 -25.15 18.79
C THR F 198 13.94 -24.55 17.40
N HIS F 199 14.54 -25.34 16.50
CA HIS F 199 14.84 -24.88 15.15
C HIS F 199 14.75 -26.05 14.18
N GLN F 200 14.45 -25.74 12.92
CA GLN F 200 14.29 -26.78 11.91
C GLN F 200 15.54 -27.67 11.81
N GLY F 201 16.73 -27.07 11.88
CA GLY F 201 17.95 -27.83 11.92
C GLY F 201 18.21 -28.56 13.21
N LEU F 202 17.28 -28.49 14.17
CA LEU F 202 17.39 -29.19 15.45
C LEU F 202 16.34 -30.28 15.49
N SER F 203 16.78 -31.53 15.59
CA SER F 203 15.84 -32.63 15.82
C SER F 203 15.12 -32.46 17.15
N SER F 204 15.88 -32.31 18.23
CA SER F 204 15.36 -32.05 19.56
C SER F 204 15.63 -30.62 19.96
N PRO F 205 14.81 -30.05 20.84
CA PRO F 205 15.13 -28.72 21.39
C PRO F 205 16.47 -28.75 22.11
N VAL F 206 17.23 -27.66 21.96
CA VAL F 206 18.51 -27.50 22.62
C VAL F 206 18.34 -26.53 23.79
N THR F 207 18.82 -26.93 24.96
CA THR F 207 18.79 -26.10 26.15
C THR F 207 20.21 -25.77 26.58
N LYS F 208 20.50 -24.49 26.74
CA LYS F 208 21.70 -24.01 27.40
C LYS F 208 21.28 -23.38 28.73
N SER F 209 22.16 -23.49 29.72
CA SER F 209 21.75 -23.12 31.07
C SER F 209 22.97 -22.80 31.93
N PHE F 210 22.73 -21.98 32.95
CA PHE F 210 23.68 -21.75 34.02
C PHE F 210 22.93 -21.80 35.34
N ASN F 211 23.68 -21.89 36.44
CA ASN F 211 23.09 -21.86 37.78
C ASN F 211 23.99 -21.04 38.69
N ARG F 212 23.43 -19.96 39.24
CA ARG F 212 23.99 -19.05 40.26
C ARG F 212 23.00 -17.92 40.46
N GLY F 213 22.88 -17.42 41.68
CA GLY F 213 21.99 -16.31 41.97
C GLY F 213 20.77 -16.69 42.76
#